data_9FHF
#
_entry.id   9FHF
#
_cell.length_a   80.676
_cell.length_b   108.313
_cell.length_c   271.497
_cell.angle_alpha   90.000
_cell.angle_beta   90.000
_cell.angle_gamma   90.000
#
_symmetry.space_group_name_H-M   'P 21 21 21'
#
loop_
_entity.id
_entity.type
_entity.pdbx_description
1 polymer 'Glucose-6-phosphate isomerase'
2 non-polymer 1,3-DIHYDROXYACETONEPHOSPHATE
3 non-polymer DI(HYDROXYETHYL)ETHER
4 water water
#
_entity_poly.entity_id   1
_entity_poly.type   'polypeptide(L)'
_entity_poly.pdbx_seq_one_letter_code
;MAALTRDPQFQKLQQWYREHRSELNLRRLFDANKDRFNHFSLTLNTNHGHILVDYSKNLVTEDVMRMLVDLAKSRGVEAA
RERMFNGEKINYTEGRAVLHVALRNRSNTPILVDGKDVMPEVNKVLDKMKSFCQRVRSGDWKGYTGKTITDVINIGIGGS
DLGPLMVTEALKPYSSGGPRVWYVSNIDGTHIAKTLAQLNPESSLFIIASKTFTTQETITNAETAKEWFLQAAKDPSAVA
KHFVALSTNTTKVKEFGIDPQNMFEFWDWVGGRYSLWSAIGLSIALHVGFDNFEQLLSGAHWMDQHFRTTPLEKNAPVLL
ALLGIWYINCFGCETHAMLPYDQYLHRFAAYFQQGDMESNGKYITKSGTRVDHQTGPIVWGEPGTNGQHAFYQLIHQGTK
MIPCDFLIPVQTQHPIRKGLHHKILLANFLAQTEALMRGKSTEEARKELQAAGKSPEDLERLLPHKVFEGNRPTNSIVFT
KLTPFMLGALVAMYEHKIFVQGIIWDINSFDQWGVELGKQLAKKIEPELDGSAQVTSHDASTNGLINFIKQQREARVQ
;
_entity_poly.pdbx_strand_id   D,A,C,B
#
# COMPACT_ATOMS: atom_id res chain seq x y z
N ALA A 2 8.61 -15.03 -49.56
CA ALA A 2 7.22 -14.73 -50.01
C ALA A 2 7.32 -14.13 -51.41
N ALA A 3 6.17 -13.96 -52.09
CA ALA A 3 6.17 -13.43 -53.44
C ALA A 3 7.07 -12.20 -53.54
N LEU A 4 6.86 -11.23 -52.65
CA LEU A 4 7.47 -9.93 -52.86
C LEU A 4 9.00 -9.99 -52.81
N THR A 5 9.55 -10.64 -51.78
CA THR A 5 11.00 -10.63 -51.59
C THR A 5 11.76 -11.36 -52.69
N ARG A 6 11.09 -12.23 -53.44
CA ARG A 6 11.72 -12.89 -54.57
C ARG A 6 11.44 -12.18 -55.89
N ASP A 7 10.67 -11.11 -55.87
CA ASP A 7 10.35 -10.42 -57.11
C ASP A 7 11.57 -9.66 -57.59
N PRO A 8 11.93 -9.77 -58.88
CA PRO A 8 13.13 -9.07 -59.36
C PRO A 8 13.08 -7.57 -59.16
N GLN A 9 11.92 -6.95 -59.38
CA GLN A 9 11.83 -5.50 -59.27
C GLN A 9 12.00 -5.04 -57.82
N PHE A 10 11.44 -5.80 -56.87
CA PHE A 10 11.62 -5.44 -55.46
C PHE A 10 13.09 -5.46 -55.08
N GLN A 11 13.80 -6.54 -55.45
CA GLN A 11 15.24 -6.63 -55.15
C GLN A 11 16.02 -5.47 -55.76
N LYS A 12 15.72 -5.13 -57.03
CA LYS A 12 16.31 -3.94 -57.64
C LYS A 12 16.04 -2.71 -56.80
N LEU A 13 14.80 -2.57 -56.32
CA LEU A 13 14.43 -1.48 -55.43
C LEU A 13 15.27 -1.45 -54.15
N GLN A 14 15.35 -2.58 -53.42
CA GLN A 14 16.13 -2.59 -52.18
C GLN A 14 17.60 -2.33 -52.43
N GLN A 15 18.12 -2.85 -53.54
CA GLN A 15 19.52 -2.63 -53.85
C GLN A 15 19.79 -1.15 -54.09
N TRP A 16 18.88 -0.47 -54.76
CA TRP A 16 19.09 0.96 -54.99
C TRP A 16 19.06 1.71 -53.68
N TYR A 17 18.10 1.35 -52.82
CA TYR A 17 18.00 1.94 -51.50
C TYR A 17 19.31 1.84 -50.74
N ARG A 18 19.88 0.64 -50.70
CA ARG A 18 21.11 0.40 -49.96
C ARG A 18 22.28 1.21 -50.51
N GLU A 19 22.31 1.44 -51.83
CA GLU A 19 23.42 2.16 -52.44
C GLU A 19 23.24 3.67 -52.42
N HIS A 20 22.00 4.16 -52.39
CA HIS A 20 21.76 5.57 -52.63
C HIS A 20 20.95 6.25 -51.53
N ARG A 21 20.50 5.52 -50.52
CA ARG A 21 19.79 6.10 -49.39
C ARG A 21 20.36 7.46 -48.97
N SER A 22 21.68 7.55 -48.75
CA SER A 22 22.25 8.81 -48.28
C SER A 22 22.26 9.91 -49.35
N GLU A 23 21.92 9.61 -50.59
CA GLU A 23 21.76 10.66 -51.60
C GLU A 23 20.41 11.36 -51.50
N LEU A 24 19.49 10.85 -50.66
CA LEU A 24 18.13 11.36 -50.63
C LEU A 24 18.03 12.44 -49.57
N ASN A 25 18.22 13.69 -50.00
CA ASN A 25 18.02 14.86 -49.15
C ASN A 25 17.08 15.81 -49.87
N LEU A 26 15.91 16.04 -49.26
CA LEU A 26 14.89 16.86 -49.91
C LEU A 26 15.40 18.27 -50.16
N ARG A 27 16.10 18.84 -49.19
CA ARG A 27 16.61 20.19 -49.37
C ARG A 27 17.46 20.28 -50.64
N ARG A 28 18.31 19.26 -50.88
CA ARG A 28 19.13 19.27 -52.10
C ARG A 28 18.34 18.90 -53.36
N LEU A 29 17.36 17.99 -53.22
CA LEU A 29 16.57 17.62 -54.39
C LEU A 29 15.78 18.82 -54.90
N PHE A 30 15.29 19.68 -54.00
CA PHE A 30 14.56 20.84 -54.48
C PHE A 30 15.49 21.92 -55.00
N ASP A 31 16.64 22.07 -54.34
CA ASP A 31 17.62 23.05 -54.79
C ASP A 31 18.08 22.75 -56.22
N ALA A 32 18.23 21.47 -56.57
CA ALA A 32 18.77 21.11 -57.87
C ALA A 32 17.73 20.90 -58.97
N ASN A 33 16.44 20.88 -58.67
CA ASN A 33 15.45 20.68 -59.74
C ASN A 33 14.26 21.57 -59.44
N LYS A 34 14.27 22.77 -59.99
CA LYS A 34 13.20 23.72 -59.75
C LYS A 34 11.87 23.25 -60.31
N ASP A 35 11.88 22.19 -61.13
CA ASP A 35 10.67 21.59 -61.67
C ASP A 35 10.17 20.41 -60.84
N ARG A 36 10.66 20.26 -59.61
CA ARG A 36 10.35 19.03 -58.89
C ARG A 36 8.85 18.93 -58.60
N PHE A 37 8.21 20.06 -58.29
CA PHE A 37 6.76 20.01 -58.03
C PHE A 37 6.00 19.50 -59.25
N ASN A 38 6.33 20.02 -60.45
CA ASN A 38 5.54 19.63 -61.60
C ASN A 38 5.70 18.15 -61.94
N HIS A 39 6.89 17.60 -61.77
CA HIS A 39 7.10 16.20 -62.11
C HIS A 39 6.62 15.24 -61.03
N PHE A 40 6.48 15.71 -59.79
CA PHE A 40 6.11 14.82 -58.70
C PHE A 40 4.78 15.24 -58.05
N SER A 41 3.82 15.67 -58.85
CA SER A 41 2.49 15.96 -58.34
C SER A 41 1.48 15.58 -59.41
N LEU A 42 0.25 15.37 -58.98
CA LEU A 42 -0.85 15.11 -59.89
C LEU A 42 -1.97 16.09 -59.59
N THR A 43 -2.56 16.65 -60.63
CA THR A 43 -3.75 17.48 -60.47
C THR A 43 -4.89 16.76 -61.16
N LEU A 44 -5.94 16.47 -60.41
CA LEU A 44 -7.10 15.77 -60.92
C LEU A 44 -8.26 16.75 -60.97
N ASN A 45 -8.95 16.82 -62.12
CA ASN A 45 -10.20 17.56 -62.20
C ASN A 45 -11.32 16.52 -62.24
N THR A 46 -12.07 16.42 -61.14
CA THR A 46 -13.24 15.55 -61.07
C THR A 46 -14.45 16.16 -61.77
N ASN A 47 -14.35 17.42 -62.19
CA ASN A 47 -15.50 18.20 -62.66
C ASN A 47 -16.44 18.58 -61.51
N HIS A 48 -16.20 18.06 -60.30
CA HIS A 48 -16.87 18.50 -59.08
C HIS A 48 -15.86 18.90 -58.01
N GLY A 49 -14.75 19.48 -58.46
CA GLY A 49 -13.68 19.94 -57.59
C GLY A 49 -12.36 19.35 -58.07
N HIS A 50 -11.28 20.06 -57.76
CA HIS A 50 -9.95 19.61 -58.14
C HIS A 50 -9.28 18.97 -56.92
N ILE A 51 -8.43 17.98 -57.18
CA ILE A 51 -7.59 17.37 -56.17
C ILE A 51 -6.15 17.52 -56.65
N LEU A 52 -5.32 18.13 -55.81
CA LEU A 52 -3.87 18.16 -56.01
C LEU A 52 -3.27 17.13 -55.07
N VAL A 53 -2.64 16.11 -55.61
CA VAL A 53 -1.87 15.15 -54.83
C VAL A 53 -0.41 15.52 -55.03
N ASP A 54 0.19 16.22 -54.06
CA ASP A 54 1.58 16.70 -54.19
C ASP A 54 2.45 15.73 -53.39
N TYR A 55 3.15 14.85 -54.10
CA TYR A 55 4.03 13.88 -53.49
C TYR A 55 5.51 14.24 -53.68
N SER A 56 5.80 15.52 -53.91
CA SER A 56 7.16 15.92 -54.24
C SER A 56 8.04 16.07 -53.01
N LYS A 57 7.45 16.28 -51.82
CA LYS A 57 8.25 16.31 -50.59
C LYS A 57 8.52 14.91 -50.05
N ASN A 58 8.69 13.93 -50.93
CA ASN A 58 9.01 12.55 -50.59
C ASN A 58 10.44 12.20 -50.99
N LEU A 59 11.02 11.19 -50.32
CA LEU A 59 12.42 10.80 -50.52
C LEU A 59 12.52 9.88 -51.75
N VAL A 60 12.27 10.48 -52.91
CA VAL A 60 12.16 9.75 -54.17
C VAL A 60 12.83 10.58 -55.26
N THR A 61 13.35 9.88 -56.25
CA THR A 61 13.84 10.46 -57.47
C THR A 61 13.00 9.92 -58.61
N GLU A 62 13.31 10.37 -59.81
CA GLU A 62 12.55 9.91 -60.95
C GLU A 62 12.82 8.43 -61.17
N ASP A 63 14.06 8.01 -60.90
CA ASP A 63 14.41 6.61 -61.01
C ASP A 63 13.66 5.75 -59.99
N VAL A 64 13.48 6.25 -58.77
CA VAL A 64 12.79 5.47 -57.74
C VAL A 64 11.34 5.26 -58.14
N MET A 65 10.69 6.30 -58.69
CA MET A 65 9.30 6.18 -59.12
C MET A 65 9.16 5.21 -60.29
N ARG A 66 10.14 5.20 -61.20
CA ARG A 66 10.15 4.21 -62.28
C ARG A 66 10.22 2.79 -61.72
N MET A 67 11.15 2.55 -60.79
CA MET A 67 11.29 1.22 -60.22
C MET A 67 10.03 0.82 -59.47
N LEU A 68 9.34 1.79 -58.86
CA LEU A 68 8.14 1.43 -58.09
C LEU A 68 7.00 1.07 -59.02
N VAL A 69 6.80 1.83 -60.09
CA VAL A 69 5.76 1.48 -61.07
C VAL A 69 6.06 0.12 -61.68
N ASP A 70 7.35 -0.18 -61.92
CA ASP A 70 7.73 -1.49 -62.43
C ASP A 70 7.39 -2.59 -61.43
N LEU A 71 7.55 -2.31 -60.14
CA LEU A 71 7.12 -3.26 -59.12
C LEU A 71 5.63 -3.49 -59.20
N ALA A 72 4.86 -2.40 -59.37
CA ALA A 72 3.42 -2.55 -59.51
C ALA A 72 3.07 -3.42 -60.71
N LYS A 73 3.75 -3.21 -61.83
CA LYS A 73 3.48 -4.06 -62.99
C LYS A 73 3.92 -5.48 -62.74
N SER A 74 5.10 -5.67 -62.16
CA SER A 74 5.62 -7.01 -61.93
C SER A 74 4.76 -7.79 -60.93
N ARG A 75 4.17 -7.10 -59.97
CA ARG A 75 3.29 -7.75 -58.99
C ARG A 75 1.86 -7.87 -59.49
N GLY A 76 1.56 -7.30 -60.66
CA GLY A 76 0.28 -7.57 -61.28
C GLY A 76 -0.89 -6.75 -60.79
N VAL A 77 -0.68 -5.46 -60.51
CA VAL A 77 -1.73 -4.65 -59.93
C VAL A 77 -2.90 -4.49 -60.89
N GLU A 78 -2.62 -4.23 -62.17
CA GLU A 78 -3.70 -3.97 -63.10
C GLU A 78 -4.60 -5.19 -63.28
N ALA A 79 -3.99 -6.36 -63.43
CA ALA A 79 -4.79 -7.58 -63.57
C ALA A 79 -5.57 -7.88 -62.31
N ALA A 80 -4.99 -7.56 -61.15
CA ALA A 80 -5.74 -7.77 -59.90
C ALA A 80 -6.91 -6.82 -59.85
N ARG A 81 -6.68 -5.57 -60.27
CA ARG A 81 -7.76 -4.58 -60.24
C ARG A 81 -8.92 -5.03 -61.10
N GLU A 82 -8.64 -5.57 -62.29
CA GLU A 82 -9.71 -6.00 -63.18
C GLU A 82 -10.49 -7.18 -62.58
N ARG A 83 -9.80 -8.12 -61.92
CA ARG A 83 -10.50 -9.18 -61.21
C ARG A 83 -11.50 -8.59 -60.22
N MET A 84 -11.08 -7.56 -59.48
CA MET A 84 -11.99 -6.99 -58.49
C MET A 84 -13.21 -6.41 -59.18
N PHE A 85 -13.00 -5.54 -60.19
CA PHE A 85 -14.12 -4.84 -60.81
C PHE A 85 -15.05 -5.79 -61.56
N ASN A 86 -14.55 -6.91 -62.05
CA ASN A 86 -15.35 -7.83 -62.84
C ASN A 86 -16.03 -8.87 -62.00
N GLY A 87 -15.92 -8.77 -60.67
CA GLY A 87 -16.73 -9.60 -59.81
C GLY A 87 -16.14 -10.95 -59.50
N GLU A 88 -14.83 -11.13 -59.71
CA GLU A 88 -14.19 -12.39 -59.36
C GLU A 88 -13.96 -12.49 -57.86
N LYS A 89 -13.75 -13.73 -57.40
CA LYS A 89 -13.78 -14.04 -55.97
C LYS A 89 -12.37 -13.86 -55.42
N ILE A 90 -11.96 -12.59 -55.38
CA ILE A 90 -10.57 -12.31 -55.03
C ILE A 90 -10.33 -12.35 -53.53
N ASN A 91 -11.37 -12.25 -52.71
CA ASN A 91 -11.28 -12.57 -51.28
C ASN A 91 -11.18 -14.08 -51.15
N TYR A 92 -9.95 -14.60 -51.27
CA TYR A 92 -9.83 -16.02 -51.57
C TYR A 92 -10.00 -16.90 -50.34
N THR A 93 -9.66 -16.40 -49.14
CA THR A 93 -9.83 -17.23 -47.94
C THR A 93 -11.30 -17.50 -47.68
N GLU A 94 -12.16 -16.50 -47.93
CA GLU A 94 -13.59 -16.62 -47.70
C GLU A 94 -14.37 -17.01 -48.95
N GLY A 95 -13.74 -17.00 -50.12
CA GLY A 95 -14.42 -17.38 -51.35
C GLY A 95 -15.46 -16.37 -51.79
N ARG A 96 -15.17 -15.08 -51.68
CA ARG A 96 -16.15 -14.03 -51.97
C ARG A 96 -15.60 -13.05 -52.98
N ALA A 97 -16.51 -12.46 -53.75
CA ALA A 97 -16.13 -11.29 -54.51
C ALA A 97 -15.93 -10.13 -53.54
N VAL A 98 -15.57 -8.97 -54.11
CA VAL A 98 -15.24 -7.78 -53.35
C VAL A 98 -15.79 -6.63 -54.18
N LEU A 99 -17.00 -6.18 -53.87
CA LEU A 99 -17.67 -5.32 -54.82
C LEU A 99 -18.20 -4.06 -54.18
N HIS A 100 -17.41 -3.43 -53.31
CA HIS A 100 -17.87 -2.11 -52.90
C HIS A 100 -17.98 -1.18 -54.10
N VAL A 101 -17.19 -1.43 -55.16
CA VAL A 101 -17.28 -0.56 -56.33
C VAL A 101 -18.65 -0.70 -57.01
N ALA A 102 -19.28 -1.87 -56.92
CA ALA A 102 -20.62 -2.02 -57.47
C ALA A 102 -21.65 -1.17 -56.72
N LEU A 103 -21.43 -0.93 -55.43
CA LEU A 103 -22.40 -0.20 -54.63
C LEU A 103 -22.56 1.22 -55.10
N ARG A 104 -21.51 1.77 -55.72
CA ARG A 104 -21.49 3.15 -56.17
C ARG A 104 -21.36 3.21 -57.68
N ASN A 105 -21.78 2.16 -58.39
CA ASN A 105 -21.62 2.09 -59.84
C ASN A 105 -22.79 2.83 -60.50
N ARG A 106 -22.70 4.16 -60.47
CA ARG A 106 -23.73 5.04 -61.03
C ARG A 106 -24.00 4.73 -62.51
N SER A 107 -22.98 4.25 -63.22
CA SER A 107 -23.05 3.90 -64.63
C SER A 107 -23.98 2.72 -64.90
N ASN A 108 -24.17 1.86 -63.91
CA ASN A 108 -25.03 0.67 -64.00
C ASN A 108 -24.53 -0.33 -65.02
N THR A 109 -23.28 -0.23 -65.44
CA THR A 109 -22.69 -1.26 -66.28
C THR A 109 -22.77 -2.61 -65.56
N PRO A 110 -23.30 -3.66 -66.19
CA PRO A 110 -23.44 -4.93 -65.46
C PRO A 110 -22.14 -5.35 -64.80
N ILE A 111 -22.29 -5.89 -63.58
CA ILE A 111 -21.22 -6.58 -62.88
C ILE A 111 -21.78 -7.91 -62.42
N LEU A 112 -21.17 -8.99 -62.91
CA LEU A 112 -21.69 -10.33 -62.69
C LEU A 112 -21.00 -10.98 -61.50
N VAL A 113 -21.82 -11.64 -60.70
CA VAL A 113 -21.37 -12.50 -59.61
C VAL A 113 -22.13 -13.79 -59.75
N ASP A 114 -21.41 -14.90 -59.87
CA ASP A 114 -22.05 -16.18 -60.15
C ASP A 114 -22.97 -16.04 -61.38
N GLY A 115 -22.46 -15.35 -62.41
CA GLY A 115 -23.16 -15.20 -63.66
C GLY A 115 -24.29 -14.20 -63.67
N LYS A 116 -24.71 -13.68 -62.52
CA LYS A 116 -25.87 -12.80 -62.46
C LYS A 116 -25.44 -11.38 -62.13
N ASP A 117 -26.03 -10.42 -62.81
CA ASP A 117 -25.74 -9.01 -62.58
C ASP A 117 -26.23 -8.61 -61.18
N VAL A 118 -25.35 -8.00 -60.38
CA VAL A 118 -25.72 -7.54 -59.04
C VAL A 118 -26.33 -6.16 -59.05
N MET A 119 -26.22 -5.42 -60.15
CA MET A 119 -26.66 -4.04 -60.14
C MET A 119 -28.15 -3.88 -59.87
N PRO A 120 -29.06 -4.73 -60.38
CA PRO A 120 -30.49 -4.51 -60.05
C PRO A 120 -30.76 -4.57 -58.56
N GLU A 121 -30.12 -5.49 -57.84
CA GLU A 121 -30.33 -5.59 -56.39
C GLU A 121 -29.71 -4.39 -55.66
N VAL A 122 -28.52 -3.94 -56.10
CA VAL A 122 -27.94 -2.71 -55.56
C VAL A 122 -28.94 -1.58 -55.68
N ASN A 123 -29.53 -1.41 -56.88
CA ASN A 123 -30.39 -0.26 -57.11
C ASN A 123 -31.76 -0.41 -56.46
N LYS A 124 -32.26 -1.64 -56.34
CA LYS A 124 -33.49 -1.85 -55.58
C LYS A 124 -33.33 -1.35 -54.15
N VAL A 125 -32.19 -1.68 -53.50
CA VAL A 125 -32.00 -1.22 -52.12
C VAL A 125 -31.84 0.30 -52.08
N LEU A 126 -31.09 0.87 -53.03
CA LEU A 126 -30.92 2.31 -53.03
C LEU A 126 -32.28 3.00 -53.15
N ASP A 127 -33.14 2.52 -54.05
CA ASP A 127 -34.46 3.13 -54.19
C ASP A 127 -35.22 3.07 -52.87
N LYS A 128 -35.12 1.94 -52.18
CA LYS A 128 -35.80 1.79 -50.88
C LYS A 128 -35.26 2.80 -49.86
N MET A 129 -33.92 2.94 -49.76
CA MET A 129 -33.43 3.99 -48.87
C MET A 129 -33.90 5.37 -49.32
N LYS A 130 -33.89 5.64 -50.63
CA LYS A 130 -34.38 6.94 -51.10
C LYS A 130 -35.79 7.22 -50.59
N SER A 131 -36.68 6.24 -50.70
CA SER A 131 -38.08 6.48 -50.31
C SER A 131 -38.23 6.58 -48.79
N PHE A 132 -37.54 5.72 -48.04
CA PHE A 132 -37.57 5.82 -46.59
C PHE A 132 -37.05 7.17 -46.10
N CYS A 133 -35.94 7.66 -46.67
CA CYS A 133 -35.40 8.93 -46.22
C CYS A 133 -36.35 10.08 -46.50
N GLN A 134 -37.00 10.07 -47.65
CA GLN A 134 -37.93 11.15 -47.96
C GLN A 134 -39.06 11.18 -46.94
N ARG A 135 -39.62 10.01 -46.64
CA ARG A 135 -40.71 9.93 -45.67
C ARG A 135 -40.25 10.38 -44.27
N VAL A 136 -39.08 9.92 -43.83
CA VAL A 136 -38.65 10.28 -42.46
C VAL A 136 -38.35 11.77 -42.39
N ARG A 137 -37.56 12.27 -43.35
CA ARG A 137 -37.16 13.66 -43.32
C ARG A 137 -38.35 14.60 -43.53
N SER A 138 -39.39 14.17 -44.25
CA SER A 138 -40.52 15.07 -44.49
C SER A 138 -41.50 15.09 -43.33
N GLY A 139 -41.38 14.16 -42.40
CA GLY A 139 -42.39 13.97 -41.38
C GLY A 139 -43.52 13.06 -41.77
N ASP A 140 -43.51 12.48 -42.97
CA ASP A 140 -44.57 11.55 -43.33
C ASP A 140 -44.52 10.31 -42.44
N TRP A 141 -43.33 9.79 -42.17
CA TRP A 141 -43.18 8.62 -41.31
C TRP A 141 -43.36 9.05 -39.86
N LYS A 142 -44.34 8.49 -39.18
CA LYS A 142 -44.70 8.91 -37.83
C LYS A 142 -44.29 7.87 -36.79
N GLY A 143 -44.06 8.34 -35.56
CA GLY A 143 -43.85 7.44 -34.44
C GLY A 143 -45.18 6.91 -33.89
N TYR A 144 -45.06 6.08 -32.85
CA TYR A 144 -46.22 5.38 -32.29
C TYR A 144 -47.23 6.31 -31.64
N THR A 145 -46.90 7.60 -31.48
CA THR A 145 -47.86 8.58 -30.98
C THR A 145 -48.13 9.68 -31.99
N GLY A 146 -47.74 9.48 -33.25
CA GLY A 146 -48.09 10.40 -34.30
C GLY A 146 -47.10 11.49 -34.56
N LYS A 147 -45.93 11.45 -33.94
CA LYS A 147 -44.96 12.54 -34.04
C LYS A 147 -43.90 12.22 -35.10
N THR A 148 -43.26 13.28 -35.59
CA THR A 148 -42.16 13.15 -36.54
C THR A 148 -40.87 12.74 -35.85
N ILE A 149 -40.05 11.97 -36.57
CA ILE A 149 -38.76 11.51 -36.10
C ILE A 149 -37.80 12.69 -36.00
N THR A 150 -37.25 12.92 -34.80
CA THR A 150 -36.27 13.97 -34.56
C THR A 150 -34.86 13.45 -34.33
N ASP A 151 -34.73 12.18 -33.98
CA ASP A 151 -33.46 11.58 -33.64
C ASP A 151 -33.38 10.22 -34.32
N VAL A 152 -32.24 9.96 -34.91
CA VAL A 152 -31.91 8.67 -35.49
C VAL A 152 -30.70 8.12 -34.77
N ILE A 153 -30.79 6.86 -34.34
CA ILE A 153 -29.75 6.23 -33.54
C ILE A 153 -29.23 5.01 -34.29
N ASN A 154 -28.01 5.11 -34.82
CA ASN A 154 -27.36 3.93 -35.39
C ASN A 154 -26.77 3.08 -34.27
N ILE A 155 -27.10 1.79 -34.26
CA ILE A 155 -26.52 0.83 -33.33
C ILE A 155 -25.73 -0.15 -34.16
N GLY A 156 -24.43 -0.22 -33.93
CA GLY A 156 -23.54 -0.99 -34.76
C GLY A 156 -22.09 -0.73 -34.38
N ILE A 157 -21.20 -1.64 -34.72
CA ILE A 157 -19.80 -1.51 -34.32
C ILE A 157 -18.89 -1.82 -35.50
N GLY A 158 -17.68 -1.25 -35.45
CA GLY A 158 -16.69 -1.50 -36.50
C GLY A 158 -17.18 -0.96 -37.84
N GLY A 159 -17.17 -1.81 -38.85
CA GLY A 159 -17.63 -1.41 -40.17
C GLY A 159 -19.06 -0.93 -40.22
N SER A 160 -19.89 -1.31 -39.22
CA SER A 160 -21.26 -0.84 -39.18
C SER A 160 -21.40 0.46 -38.41
N ASP A 161 -20.27 1.04 -37.98
CA ASP A 161 -20.25 2.28 -37.20
C ASP A 161 -19.34 3.34 -37.83
N LEU A 162 -18.08 2.99 -38.09
CA LEU A 162 -17.03 4.01 -38.28
C LEU A 162 -17.24 4.84 -39.54
N GLY A 163 -17.70 4.22 -40.63
CA GLY A 163 -17.94 4.92 -41.89
C GLY A 163 -19.04 5.94 -41.76
N PRO A 164 -20.25 5.50 -41.38
CA PRO A 164 -21.35 6.46 -41.26
C PRO A 164 -21.07 7.54 -40.22
N LEU A 165 -20.37 7.20 -39.13
CA LEU A 165 -20.02 8.23 -38.15
C LEU A 165 -19.09 9.27 -38.76
N MET A 166 -18.01 8.81 -39.41
CA MET A 166 -17.04 9.74 -39.96
C MET A 166 -17.67 10.61 -41.05
N VAL A 167 -18.59 10.04 -41.86
CA VAL A 167 -19.19 10.82 -42.95
C VAL A 167 -20.18 11.84 -42.42
N THR A 168 -21.07 11.44 -41.50
CA THR A 168 -22.01 12.41 -40.95
C THR A 168 -21.27 13.54 -40.21
N GLU A 169 -20.18 13.19 -39.51
CA GLU A 169 -19.34 14.20 -38.91
C GLU A 169 -18.71 15.09 -39.99
N ALA A 170 -18.23 14.49 -41.08
CA ALA A 170 -17.58 15.28 -42.14
C ALA A 170 -18.59 16.17 -42.89
N LEU A 171 -19.85 15.75 -43.01
CA LEU A 171 -20.83 16.45 -43.84
C LEU A 171 -21.91 17.14 -43.01
N LYS A 172 -21.62 17.45 -41.77
CA LYS A 172 -22.50 18.19 -40.88
C LYS A 172 -23.16 19.39 -41.54
N PRO A 173 -22.45 20.17 -42.36
CA PRO A 173 -23.07 21.37 -42.93
C PRO A 173 -24.22 21.06 -43.84
N TYR A 174 -24.32 19.81 -44.31
CA TYR A 174 -25.35 19.42 -45.25
C TYR A 174 -26.55 18.78 -44.57
N SER A 175 -26.64 18.85 -43.24
CA SER A 175 -27.65 18.12 -42.48
C SER A 175 -28.84 18.97 -42.06
N SER A 176 -28.90 20.23 -42.47
CA SER A 176 -30.04 21.08 -42.12
C SER A 176 -31.34 20.45 -42.60
N GLY A 177 -32.34 20.43 -41.73
CA GLY A 177 -33.57 19.72 -42.02
C GLY A 177 -33.51 18.23 -41.81
N GLY A 178 -32.37 17.70 -41.38
CA GLY A 178 -32.26 16.29 -41.10
C GLY A 178 -32.47 16.08 -39.62
N PRO A 179 -32.90 14.86 -39.26
CA PRO A 179 -32.95 14.52 -37.84
C PRO A 179 -31.54 14.47 -37.30
N ARG A 180 -31.41 14.64 -35.99
CA ARG A 180 -30.11 14.46 -35.35
C ARG A 180 -29.70 13.00 -35.43
N VAL A 181 -28.39 12.75 -35.53
CA VAL A 181 -27.92 11.38 -35.64
C VAL A 181 -27.00 11.06 -34.45
N TRP A 182 -27.16 9.84 -33.92
CA TRP A 182 -26.44 9.31 -32.78
C TRP A 182 -25.84 7.97 -33.18
N TYR A 183 -24.64 7.68 -32.70
CA TYR A 183 -23.95 6.43 -32.96
C TYR A 183 -23.63 5.72 -31.65
N VAL A 184 -24.16 4.50 -31.50
CA VAL A 184 -23.96 3.66 -30.33
C VAL A 184 -23.22 2.42 -30.80
N SER A 185 -22.03 2.16 -30.23
CA SER A 185 -21.19 1.09 -30.72
C SER A 185 -20.60 0.24 -29.61
N ASN A 186 -20.05 0.89 -28.60
CA ASN A 186 -19.35 0.16 -27.55
C ASN A 186 -20.36 -0.72 -26.81
N ILE A 187 -19.92 -1.90 -26.38
CA ILE A 187 -20.75 -2.67 -25.46
C ILE A 187 -20.83 -1.97 -24.10
N ASP A 188 -19.76 -1.28 -23.70
CA ASP A 188 -19.73 -0.48 -22.49
C ASP A 188 -21.06 0.24 -22.35
N GLY A 189 -21.83 -0.12 -21.31
CA GLY A 189 -23.18 0.40 -21.11
C GLY A 189 -23.27 1.90 -21.00
N THR A 190 -22.18 2.56 -20.63
CA THR A 190 -22.12 4.00 -20.77
C THR A 190 -22.62 4.47 -22.12
N HIS A 191 -22.28 3.77 -23.19
CA HIS A 191 -22.55 4.32 -24.52
C HIS A 191 -24.05 4.38 -24.79
N ILE A 192 -24.78 3.27 -24.57
CA ILE A 192 -26.22 3.33 -24.87
C ILE A 192 -26.95 4.12 -23.78
N ALA A 193 -26.54 3.95 -22.52
CA ALA A 193 -27.20 4.64 -21.41
C ALA A 193 -27.18 6.14 -21.59
N LYS A 194 -26.01 6.74 -21.87
CA LYS A 194 -26.00 8.21 -21.98
C LYS A 194 -26.70 8.73 -23.22
N THR A 195 -26.83 7.91 -24.26
CA THR A 195 -27.59 8.28 -25.43
C THR A 195 -29.08 8.22 -25.15
N LEU A 196 -29.54 7.10 -24.62
CA LEU A 196 -30.97 6.92 -24.32
C LEU A 196 -31.51 7.97 -23.36
N ALA A 197 -30.70 8.38 -22.40
CA ALA A 197 -31.11 9.43 -21.48
C ALA A 197 -31.41 10.74 -22.16
N GLN A 198 -31.01 10.93 -23.41
CA GLN A 198 -31.25 12.20 -24.10
C GLN A 198 -32.35 12.09 -25.14
N LEU A 199 -33.05 10.95 -25.22
CA LEU A 199 -33.99 10.68 -26.29
C LEU A 199 -35.43 10.55 -25.78
N ASN A 200 -36.36 10.92 -26.64
CA ASN A 200 -37.79 10.71 -26.44
C ASN A 200 -38.20 9.49 -27.26
N PRO A 201 -38.68 8.40 -26.65
CA PRO A 201 -39.03 7.21 -27.44
C PRO A 201 -40.05 7.49 -28.53
N GLU A 202 -40.95 8.45 -28.33
CA GLU A 202 -41.94 8.74 -29.35
C GLU A 202 -41.32 9.25 -30.64
N SER A 203 -40.11 9.83 -30.60
CA SER A 203 -39.61 10.43 -31.82
C SER A 203 -38.19 9.98 -32.18
N SER A 204 -37.82 8.77 -31.78
CA SER A 204 -36.47 8.25 -32.01
C SER A 204 -36.54 7.01 -32.90
N LEU A 205 -35.71 6.99 -33.94
CA LEU A 205 -35.66 5.88 -34.90
C LEU A 205 -34.35 5.13 -34.73
N PHE A 206 -34.45 3.84 -34.44
CA PHE A 206 -33.29 3.00 -34.22
C PHE A 206 -32.94 2.22 -35.47
N ILE A 207 -31.67 2.29 -35.84
CA ILE A 207 -31.11 1.54 -36.95
C ILE A 207 -30.14 0.53 -36.35
N ILE A 208 -30.45 -0.77 -36.49
CA ILE A 208 -29.55 -1.82 -36.06
C ILE A 208 -28.70 -2.22 -37.27
N ALA A 209 -27.43 -1.80 -37.29
CA ALA A 209 -26.55 -2.00 -38.42
C ALA A 209 -25.63 -3.17 -38.10
N SER A 210 -25.77 -4.26 -38.85
CA SER A 210 -24.92 -5.44 -38.61
C SER A 210 -24.98 -6.36 -39.82
N LYS A 211 -23.83 -6.56 -40.47
CA LYS A 211 -23.79 -7.45 -41.61
C LYS A 211 -24.24 -8.86 -41.23
N THR A 212 -23.71 -9.40 -40.13
CA THR A 212 -24.08 -10.73 -39.67
C THR A 212 -25.37 -10.74 -38.85
N PHE A 213 -25.69 -9.62 -38.19
CA PHE A 213 -26.77 -9.56 -37.19
C PHE A 213 -26.60 -10.58 -36.08
N THR A 214 -25.33 -10.91 -35.77
CA THR A 214 -25.00 -11.77 -34.64
C THR A 214 -23.94 -11.17 -33.71
N THR A 215 -23.30 -10.06 -34.09
CA THR A 215 -22.30 -9.44 -33.24
C THR A 215 -22.83 -9.17 -31.83
N GLN A 216 -22.09 -9.64 -30.82
CA GLN A 216 -22.60 -9.59 -29.44
C GLN A 216 -22.83 -8.14 -29.02
N GLU A 217 -21.86 -7.27 -29.28
CA GLU A 217 -22.00 -5.87 -28.88
C GLU A 217 -23.27 -5.26 -29.45
N THR A 218 -23.50 -5.43 -30.76
CA THR A 218 -24.62 -4.79 -31.43
C THR A 218 -25.96 -5.40 -31.03
N ILE A 219 -26.06 -6.71 -30.97
CA ILE A 219 -27.33 -7.33 -30.60
C ILE A 219 -27.70 -6.99 -29.15
N THR A 220 -26.72 -6.97 -28.24
CA THR A 220 -27.00 -6.58 -26.87
C THR A 220 -27.48 -5.14 -26.79
N ASN A 221 -26.77 -4.20 -27.44
CA ASN A 221 -27.24 -2.81 -27.48
C ASN A 221 -28.65 -2.70 -28.08
N ALA A 222 -28.95 -3.48 -29.12
CA ALA A 222 -30.25 -3.41 -29.77
C ALA A 222 -31.32 -3.92 -28.81
N GLU A 223 -31.02 -4.99 -28.10
CA GLU A 223 -31.96 -5.55 -27.12
C GLU A 223 -32.20 -4.57 -25.99
N THR A 224 -31.14 -3.86 -25.56
CA THR A 224 -31.31 -2.84 -24.53
C THR A 224 -32.15 -1.68 -25.02
N ALA A 225 -31.95 -1.24 -26.26
CA ALA A 225 -32.76 -0.15 -26.80
C ALA A 225 -34.22 -0.61 -27.00
N LYS A 226 -34.43 -1.84 -27.43
CA LYS A 226 -35.80 -2.34 -27.61
C LYS A 226 -36.52 -2.48 -26.25
N GLU A 227 -35.84 -3.01 -25.25
CA GLU A 227 -36.40 -3.03 -23.90
C GLU A 227 -36.79 -1.62 -23.47
N TRP A 228 -35.87 -0.67 -23.57
CA TRP A 228 -36.16 0.72 -23.24
C TRP A 228 -37.34 1.27 -24.03
N PHE A 229 -37.40 0.99 -25.34
CA PHE A 229 -38.48 1.52 -26.14
C PHE A 229 -39.82 0.91 -25.73
N LEU A 230 -39.85 -0.41 -25.55
CA LEU A 230 -41.11 -1.07 -25.19
C LEU A 230 -41.57 -0.68 -23.78
N GLN A 231 -40.65 -0.30 -22.89
CA GLN A 231 -41.11 0.14 -21.59
C GLN A 231 -41.94 1.42 -21.73
N ALA A 232 -41.69 2.23 -22.77
CA ALA A 232 -42.51 3.43 -22.97
C ALA A 232 -43.71 3.19 -23.89
N ALA A 233 -43.57 2.35 -24.91
CA ALA A 233 -44.67 2.28 -25.85
C ALA A 233 -45.75 1.28 -25.42
N LYS A 234 -45.37 0.16 -24.83
CA LYS A 234 -46.34 -0.81 -24.33
C LYS A 234 -47.30 -1.18 -25.45
N ASP A 235 -46.74 -1.57 -26.57
CA ASP A 235 -47.46 -1.83 -27.81
C ASP A 235 -46.43 -2.45 -28.76
N PRO A 236 -46.27 -3.78 -28.77
CA PRO A 236 -45.17 -4.34 -29.56
C PRO A 236 -45.31 -4.09 -31.05
N SER A 237 -46.53 -3.80 -31.55
CA SER A 237 -46.68 -3.43 -32.95
C SER A 237 -45.93 -2.13 -33.27
N ALA A 238 -45.58 -1.35 -32.26
CA ALA A 238 -44.99 -0.05 -32.56
C ALA A 238 -43.49 -0.13 -32.80
N VAL A 239 -42.87 -1.30 -32.59
CA VAL A 239 -41.48 -1.49 -32.99
C VAL A 239 -41.31 -1.26 -34.50
N ALA A 240 -42.30 -1.65 -35.30
CA ALA A 240 -42.23 -1.46 -36.74
C ALA A 240 -42.16 0.02 -37.13
N LYS A 241 -42.51 0.91 -36.23
CA LYS A 241 -42.38 2.31 -36.56
C LYS A 241 -41.03 2.88 -36.13
N HIS A 242 -40.25 2.12 -35.40
CA HIS A 242 -39.09 2.70 -34.71
C HIS A 242 -37.82 1.90 -34.81
N PHE A 243 -37.82 0.75 -35.47
CA PHE A 243 -36.64 -0.09 -35.57
C PHE A 243 -36.52 -0.58 -37.01
N VAL A 244 -35.40 -0.30 -37.65
CA VAL A 244 -35.06 -0.90 -38.93
C VAL A 244 -33.71 -1.64 -38.76
N ALA A 245 -33.40 -2.50 -39.72
CA ALA A 245 -32.18 -3.30 -39.69
C ALA A 245 -31.44 -3.15 -41.02
N LEU A 246 -30.10 -3.12 -40.94
CA LEU A 246 -29.25 -3.10 -42.14
C LEU A 246 -28.38 -4.35 -42.05
N SER A 247 -28.61 -5.31 -42.94
CA SER A 247 -27.97 -6.61 -42.72
C SER A 247 -28.01 -7.44 -44.00
N THR A 248 -27.23 -8.52 -43.98
CA THR A 248 -27.36 -9.57 -44.99
C THR A 248 -28.17 -10.78 -44.51
N ASN A 249 -28.61 -10.80 -43.24
CA ASN A 249 -29.17 -12.00 -42.63
C ASN A 249 -30.65 -11.80 -42.29
N THR A 250 -31.52 -12.10 -43.25
CA THR A 250 -32.94 -11.91 -43.07
C THR A 250 -33.49 -12.78 -41.97
N THR A 251 -32.94 -13.98 -41.79
CA THR A 251 -33.43 -14.85 -40.74
C THR A 251 -33.22 -14.19 -39.37
N LYS A 252 -31.97 -13.82 -39.04
CA LYS A 252 -31.72 -13.27 -37.71
C LYS A 252 -32.42 -11.93 -37.50
N VAL A 253 -32.61 -11.17 -38.58
CA VAL A 253 -33.35 -9.90 -38.48
C VAL A 253 -34.79 -10.16 -38.06
N LYS A 254 -35.41 -11.20 -38.63
CA LYS A 254 -36.81 -11.46 -38.29
C LYS A 254 -36.93 -12.05 -36.89
N GLU A 255 -36.09 -13.04 -36.58
CA GLU A 255 -36.05 -13.59 -35.24
C GLU A 255 -35.82 -12.53 -34.16
N PHE A 256 -35.26 -11.38 -34.52
CA PHE A 256 -35.03 -10.32 -33.54
C PHE A 256 -36.26 -9.43 -33.34
N GLY A 257 -37.16 -9.37 -34.31
CA GLY A 257 -38.43 -8.68 -34.16
C GLY A 257 -38.64 -7.56 -35.15
N ILE A 258 -37.74 -7.45 -36.11
CA ILE A 258 -37.86 -6.40 -37.11
C ILE A 258 -38.79 -6.87 -38.20
N ASP A 259 -39.71 -5.99 -38.61
CA ASP A 259 -40.60 -6.29 -39.73
C ASP A 259 -39.80 -6.50 -41.01
N PRO A 260 -40.12 -7.54 -41.82
CA PRO A 260 -39.41 -7.70 -43.11
C PRO A 260 -39.36 -6.43 -43.96
N GLN A 261 -40.46 -5.69 -44.01
CA GLN A 261 -40.51 -4.41 -44.69
C GLN A 261 -39.44 -3.44 -44.23
N ASN A 262 -38.80 -3.69 -43.09
CA ASN A 262 -37.92 -2.74 -42.45
C ASN A 262 -36.46 -3.18 -42.51
N MET A 263 -36.12 -4.13 -43.36
CA MET A 263 -34.76 -4.58 -43.50
C MET A 263 -34.18 -4.02 -44.81
N PHE A 264 -33.01 -3.44 -44.72
CA PHE A 264 -32.31 -2.90 -45.88
C PHE A 264 -31.14 -3.83 -46.17
N GLU A 265 -31.15 -4.46 -47.35
CA GLU A 265 -30.25 -5.57 -47.61
C GLU A 265 -28.90 -5.10 -48.12
N PHE A 266 -27.87 -5.90 -47.82
CA PHE A 266 -26.64 -5.89 -48.59
C PHE A 266 -26.11 -7.32 -48.63
N TRP A 267 -24.89 -7.49 -49.13
CA TRP A 267 -24.44 -8.76 -49.71
C TRP A 267 -23.10 -9.16 -49.14
N ASP A 268 -22.77 -10.45 -49.28
CA ASP A 268 -21.55 -10.93 -48.64
C ASP A 268 -20.30 -10.32 -49.24
N TRP A 269 -20.37 -9.80 -50.48
CA TRP A 269 -19.22 -9.17 -51.12
C TRP A 269 -19.09 -7.69 -50.78
N VAL A 270 -19.86 -7.20 -49.81
CA VAL A 270 -19.62 -5.89 -49.21
C VAL A 270 -18.88 -6.12 -47.90
N GLY A 271 -17.58 -5.83 -47.88
CA GLY A 271 -16.84 -5.92 -46.62
C GLY A 271 -17.30 -4.87 -45.62
N GLY A 272 -17.26 -5.22 -44.33
CA GLY A 272 -17.71 -4.28 -43.31
C GLY A 272 -16.98 -2.94 -43.39
N ARG A 273 -15.67 -2.96 -43.58
CA ARG A 273 -14.92 -1.71 -43.58
C ARG A 273 -14.98 -1.02 -44.94
N TYR A 274 -15.71 -1.61 -45.89
CA TYR A 274 -16.01 -1.00 -47.18
C TYR A 274 -17.52 -0.82 -47.37
N SER A 275 -18.27 -0.72 -46.25
CA SER A 275 -19.71 -0.90 -46.34
C SER A 275 -20.51 0.40 -46.29
N LEU A 276 -19.90 1.53 -45.98
CA LEU A 276 -20.69 2.76 -45.83
C LEU A 276 -21.45 3.13 -47.11
N TRP A 277 -21.07 2.56 -48.27
CA TRP A 277 -21.66 2.82 -49.56
C TRP A 277 -22.94 2.03 -49.80
N SER A 278 -23.24 1.06 -48.94
CA SER A 278 -24.38 0.17 -49.02
C SER A 278 -25.52 0.68 -48.16
N ALA A 279 -26.49 -0.20 -47.85
CA ALA A 279 -27.52 0.09 -46.85
C ALA A 279 -26.94 0.61 -45.54
N ILE A 280 -25.73 0.17 -45.19
CA ILE A 280 -25.07 0.61 -43.95
C ILE A 280 -25.00 2.13 -43.87
N GLY A 281 -25.02 2.80 -45.00
CA GLY A 281 -25.08 4.25 -45.05
C GLY A 281 -26.43 4.90 -44.85
N LEU A 282 -27.47 4.16 -44.49
CA LEU A 282 -28.79 4.78 -44.32
C LEU A 282 -28.76 5.96 -43.35
N SER A 283 -27.97 5.88 -42.27
CA SER A 283 -27.94 7.01 -41.32
C SER A 283 -27.32 8.24 -41.96
N ILE A 284 -26.39 8.07 -42.91
CA ILE A 284 -25.88 9.20 -43.69
C ILE A 284 -27.01 9.84 -44.48
N ALA A 285 -27.73 9.01 -45.26
CA ALA A 285 -28.75 9.56 -46.14
C ALA A 285 -29.89 10.18 -45.35
N LEU A 286 -30.17 9.67 -44.15
CA LEU A 286 -31.22 10.30 -43.34
C LEU A 286 -30.78 11.66 -42.84
N HIS A 287 -29.48 11.78 -42.48
CA HIS A 287 -28.97 13.01 -41.88
C HIS A 287 -28.80 14.11 -42.92
N VAL A 288 -28.16 13.80 -44.05
CA VAL A 288 -27.87 14.81 -45.05
C VAL A 288 -28.77 14.69 -46.27
N GLY A 289 -29.66 13.72 -46.30
CA GLY A 289 -30.51 13.60 -47.47
C GLY A 289 -29.99 12.60 -48.48
N PHE A 290 -30.91 11.95 -49.18
CA PHE A 290 -30.48 10.92 -50.11
C PHE A 290 -29.73 11.52 -51.31
N ASP A 291 -30.07 12.73 -51.74
CA ASP A 291 -29.34 13.32 -52.86
C ASP A 291 -27.86 13.53 -52.51
N ASN A 292 -27.58 13.95 -51.28
CA ASN A 292 -26.17 14.10 -50.87
C ASN A 292 -25.49 12.75 -50.73
N PHE A 293 -26.24 11.73 -50.28
CA PHE A 293 -25.71 10.37 -50.29
C PHE A 293 -25.32 9.93 -51.70
N GLU A 294 -26.17 10.23 -52.70
CA GLU A 294 -25.85 9.90 -54.09
C GLU A 294 -24.62 10.65 -54.57
N GLN A 295 -24.51 11.93 -54.21
CA GLN A 295 -23.30 12.67 -54.56
C GLN A 295 -22.07 12.03 -53.94
N LEU A 296 -22.17 11.56 -52.69
CA LEU A 296 -21.06 10.84 -52.06
C LEU A 296 -20.72 9.60 -52.87
N LEU A 297 -21.75 8.89 -53.33
CA LEU A 297 -21.50 7.69 -54.13
C LEU A 297 -20.84 8.07 -55.43
N SER A 298 -21.24 9.21 -55.99
CA SER A 298 -20.76 9.60 -57.29
C SER A 298 -19.29 9.96 -57.24
N GLY A 299 -18.85 10.58 -56.13
CA GLY A 299 -17.44 10.88 -55.97
C GLY A 299 -16.60 9.63 -55.94
N ALA A 300 -17.06 8.61 -55.21
CA ALA A 300 -16.33 7.36 -55.17
C ALA A 300 -16.34 6.71 -56.54
N HIS A 301 -17.46 6.79 -57.24
CA HIS A 301 -17.51 6.24 -58.60
C HIS A 301 -16.49 6.93 -59.51
N TRP A 302 -16.37 8.25 -59.42
CA TRP A 302 -15.37 8.94 -60.22
C TRP A 302 -13.97 8.42 -59.91
N MET A 303 -13.63 8.29 -58.62
CA MET A 303 -12.32 7.78 -58.24
C MET A 303 -12.11 6.35 -58.70
N ASP A 304 -13.18 5.54 -58.72
CA ASP A 304 -13.07 4.17 -59.23
C ASP A 304 -12.65 4.19 -60.69
N GLN A 305 -13.25 5.09 -61.46
CA GLN A 305 -12.93 5.19 -62.87
C GLN A 305 -11.54 5.78 -63.10
N HIS A 306 -11.16 6.78 -62.30
CA HIS A 306 -9.77 7.25 -62.34
C HIS A 306 -8.80 6.10 -62.09
N PHE A 307 -9.06 5.33 -61.05
CA PHE A 307 -8.20 4.19 -60.75
C PHE A 307 -8.17 3.19 -61.89
N ARG A 308 -9.30 3.00 -62.54
CA ARG A 308 -9.41 1.94 -63.55
C ARG A 308 -8.80 2.33 -64.88
N THR A 309 -8.84 3.61 -65.25
CA THR A 309 -8.53 4.04 -66.62
C THR A 309 -7.20 4.78 -66.74
N THR A 310 -6.53 5.04 -65.62
CA THR A 310 -5.39 5.92 -65.63
C THR A 310 -4.09 5.12 -65.63
N PRO A 311 -3.18 5.46 -66.55
CA PRO A 311 -1.87 4.81 -66.55
C PRO A 311 -1.20 4.92 -65.17
N LEU A 312 -0.53 3.84 -64.75
CA LEU A 312 -0.07 3.71 -63.37
C LEU A 312 0.78 4.90 -62.93
N GLU A 313 1.61 5.43 -63.82
CA GLU A 313 2.52 6.49 -63.43
C GLU A 313 1.79 7.77 -63.08
N LYS A 314 0.49 7.87 -63.37
CA LYS A 314 -0.28 9.08 -63.13
C LYS A 314 -1.56 8.76 -62.33
N ASN A 315 -1.58 7.61 -61.67
CA ASN A 315 -2.78 7.05 -61.06
C ASN A 315 -2.70 7.27 -59.53
N ALA A 316 -3.59 8.12 -58.99
CA ALA A 316 -3.37 8.64 -57.63
C ALA A 316 -3.27 7.54 -56.59
N PRO A 317 -4.21 6.61 -56.49
CA PRO A 317 -4.09 5.58 -55.45
C PRO A 317 -2.90 4.67 -55.65
N VAL A 318 -2.47 4.47 -56.89
CA VAL A 318 -1.31 3.61 -57.12
C VAL A 318 -0.05 4.29 -56.61
N LEU A 319 0.11 5.58 -56.93
CA LEU A 319 1.28 6.32 -56.46
C LEU A 319 1.34 6.39 -54.92
N LEU A 320 0.21 6.69 -54.27
CA LEU A 320 0.19 6.71 -52.80
C LEU A 320 0.57 5.34 -52.24
N ALA A 321 0.05 4.26 -52.82
CA ALA A 321 0.38 2.91 -52.38
C ALA A 321 1.87 2.66 -52.48
N LEU A 322 2.46 3.00 -53.63
CA LEU A 322 3.87 2.70 -53.87
C LEU A 322 4.79 3.50 -52.97
N LEU A 323 4.46 4.76 -52.73
CA LEU A 323 5.23 5.55 -51.78
C LEU A 323 5.18 4.92 -50.39
N GLY A 324 4.01 4.41 -49.98
CA GLY A 324 3.93 3.65 -48.74
C GLY A 324 4.82 2.42 -48.75
N ILE A 325 4.82 1.68 -49.86
CA ILE A 325 5.67 0.51 -49.97
C ILE A 325 7.13 0.90 -49.77
N TRP A 326 7.51 2.01 -50.37
CA TRP A 326 8.89 2.49 -50.29
C TRP A 326 9.29 2.71 -48.84
N TYR A 327 8.43 3.39 -48.08
CA TYR A 327 8.71 3.71 -46.68
C TYR A 327 8.57 2.49 -45.80
N ILE A 328 7.66 1.58 -46.14
CA ILE A 328 7.42 0.43 -45.29
C ILE A 328 8.49 -0.62 -45.51
N ASN A 329 8.68 -1.04 -46.76
CA ASN A 329 9.54 -2.17 -47.08
C ASN A 329 10.99 -1.79 -47.37
N CYS A 330 11.30 -0.52 -47.53
CA CYS A 330 12.70 -0.10 -47.66
C CYS A 330 13.17 0.71 -46.48
N PHE A 331 12.44 1.74 -46.06
CA PHE A 331 12.89 2.53 -44.91
C PHE A 331 12.56 1.88 -43.58
N GLY A 332 11.58 0.99 -43.56
CA GLY A 332 11.12 0.33 -42.37
C GLY A 332 10.23 1.14 -41.45
N CYS A 333 9.47 2.11 -41.97
CA CYS A 333 8.58 2.92 -41.13
C CYS A 333 7.37 2.11 -40.68
N GLU A 334 7.14 2.07 -39.36
CA GLU A 334 6.03 1.27 -38.83
C GLU A 334 4.68 1.96 -39.00
N THR A 335 4.66 3.30 -39.08
CA THR A 335 3.43 4.04 -38.98
C THR A 335 3.24 4.97 -40.18
N HIS A 336 2.00 5.40 -40.34
CA HIS A 336 1.61 6.33 -41.39
C HIS A 336 0.63 7.27 -40.71
N ALA A 337 0.96 8.56 -40.64
CA ALA A 337 0.06 9.54 -40.05
C ALA A 337 -0.84 10.17 -41.09
N MET A 338 -2.09 10.37 -40.71
CA MET A 338 -3.08 11.05 -41.53
C MET A 338 -3.54 12.29 -40.77
N LEU A 339 -3.31 13.46 -41.35
CA LEU A 339 -3.42 14.73 -40.66
C LEU A 339 -4.29 15.66 -41.48
N PRO A 340 -5.60 15.51 -41.41
CA PRO A 340 -6.50 16.44 -42.10
C PRO A 340 -6.58 17.76 -41.33
N TYR A 341 -6.43 18.86 -42.06
CA TYR A 341 -6.54 20.20 -41.49
C TYR A 341 -7.99 20.65 -41.63
N ASP A 342 -8.85 19.98 -40.88
CA ASP A 342 -10.28 20.17 -41.04
C ASP A 342 -10.96 19.51 -39.85
N GLN A 343 -11.64 20.29 -39.03
CA GLN A 343 -12.31 19.77 -37.84
C GLN A 343 -13.43 18.79 -38.19
N TYR A 344 -14.11 19.01 -39.32
CA TYR A 344 -15.16 18.08 -39.73
C TYR A 344 -14.60 16.72 -40.04
N LEU A 345 -13.32 16.63 -40.44
CA LEU A 345 -12.69 15.35 -40.69
C LEU A 345 -12.05 14.73 -39.43
N HIS A 346 -12.50 15.11 -38.22
CA HIS A 346 -11.85 14.63 -36.99
C HIS A 346 -11.97 13.12 -36.79
N ARG A 347 -12.84 12.39 -37.51
CA ARG A 347 -12.85 10.93 -37.42
C ARG A 347 -12.32 10.24 -38.67
N PHE A 348 -11.69 10.99 -39.57
CA PHE A 348 -11.15 10.43 -40.81
C PHE A 348 -10.00 9.45 -40.51
N ALA A 349 -9.08 9.83 -39.65
CA ALA A 349 -7.97 8.92 -39.34
C ALA A 349 -8.47 7.67 -38.63
N ALA A 350 -9.43 7.82 -37.70
CA ALA A 350 -10.01 6.66 -37.03
C ALA A 350 -10.65 5.70 -38.03
N TYR A 351 -11.34 6.25 -39.03
CA TYR A 351 -11.93 5.41 -40.07
C TYR A 351 -10.87 4.59 -40.79
N PHE A 352 -9.75 5.22 -41.15
CA PHE A 352 -8.75 4.46 -41.89
C PHE A 352 -7.85 3.63 -41.01
N GLN A 353 -7.91 3.79 -39.68
CA GLN A 353 -7.28 2.77 -38.85
C GLN A 353 -7.88 1.41 -39.14
N GLN A 354 -9.21 1.33 -39.21
CA GLN A 354 -9.83 0.09 -39.64
C GLN A 354 -9.61 -0.15 -41.13
N GLY A 355 -9.90 0.84 -41.97
CA GLY A 355 -9.80 0.61 -43.41
C GLY A 355 -8.46 0.02 -43.80
N ASP A 356 -7.39 0.64 -43.30
CA ASP A 356 -6.03 0.22 -43.64
C ASP A 356 -5.59 -0.97 -42.79
N MET A 357 -5.70 -0.84 -41.46
CA MET A 357 -5.05 -1.82 -40.61
C MET A 357 -5.78 -3.15 -40.57
N GLU A 358 -7.11 -3.17 -40.64
CA GLU A 358 -7.78 -4.46 -40.67
C GLU A 358 -7.70 -5.12 -42.03
N SER A 359 -7.51 -4.33 -43.09
CA SER A 359 -7.27 -4.89 -44.42
C SER A 359 -5.89 -5.53 -44.50
N ASN A 360 -4.82 -4.75 -44.21
CA ASN A 360 -3.48 -5.21 -44.52
C ASN A 360 -2.64 -5.56 -43.29
N GLY A 361 -3.25 -5.61 -42.10
CA GLY A 361 -2.55 -6.21 -40.98
C GLY A 361 -2.66 -7.72 -41.06
N LYS A 362 -1.80 -8.29 -41.88
CA LYS A 362 -1.87 -9.67 -42.31
C LYS A 362 -0.45 -10.19 -42.35
N TYR A 363 -0.29 -11.51 -42.37
CA TYR A 363 1.05 -12.10 -42.42
C TYR A 363 1.07 -13.41 -43.20
N ILE A 364 -0.02 -13.81 -43.85
CA ILE A 364 -0.08 -15.03 -44.65
C ILE A 364 -0.42 -14.65 -46.09
N THR A 365 0.39 -15.12 -47.04
CA THR A 365 0.19 -14.75 -48.44
C THR A 365 -0.84 -15.66 -49.10
N LYS A 366 -1.02 -15.44 -50.42
CA LYS A 366 -2.07 -16.12 -51.19
C LYS A 366 -1.79 -17.61 -51.31
N SER A 367 -0.53 -17.98 -51.38
CA SER A 367 -0.13 -19.38 -51.40
C SER A 367 -0.08 -20.02 -50.01
N GLY A 368 -0.57 -19.37 -48.97
CA GLY A 368 -0.45 -19.92 -47.62
C GLY A 368 0.91 -19.80 -46.98
N THR A 369 1.87 -19.17 -47.64
CA THR A 369 3.17 -19.00 -47.02
C THR A 369 3.19 -17.77 -46.11
N ARG A 370 4.14 -17.76 -45.18
CA ARG A 370 4.29 -16.66 -44.24
C ARG A 370 5.13 -15.54 -44.86
N VAL A 371 4.66 -14.29 -44.73
CA VAL A 371 5.44 -13.16 -45.25
C VAL A 371 6.79 -13.09 -44.53
N ASP A 372 7.83 -12.71 -45.27
CA ASP A 372 9.14 -12.42 -44.72
C ASP A 372 9.49 -10.94 -44.92
N HIS A 373 8.48 -10.08 -44.89
CA HIS A 373 8.62 -8.65 -45.08
C HIS A 373 7.50 -7.98 -44.29
N GLN A 374 7.62 -6.67 -44.09
CA GLN A 374 6.55 -5.92 -43.44
C GLN A 374 5.30 -5.89 -44.31
N THR A 375 4.14 -5.81 -43.64
CA THR A 375 2.90 -5.44 -44.30
C THR A 375 2.35 -4.14 -43.73
N GLY A 376 1.03 -4.08 -43.53
CA GLY A 376 0.35 -2.85 -43.21
C GLY A 376 0.93 -2.07 -42.06
N PRO A 377 0.90 -0.74 -42.16
CA PRO A 377 1.38 0.11 -41.07
C PRO A 377 0.29 0.38 -40.04
N ILE A 378 0.74 0.92 -38.89
CA ILE A 378 -0.13 1.52 -37.90
C ILE A 378 -0.54 2.91 -38.38
N VAL A 379 -1.82 3.14 -38.47
CA VAL A 379 -2.35 4.41 -38.92
C VAL A 379 -2.85 5.19 -37.71
N TRP A 380 -2.51 6.47 -37.66
CA TRP A 380 -2.86 7.32 -36.52
C TRP A 380 -2.90 8.76 -37.00
N GLY A 381 -3.38 9.65 -36.14
CA GLY A 381 -3.37 11.07 -36.43
C GLY A 381 -4.55 11.76 -35.80
N GLU A 382 -4.46 13.09 -35.78
CA GLU A 382 -5.47 14.02 -35.28
C GLU A 382 -5.50 15.19 -36.24
N PRO A 383 -6.55 15.99 -36.21
CA PRO A 383 -6.65 17.10 -37.17
C PRO A 383 -5.70 18.24 -36.84
N GLY A 384 -5.23 18.92 -37.89
CA GLY A 384 -4.50 20.17 -37.68
C GLY A 384 -5.48 21.30 -37.48
N THR A 385 -5.08 22.34 -36.76
CA THR A 385 -3.74 22.54 -36.19
C THR A 385 -3.47 21.86 -34.85
N ASN A 386 -4.50 21.25 -34.26
CA ASN A 386 -4.36 20.69 -32.92
C ASN A 386 -3.13 19.79 -32.80
N GLY A 387 -2.97 18.87 -33.73
CA GLY A 387 -1.83 17.99 -33.70
C GLY A 387 -0.51 18.71 -33.52
N GLN A 388 -0.37 19.91 -34.12
CA GLN A 388 0.88 20.68 -33.99
C GLN A 388 1.25 20.93 -32.55
N HIS A 389 0.26 21.09 -31.68
CA HIS A 389 0.43 21.40 -30.27
C HIS A 389 0.30 20.19 -29.38
N ALA A 390 0.29 19.00 -29.96
CA ALA A 390 0.24 17.77 -29.20
C ALA A 390 1.44 16.90 -29.49
N PHE A 391 1.66 16.49 -30.74
CA PHE A 391 2.67 15.49 -31.00
C PHE A 391 3.62 15.84 -32.12
N TYR A 392 3.50 17.01 -32.74
CA TYR A 392 4.40 17.28 -33.84
C TYR A 392 5.81 17.50 -33.33
N GLN A 393 5.96 17.82 -32.04
CA GLN A 393 7.31 17.89 -31.45
C GLN A 393 8.10 16.64 -31.78
N LEU A 394 7.44 15.46 -31.67
CA LEU A 394 8.10 14.19 -31.97
C LEU A 394 8.33 14.01 -33.47
N ILE A 395 7.38 14.47 -34.30
CA ILE A 395 7.58 14.31 -35.74
C ILE A 395 8.80 15.11 -36.20
N HIS A 396 8.98 16.31 -35.63
CA HIS A 396 10.08 17.20 -36.02
C HIS A 396 11.41 16.82 -35.35
N GLN A 397 11.39 16.42 -34.08
CA GLN A 397 12.61 16.33 -33.27
C GLN A 397 12.75 15.02 -32.51
N GLY A 398 11.95 14.02 -32.79
CA GLY A 398 12.11 12.70 -32.24
C GLY A 398 13.11 11.89 -33.03
N THR A 399 13.00 10.57 -32.87
CA THR A 399 13.92 9.60 -33.47
C THR A 399 13.19 8.66 -34.40
N LYS A 400 11.98 9.01 -34.81
CA LYS A 400 11.15 8.17 -35.65
C LYS A 400 10.95 8.84 -37.00
N MET A 401 11.02 8.06 -38.06
CA MET A 401 10.62 8.52 -39.39
C MET A 401 9.16 8.16 -39.58
N ILE A 402 8.34 9.17 -39.91
CA ILE A 402 6.89 9.04 -39.95
C ILE A 402 6.35 9.65 -41.23
N PRO A 403 6.11 8.87 -42.27
CA PRO A 403 5.40 9.42 -43.44
C PRO A 403 4.05 9.95 -43.00
N CYS A 404 3.74 11.17 -43.45
CA CYS A 404 2.51 11.87 -43.16
C CYS A 404 1.80 12.29 -44.45
N ASP A 405 0.48 12.10 -44.45
CA ASP A 405 -0.41 12.77 -45.39
C ASP A 405 -1.10 13.94 -44.71
N PHE A 406 -0.87 15.12 -45.26
CA PHE A 406 -1.53 16.35 -44.88
C PHE A 406 -2.64 16.60 -45.88
N LEU A 407 -3.88 16.78 -45.38
CA LEU A 407 -5.04 17.03 -46.23
C LEU A 407 -5.75 18.32 -45.84
N ILE A 408 -6.25 19.04 -46.82
CA ILE A 408 -6.98 20.26 -46.53
C ILE A 408 -7.88 20.69 -47.69
N PRO A 409 -9.06 21.23 -47.37
CA PRO A 409 -9.88 21.88 -48.39
C PRO A 409 -9.50 23.36 -48.57
N VAL A 410 -9.41 23.75 -49.83
CA VAL A 410 -9.09 25.15 -50.11
C VAL A 410 -10.18 26.06 -49.59
N GLN A 411 -11.45 25.70 -49.81
CA GLN A 411 -12.60 26.50 -49.42
C GLN A 411 -13.23 25.90 -48.17
N THR A 412 -13.50 26.74 -47.19
CA THR A 412 -14.04 26.29 -45.91
C THR A 412 -15.56 26.35 -45.93
N GLN A 413 -16.19 25.49 -45.15
CA GLN A 413 -17.64 25.60 -44.98
C GLN A 413 -18.05 26.78 -44.11
N HIS A 414 -17.10 27.43 -43.44
CA HIS A 414 -17.40 28.46 -42.45
C HIS A 414 -16.44 29.62 -42.60
N PRO A 415 -16.59 30.44 -43.68
CA PRO A 415 -15.64 31.53 -43.96
C PRO A 415 -15.82 32.72 -43.03
N ILE A 416 -15.78 32.46 -41.71
CA ILE A 416 -16.00 33.51 -40.74
C ILE A 416 -14.84 34.49 -40.77
N ARG A 417 -15.12 35.70 -40.29
CA ARG A 417 -14.13 36.77 -40.17
C ARG A 417 -13.48 37.03 -41.53
N LYS A 418 -14.28 36.96 -42.59
CA LYS A 418 -13.81 37.27 -43.94
C LYS A 418 -12.67 36.35 -44.36
N GLY A 419 -12.71 35.11 -43.87
CA GLY A 419 -11.75 34.09 -44.19
C GLY A 419 -10.49 34.08 -43.36
N LEU A 420 -10.42 34.90 -42.29
CA LEU A 420 -9.20 34.99 -41.48
C LEU A 420 -8.81 33.64 -40.87
N HIS A 421 -9.77 32.87 -40.34
CA HIS A 421 -9.41 31.58 -39.74
C HIS A 421 -8.88 30.64 -40.80
N HIS A 422 -9.50 30.61 -41.98
CA HIS A 422 -9.07 29.61 -42.94
C HIS A 422 -7.71 29.99 -43.52
N LYS A 423 -7.45 31.30 -43.64
CA LYS A 423 -6.14 31.79 -44.04
C LYS A 423 -5.04 31.28 -43.13
N ILE A 424 -5.27 31.35 -41.80
CA ILE A 424 -4.27 30.85 -40.84
C ILE A 424 -4.16 29.34 -40.95
N LEU A 425 -5.29 28.64 -41.02
CA LEU A 425 -5.27 27.19 -41.16
C LEU A 425 -4.40 26.76 -42.35
N LEU A 426 -4.61 27.40 -43.53
CA LEU A 426 -3.84 27.09 -44.73
C LEU A 426 -2.37 27.39 -44.52
N ALA A 427 -2.07 28.55 -43.94
CA ALA A 427 -0.65 28.89 -43.72
C ALA A 427 0.04 27.85 -42.83
N ASN A 428 -0.66 27.33 -41.79
CA ASN A 428 -0.06 26.30 -40.97
C ASN A 428 0.07 24.99 -41.73
N PHE A 429 -0.94 24.62 -42.52
CA PHE A 429 -0.82 23.43 -43.37
C PHE A 429 0.44 23.49 -44.24
N LEU A 430 0.65 24.64 -44.87
CA LEU A 430 1.78 24.79 -45.80
C LEU A 430 3.11 24.84 -45.04
N ALA A 431 3.14 25.60 -43.95
CA ALA A 431 4.35 25.73 -43.12
C ALA A 431 4.83 24.40 -42.56
N GLN A 432 3.92 23.56 -42.10
CA GLN A 432 4.40 22.36 -41.43
C GLN A 432 5.12 21.42 -42.40
N THR A 433 4.60 21.27 -43.62
CA THR A 433 5.32 20.33 -44.50
C THR A 433 6.64 20.95 -44.98
N GLU A 434 6.64 22.28 -45.13
CA GLU A 434 7.87 23.00 -45.48
C GLU A 434 8.89 22.88 -44.36
N ALA A 435 8.43 22.93 -43.10
CA ALA A 435 9.36 22.79 -41.98
C ALA A 435 9.89 21.36 -41.88
N LEU A 436 9.02 20.37 -42.06
CA LEU A 436 9.48 18.98 -42.00
C LEU A 436 10.53 18.70 -43.07
N MET A 437 10.38 19.34 -44.22
CA MET A 437 11.32 19.11 -45.32
C MET A 437 12.59 19.91 -45.09
N ARG A 438 12.46 21.21 -44.79
CA ARG A 438 13.59 22.08 -44.49
C ARG A 438 13.81 22.00 -42.98
N GLY A 439 14.87 21.41 -42.52
CA GLY A 439 15.02 21.59 -41.09
C GLY A 439 15.42 23.04 -40.79
N LYS A 440 16.33 23.16 -39.85
CA LYS A 440 16.98 24.42 -39.59
C LYS A 440 18.35 24.03 -39.08
N SER A 441 19.41 24.48 -39.78
CA SER A 441 20.75 24.04 -39.43
C SER A 441 21.27 24.73 -38.17
N THR A 442 22.29 24.11 -37.58
CA THR A 442 23.07 24.75 -36.52
C THR A 442 23.37 26.18 -36.93
N GLU A 443 23.85 26.36 -38.17
CA GLU A 443 24.25 27.68 -38.62
C GLU A 443 23.09 28.66 -38.60
N GLU A 444 21.95 28.25 -39.16
CA GLU A 444 20.78 29.12 -39.19
C GLU A 444 20.27 29.40 -37.78
N ALA A 445 20.29 28.39 -36.91
CA ALA A 445 19.82 28.59 -35.53
C ALA A 445 20.75 29.52 -34.76
N ARG A 446 22.05 29.38 -34.96
CA ARG A 446 22.98 30.29 -34.30
C ARG A 446 22.69 31.74 -34.68
N LYS A 447 22.51 32.02 -35.98
CA LYS A 447 22.25 33.39 -36.43
C LYS A 447 21.02 33.97 -35.76
N GLU A 448 19.96 33.17 -35.62
CA GLU A 448 18.72 33.64 -34.97
C GLU A 448 18.98 34.01 -33.52
N LEU A 449 19.68 33.13 -32.80
CA LEU A 449 19.98 33.38 -31.39
C LEU A 449 20.87 34.61 -31.22
N GLN A 450 21.91 34.74 -32.07
CA GLN A 450 22.75 35.94 -32.02
C GLN A 450 21.90 37.17 -32.29
N ALA A 451 20.99 37.08 -33.28
CA ALA A 451 20.16 38.21 -33.63
C ALA A 451 19.17 38.52 -32.53
N ALA A 452 18.64 37.48 -31.88
CA ALA A 452 17.79 37.65 -30.73
C ALA A 452 18.51 38.33 -29.58
N GLY A 453 19.84 38.27 -29.55
CA GLY A 453 20.62 38.91 -28.52
C GLY A 453 21.10 38.00 -27.42
N LYS A 454 21.12 36.69 -27.64
CA LYS A 454 21.56 35.76 -26.61
C LYS A 454 23.05 35.96 -26.33
N SER A 455 23.41 35.90 -25.06
CA SER A 455 24.79 35.93 -24.67
C SER A 455 25.49 34.64 -25.09
N PRO A 456 26.82 34.65 -25.20
CA PRO A 456 27.51 33.43 -25.64
C PRO A 456 27.20 32.23 -24.76
N GLU A 457 26.89 32.41 -23.48
CA GLU A 457 26.60 31.27 -22.62
C GLU A 457 25.16 30.78 -22.80
N ASP A 458 24.19 31.71 -22.82
CA ASP A 458 22.83 31.34 -23.20
C ASP A 458 22.78 30.76 -24.62
N LEU A 459 23.57 31.33 -25.53
CA LEU A 459 23.49 30.88 -26.91
C LEU A 459 24.00 29.45 -27.03
N GLU A 460 25.16 29.15 -26.44
CA GLU A 460 25.74 27.83 -26.70
C GLU A 460 24.98 26.74 -25.98
N ARG A 461 24.34 27.07 -24.84
CA ARG A 461 23.51 26.10 -24.12
C ARG A 461 22.25 25.74 -24.90
N LEU A 462 21.62 26.74 -25.52
CA LEU A 462 20.36 26.55 -26.25
C LEU A 462 20.56 26.01 -27.67
N LEU A 463 21.64 26.37 -28.33
CA LEU A 463 21.77 26.11 -29.77
C LEU A 463 21.48 24.68 -30.19
N PRO A 464 22.08 23.64 -29.62
CA PRO A 464 21.84 22.31 -30.18
C PRO A 464 20.38 21.89 -30.11
N HIS A 465 19.64 22.37 -29.12
CA HIS A 465 18.23 22.03 -28.96
C HIS A 465 17.35 22.72 -29.98
N LYS A 466 17.89 23.70 -30.73
CA LYS A 466 17.09 24.48 -31.65
C LYS A 466 17.29 24.06 -33.09
N VAL A 467 17.97 22.94 -33.30
CA VAL A 467 18.33 22.45 -34.64
C VAL A 467 17.26 21.46 -35.07
N PHE A 468 16.81 21.58 -36.31
CA PHE A 468 15.86 20.67 -36.92
C PHE A 468 16.56 19.95 -38.05
N GLU A 469 16.67 18.63 -37.95
CA GLU A 469 17.39 17.90 -38.97
C GLU A 469 16.61 17.81 -40.28
N GLY A 470 15.29 18.01 -40.19
CA GLY A 470 14.39 17.91 -41.31
C GLY A 470 14.53 16.66 -42.14
N ASN A 471 14.35 16.83 -43.44
CA ASN A 471 14.35 15.71 -44.38
C ASN A 471 13.26 14.72 -44.05
N ARG A 472 12.14 15.23 -43.53
CA ARG A 472 11.01 14.39 -43.13
C ARG A 472 9.90 14.46 -44.17
N PRO A 473 9.55 13.35 -44.79
CA PRO A 473 8.71 13.40 -45.99
C PRO A 473 7.22 13.42 -45.69
N THR A 474 6.52 14.14 -46.56
CA THR A 474 5.07 14.29 -46.48
C THR A 474 4.45 14.20 -47.87
N ASN A 475 3.18 13.82 -47.90
CA ASN A 475 2.27 14.09 -49.00
C ASN A 475 1.39 15.24 -48.61
N SER A 476 1.07 16.10 -49.58
CA SER A 476 0.05 17.12 -49.38
C SER A 476 -1.10 16.87 -50.35
N ILE A 477 -2.29 16.69 -49.81
CA ILE A 477 -3.50 16.43 -50.61
C ILE A 477 -4.45 17.58 -50.41
N VAL A 478 -4.60 18.42 -51.44
CA VAL A 478 -5.40 19.65 -51.37
C VAL A 478 -6.55 19.54 -52.36
N PHE A 479 -7.77 19.87 -51.91
CA PHE A 479 -8.97 19.73 -52.73
C PHE A 479 -9.83 20.97 -52.57
N THR A 480 -10.63 21.25 -53.61
CA THR A 480 -11.34 22.53 -53.66
C THR A 480 -12.21 22.73 -52.43
N LYS A 481 -13.02 21.74 -52.08
CA LYS A 481 -13.97 21.88 -50.98
C LYS A 481 -14.44 20.51 -50.54
N LEU A 482 -14.74 20.40 -49.25
CA LEU A 482 -15.15 19.12 -48.66
C LEU A 482 -16.66 19.02 -48.83
N THR A 483 -17.04 18.68 -50.04
CA THR A 483 -18.43 18.36 -50.38
C THR A 483 -18.66 16.88 -50.25
N PRO A 484 -19.92 16.43 -50.35
CA PRO A 484 -20.18 14.99 -50.36
C PRO A 484 -19.44 14.29 -51.47
N PHE A 485 -19.46 14.87 -52.69
CA PHE A 485 -18.77 14.25 -53.80
C PHE A 485 -17.29 14.10 -53.51
N MET A 486 -16.66 15.20 -53.11
CA MET A 486 -15.21 15.19 -52.87
C MET A 486 -14.85 14.23 -51.74
N LEU A 487 -15.69 14.16 -50.67
CA LEU A 487 -15.43 13.18 -49.62
C LEU A 487 -15.45 11.77 -50.16
N GLY A 488 -16.43 11.48 -51.04
CA GLY A 488 -16.50 10.15 -51.62
C GLY A 488 -15.28 9.82 -52.44
N ALA A 489 -14.78 10.79 -53.20
CA ALA A 489 -13.58 10.57 -54.00
C ALA A 489 -12.38 10.32 -53.11
N LEU A 490 -12.21 11.13 -52.07
CA LEU A 490 -11.07 10.97 -51.17
C LEU A 490 -11.09 9.62 -50.44
N VAL A 491 -12.27 9.19 -49.99
CA VAL A 491 -12.32 7.90 -49.31
C VAL A 491 -11.97 6.77 -50.26
N ALA A 492 -12.54 6.81 -51.47
CA ALA A 492 -12.28 5.73 -52.41
C ALA A 492 -10.83 5.72 -52.83
N MET A 493 -10.21 6.89 -52.92
CA MET A 493 -8.79 6.96 -53.26
C MET A 493 -7.97 6.12 -52.29
N TYR A 494 -8.24 6.28 -50.99
CA TYR A 494 -7.51 5.51 -49.99
C TYR A 494 -7.90 4.03 -49.99
N GLU A 495 -9.18 3.73 -50.20
CA GLU A 495 -9.53 2.31 -50.39
C GLU A 495 -8.67 1.66 -51.48
N HIS A 496 -8.51 2.34 -52.63
CA HIS A 496 -7.72 1.72 -53.70
C HIS A 496 -6.23 1.73 -53.37
N LYS A 497 -5.72 2.77 -52.69
CA LYS A 497 -4.38 2.69 -52.13
C LYS A 497 -4.17 1.38 -51.37
N ILE A 498 -5.08 1.07 -50.45
CA ILE A 498 -4.93 -0.11 -49.62
C ILE A 498 -4.94 -1.36 -50.47
N PHE A 499 -5.87 -1.44 -51.44
CA PHE A 499 -5.92 -2.56 -52.36
C PHE A 499 -4.57 -2.80 -53.02
N VAL A 500 -4.00 -1.75 -53.62
CA VAL A 500 -2.75 -1.89 -54.36
C VAL A 500 -1.65 -2.46 -53.47
N GLN A 501 -1.56 -1.95 -52.22
CA GLN A 501 -0.54 -2.45 -51.29
C GLN A 501 -0.76 -3.93 -50.95
N GLY A 502 -2.02 -4.32 -50.71
CA GLY A 502 -2.31 -5.73 -50.52
C GLY A 502 -1.84 -6.62 -51.66
N ILE A 503 -2.08 -6.19 -52.91
CA ILE A 503 -1.66 -6.98 -54.06
C ILE A 503 -0.15 -7.12 -54.09
N ILE A 504 0.55 -6.00 -53.90
CA ILE A 504 2.02 -6.03 -53.90
C ILE A 504 2.54 -6.92 -52.77
N TRP A 505 1.88 -6.89 -51.59
CA TRP A 505 2.28 -7.76 -50.48
C TRP A 505 1.83 -9.21 -50.67
N ASP A 506 0.92 -9.47 -51.63
CA ASP A 506 0.39 -10.79 -51.92
C ASP A 506 -0.50 -11.31 -50.79
N ILE A 507 -1.22 -10.42 -50.12
CA ILE A 507 -2.04 -10.78 -48.98
C ILE A 507 -3.50 -10.51 -49.33
N ASN A 508 -4.40 -10.94 -48.44
CA ASN A 508 -5.83 -10.73 -48.63
C ASN A 508 -6.27 -9.51 -47.82
N SER A 509 -6.61 -8.42 -48.53
CA SER A 509 -7.03 -7.16 -47.92
C SER A 509 -8.45 -7.22 -47.38
N PHE A 510 -9.15 -8.34 -47.61
CA PHE A 510 -10.61 -8.36 -47.51
C PHE A 510 -11.14 -9.39 -46.51
N ASP A 511 -10.30 -10.23 -45.93
CA ASP A 511 -10.69 -11.09 -44.82
C ASP A 511 -10.26 -10.44 -43.49
N GLN A 512 -10.59 -11.11 -42.38
CA GLN A 512 -10.19 -10.60 -41.06
C GLN A 512 -10.28 -11.73 -40.04
N TRP A 513 -9.50 -12.78 -40.27
CA TRP A 513 -9.53 -13.96 -39.41
C TRP A 513 -8.92 -13.66 -38.05
N GLY A 514 -8.18 -12.57 -37.94
CA GLY A 514 -7.53 -12.25 -36.70
C GLY A 514 -8.42 -11.75 -35.60
N VAL A 515 -9.73 -11.61 -35.84
CA VAL A 515 -10.64 -11.18 -34.79
C VAL A 515 -11.33 -12.37 -34.11
N GLU A 516 -10.95 -13.58 -34.46
CA GLU A 516 -11.72 -14.74 -34.03
C GLU A 516 -11.25 -15.29 -32.69
N LEU A 517 -9.94 -15.23 -32.39
CA LEU A 517 -9.49 -15.85 -31.14
C LEU A 517 -9.94 -15.04 -29.93
N GLY A 518 -9.98 -13.71 -30.05
CA GLY A 518 -10.52 -12.91 -28.95
C GLY A 518 -11.97 -13.21 -28.67
N LYS A 519 -12.76 -13.39 -29.72
CA LYS A 519 -14.18 -13.67 -29.56
C LYS A 519 -14.41 -15.01 -28.89
N GLN A 520 -13.63 -16.03 -29.27
CA GLN A 520 -13.74 -17.34 -28.64
C GLN A 520 -13.47 -17.24 -27.15
N LEU A 521 -12.37 -16.60 -26.80
CA LEU A 521 -11.93 -16.57 -25.43
C LEU A 521 -12.87 -15.71 -24.58
N ALA A 522 -13.43 -14.65 -25.14
CA ALA A 522 -14.39 -13.88 -24.35
C ALA A 522 -15.65 -14.70 -24.06
N LYS A 523 -16.05 -15.57 -24.98
CA LYS A 523 -17.21 -16.42 -24.70
C LYS A 523 -16.94 -17.41 -23.56
N LYS A 524 -15.71 -17.90 -23.41
CA LYS A 524 -15.42 -18.82 -22.31
C LYS A 524 -15.24 -18.11 -20.97
N ILE A 525 -14.83 -16.85 -20.98
CA ILE A 525 -14.61 -16.13 -19.73
C ILE A 525 -15.92 -15.62 -19.16
N GLU A 526 -16.89 -15.36 -20.02
CA GLU A 526 -18.11 -14.68 -19.62
C GLU A 526 -18.78 -15.37 -18.42
N PRO A 527 -19.15 -16.65 -18.51
CA PRO A 527 -19.87 -17.25 -17.37
C PRO A 527 -19.03 -17.35 -16.11
N GLU A 528 -17.70 -17.26 -16.21
CA GLU A 528 -16.83 -17.35 -15.04
C GLU A 528 -16.82 -16.08 -14.22
N LEU A 529 -17.35 -14.97 -14.76
CA LEU A 529 -17.45 -13.75 -13.97
C LEU A 529 -18.66 -13.77 -13.03
N ASP A 530 -19.62 -14.65 -13.24
CA ASP A 530 -20.83 -14.65 -12.42
C ASP A 530 -20.53 -14.99 -10.96
N GLY A 531 -19.69 -15.99 -10.72
CA GLY A 531 -19.56 -16.48 -9.36
C GLY A 531 -18.84 -15.50 -8.48
N SER A 532 -18.83 -15.79 -7.18
CA SER A 532 -17.81 -15.21 -6.31
C SER A 532 -16.64 -16.16 -6.14
N ALA A 533 -16.70 -17.34 -6.71
CA ALA A 533 -15.61 -18.29 -6.58
C ALA A 533 -14.36 -17.78 -7.29
N GLN A 534 -13.20 -18.12 -6.74
CA GLN A 534 -11.98 -17.91 -7.51
C GLN A 534 -12.12 -18.64 -8.84
N VAL A 535 -11.26 -18.24 -9.79
CA VAL A 535 -11.14 -18.93 -11.07
C VAL A 535 -9.70 -19.41 -11.18
N THR A 536 -9.53 -20.64 -11.64
CA THR A 536 -8.21 -21.25 -11.82
C THR A 536 -8.00 -21.81 -13.21
N SER A 537 -8.92 -21.57 -14.13
CA SER A 537 -8.98 -22.34 -15.37
C SER A 537 -8.15 -21.73 -16.48
N HIS A 538 -7.46 -20.63 -16.22
CA HIS A 538 -6.69 -19.93 -17.26
C HIS A 538 -5.25 -19.83 -16.81
N ASP A 539 -4.46 -19.07 -17.56
CA ASP A 539 -3.13 -18.71 -17.10
C ASP A 539 -3.25 -17.84 -15.84
N ALA A 540 -2.14 -17.72 -15.11
CA ALA A 540 -2.16 -17.05 -13.81
C ALA A 540 -2.65 -15.61 -13.92
N SER A 541 -2.28 -14.91 -14.99
CA SER A 541 -2.63 -13.50 -15.14
C SER A 541 -4.12 -13.33 -15.35
N THR A 542 -4.68 -14.04 -16.34
CA THR A 542 -6.11 -14.03 -16.52
C THR A 542 -6.82 -14.44 -15.23
N ASN A 543 -6.33 -15.49 -14.56
CA ASN A 543 -6.92 -15.88 -13.27
C ASN A 543 -6.84 -14.76 -12.26
N GLY A 544 -5.63 -14.21 -12.09
CA GLY A 544 -5.40 -13.15 -11.12
C GLY A 544 -6.22 -11.90 -11.36
N LEU A 545 -6.37 -11.50 -12.64
CA LEU A 545 -7.24 -10.38 -12.97
C LEU A 545 -8.69 -10.68 -12.70
N ILE A 546 -9.14 -11.88 -13.06
CA ILE A 546 -10.54 -12.21 -12.81
C ILE A 546 -10.80 -12.15 -11.31
N ASN A 547 -9.88 -12.66 -10.51
CA ASN A 547 -10.16 -12.70 -9.07
C ASN A 547 -10.08 -11.31 -8.46
N PHE A 548 -9.20 -10.44 -8.96
CA PHE A 548 -9.24 -9.05 -8.52
C PHE A 548 -10.56 -8.39 -8.91
N ILE A 549 -11.07 -8.68 -10.11
CA ILE A 549 -12.38 -8.13 -10.46
C ILE A 549 -13.43 -8.62 -9.47
N LYS A 550 -13.41 -9.91 -9.15
CA LYS A 550 -14.37 -10.43 -8.16
C LYS A 550 -14.22 -9.78 -6.80
N GLN A 551 -12.97 -9.55 -6.35
CA GLN A 551 -12.77 -8.91 -5.05
C GLN A 551 -13.37 -7.50 -5.03
N GLN A 552 -13.26 -6.77 -6.15
CA GLN A 552 -13.53 -5.35 -6.13
C GLN A 552 -14.92 -4.96 -6.59
N ARG A 553 -15.74 -5.93 -7.01
CA ARG A 553 -17.16 -5.64 -7.15
C ARG A 553 -17.71 -5.25 -5.78
N ALA B 2 26.08 9.02 -26.28
CA ALA B 2 25.04 9.55 -25.36
C ALA B 2 25.07 8.77 -24.06
N ALA B 3 24.57 9.39 -23.00
CA ALA B 3 24.65 8.78 -21.66
C ALA B 3 24.17 7.34 -21.67
N LEU B 4 22.97 7.10 -22.21
CA LEU B 4 22.38 5.78 -22.09
C LEU B 4 23.24 4.71 -22.76
N THR B 5 23.74 5.02 -23.95
CA THR B 5 24.57 4.08 -24.70
C THR B 5 25.84 3.73 -23.93
N ARG B 6 26.41 4.68 -23.22
CA ARG B 6 27.62 4.43 -22.45
C ARG B 6 27.37 3.72 -21.12
N ASP B 7 26.10 3.46 -20.77
CA ASP B 7 25.81 3.02 -19.41
C ASP B 7 26.04 1.51 -19.29
N PRO B 8 26.81 1.05 -18.30
CA PRO B 8 27.14 -0.38 -18.23
C PRO B 8 25.94 -1.26 -17.95
N GLN B 9 24.91 -0.75 -17.29
CA GLN B 9 23.71 -1.56 -17.10
C GLN B 9 22.94 -1.68 -18.41
N PHE B 10 22.90 -0.61 -19.19
CA PHE B 10 22.25 -0.72 -20.48
C PHE B 10 22.93 -1.78 -21.35
N GLN B 11 24.27 -1.78 -21.38
CA GLN B 11 24.97 -2.75 -22.22
C GLN B 11 24.71 -4.18 -21.76
N LYS B 12 24.59 -4.41 -20.44
CA LYS B 12 24.26 -5.76 -19.97
C LYS B 12 22.87 -6.18 -20.45
N LEU B 13 21.93 -5.24 -20.42
CA LEU B 13 20.58 -5.52 -20.91
C LEU B 13 20.59 -5.86 -22.40
N GLN B 14 21.27 -5.05 -23.19
CA GLN B 14 21.47 -5.36 -24.60
C GLN B 14 22.08 -6.75 -24.78
N GLN B 15 23.21 -7.00 -24.10
CA GLN B 15 23.89 -8.29 -24.24
C GLN B 15 22.97 -9.45 -23.91
N TRP B 16 22.25 -9.35 -22.79
CA TRP B 16 21.28 -10.38 -22.42
C TRP B 16 20.22 -10.56 -23.51
N TYR B 17 19.77 -9.45 -24.10
CA TYR B 17 18.76 -9.54 -25.15
C TYR B 17 19.29 -10.35 -26.33
N ARG B 18 20.56 -10.16 -26.69
CA ARG B 18 21.12 -10.91 -27.81
C ARG B 18 21.22 -12.40 -27.51
N GLU B 19 21.61 -12.75 -26.26
CA GLU B 19 21.81 -14.15 -25.90
C GLU B 19 20.51 -14.89 -25.65
N HIS B 20 19.50 -14.24 -25.08
CA HIS B 20 18.39 -14.97 -24.48
C HIS B 20 17.00 -14.56 -24.97
N ARG B 21 16.90 -13.61 -25.89
CA ARG B 21 15.63 -13.22 -26.47
C ARG B 21 14.73 -14.42 -26.76
N SER B 22 15.34 -15.57 -27.06
CA SER B 22 14.58 -16.75 -27.46
C SER B 22 13.84 -17.41 -26.30
N GLU B 23 14.24 -17.13 -25.06
CA GLU B 23 13.60 -17.71 -23.89
C GLU B 23 12.31 -16.99 -23.51
N LEU B 24 11.91 -15.96 -24.26
CA LEU B 24 10.82 -15.10 -23.88
C LEU B 24 9.55 -15.46 -24.66
N ASN B 25 9.00 -16.64 -24.35
CA ASN B 25 7.71 -17.06 -24.86
C ASN B 25 6.71 -17.12 -23.70
N LEU B 26 5.65 -16.31 -23.78
CA LEU B 26 4.72 -16.19 -22.67
C LEU B 26 4.02 -17.51 -22.37
N ARG B 27 3.58 -18.21 -23.40
CA ARG B 27 2.97 -19.53 -23.23
C ARG B 27 3.84 -20.41 -22.34
N ARG B 28 5.15 -20.46 -22.62
CA ARG B 28 6.05 -21.30 -21.81
C ARG B 28 6.29 -20.70 -20.44
N LEU B 29 6.49 -19.39 -20.35
CA LEU B 29 6.80 -18.80 -19.05
C LEU B 29 5.68 -19.03 -18.05
N PHE B 30 4.42 -18.87 -18.46
CA PHE B 30 3.31 -19.05 -17.53
C PHE B 30 3.12 -20.52 -17.17
N ASP B 31 3.53 -21.41 -18.07
CA ASP B 31 3.43 -22.83 -17.78
C ASP B 31 4.50 -23.28 -16.79
N ALA B 32 5.64 -22.61 -16.77
CA ALA B 32 6.76 -22.99 -15.91
C ALA B 32 6.81 -22.16 -14.62
N ASN B 33 5.81 -21.33 -14.36
CA ASN B 33 5.83 -20.50 -13.16
C ASN B 33 4.38 -20.20 -12.81
N LYS B 34 3.76 -21.11 -12.06
CA LYS B 34 2.39 -20.92 -11.60
C LYS B 34 2.20 -19.62 -10.84
N ASP B 35 3.29 -19.04 -10.33
CA ASP B 35 3.27 -17.84 -9.51
C ASP B 35 3.60 -16.59 -10.29
N ARG B 36 3.61 -16.67 -11.63
CA ARG B 36 4.08 -15.55 -12.44
C ARG B 36 3.27 -14.29 -12.16
N PHE B 37 1.95 -14.41 -12.05
CA PHE B 37 1.12 -13.23 -11.83
C PHE B 37 1.48 -12.51 -10.55
N ASN B 38 1.65 -13.28 -9.46
CA ASN B 38 1.98 -12.65 -8.18
C ASN B 38 3.34 -11.97 -8.26
N HIS B 39 4.29 -12.59 -8.96
CA HIS B 39 5.64 -12.04 -9.06
C HIS B 39 5.73 -10.81 -9.95
N PHE B 40 4.79 -10.63 -10.90
CA PHE B 40 4.89 -9.61 -11.93
C PHE B 40 3.65 -8.73 -11.94
N SER B 41 3.24 -8.31 -10.74
CA SER B 41 2.07 -7.46 -10.58
C SER B 41 2.19 -6.67 -9.28
N LEU B 42 1.42 -5.59 -9.21
CA LEU B 42 1.41 -4.67 -8.08
C LEU B 42 -0.05 -4.37 -7.73
N THR B 43 -0.36 -4.34 -6.45
CA THR B 43 -1.67 -3.90 -6.00
C THR B 43 -1.48 -2.69 -5.11
N LEU B 44 -2.16 -1.62 -5.45
CA LEU B 44 -2.05 -0.33 -4.78
C LEU B 44 -3.37 -0.06 -4.09
N ASN B 45 -3.35 0.08 -2.75
CA ASN B 45 -4.54 0.54 -2.03
C ASN B 45 -4.40 2.03 -1.77
N THR B 46 -5.19 2.83 -2.46
CA THR B 46 -5.17 4.28 -2.33
C THR B 46 -6.04 4.80 -1.22
N ASN B 47 -6.84 3.92 -0.60
CA ASN B 47 -7.89 4.20 0.35
C ASN B 47 -9.16 4.71 -0.33
N HIS B 48 -9.13 4.95 -1.65
CA HIS B 48 -10.28 5.40 -2.45
C HIS B 48 -10.39 4.55 -3.71
N GLY B 49 -9.99 3.30 -3.59
CA GLY B 49 -10.01 2.35 -4.68
C GLY B 49 -8.65 1.68 -4.73
N HIS B 50 -8.63 0.46 -5.22
CA HIS B 50 -7.42 -0.28 -5.54
C HIS B 50 -7.08 -0.17 -7.03
N ILE B 51 -5.78 -0.25 -7.31
CA ILE B 51 -5.25 -0.30 -8.66
C ILE B 51 -4.39 -1.54 -8.77
N LEU B 52 -4.73 -2.43 -9.69
CA LEU B 52 -3.92 -3.59 -10.02
C LEU B 52 -3.13 -3.29 -11.30
N VAL B 53 -1.82 -3.26 -11.18
CA VAL B 53 -0.94 -3.10 -12.34
C VAL B 53 -0.33 -4.47 -12.63
N ASP B 54 -0.90 -5.18 -13.59
CA ASP B 54 -0.47 -6.52 -13.93
C ASP B 54 0.40 -6.44 -15.18
N TYR B 55 1.72 -6.55 -14.97
CA TYR B 55 2.70 -6.53 -16.05
C TYR B 55 3.26 -7.92 -16.30
N SER B 56 2.52 -8.96 -15.91
CA SER B 56 3.05 -10.31 -16.04
C SER B 56 2.98 -10.84 -17.49
N LYS B 57 2.17 -10.25 -18.37
CA LYS B 57 2.12 -10.69 -19.76
C LYS B 57 3.11 -9.94 -20.63
N ASN B 58 4.24 -9.55 -20.06
CA ASN B 58 5.31 -8.89 -20.77
C ASN B 58 6.46 -9.87 -20.96
N LEU B 59 7.31 -9.55 -21.92
CA LEU B 59 8.39 -10.46 -22.29
C LEU B 59 9.60 -10.16 -21.40
N VAL B 60 9.42 -10.47 -20.13
CA VAL B 60 10.45 -10.28 -19.11
C VAL B 60 10.51 -11.54 -18.26
N THR B 61 11.66 -11.77 -17.67
CA THR B 61 11.86 -12.73 -16.59
C THR B 61 12.28 -11.95 -15.36
N GLU B 62 12.47 -12.66 -14.25
CA GLU B 62 12.88 -11.97 -13.03
C GLU B 62 14.27 -11.38 -13.20
N ASP B 63 15.16 -12.07 -13.93
CA ASP B 63 16.45 -11.49 -14.25
C ASP B 63 16.30 -10.21 -15.06
N VAL B 64 15.37 -10.16 -16.02
CA VAL B 64 15.29 -8.96 -16.85
C VAL B 64 14.85 -7.76 -16.00
N MET B 65 13.89 -7.97 -15.08
CA MET B 65 13.42 -6.85 -14.26
C MET B 65 14.47 -6.38 -13.27
N ARG B 66 15.32 -7.28 -12.77
CA ARG B 66 16.43 -6.84 -11.93
C ARG B 66 17.40 -5.98 -12.73
N MET B 67 17.75 -6.41 -13.95
CA MET B 67 18.60 -5.59 -14.82
C MET B 67 17.96 -4.26 -15.15
N LEU B 68 16.62 -4.23 -15.35
CA LEU B 68 15.97 -2.97 -15.67
C LEU B 68 15.98 -2.03 -14.47
N VAL B 69 15.71 -2.55 -13.27
CA VAL B 69 15.85 -1.72 -12.07
C VAL B 69 17.29 -1.24 -11.86
N ASP B 70 18.28 -2.10 -12.15
CA ASP B 70 19.67 -1.64 -12.07
C ASP B 70 19.92 -0.49 -13.04
N LEU B 71 19.25 -0.48 -14.20
CA LEU B 71 19.40 0.63 -15.16
C LEU B 71 18.85 1.93 -14.57
N ALA B 72 17.66 1.89 -13.96
CA ALA B 72 17.09 3.09 -13.33
C ALA B 72 18.00 3.62 -12.23
N LYS B 73 18.57 2.73 -11.42
CA LYS B 73 19.56 3.16 -10.45
C LYS B 73 20.76 3.79 -11.15
N SER B 74 21.31 3.10 -12.15
CA SER B 74 22.52 3.60 -12.82
C SER B 74 22.29 4.98 -13.45
N ARG B 75 21.09 5.21 -13.99
CA ARG B 75 20.80 6.48 -14.66
C ARG B 75 20.34 7.57 -13.68
N GLY B 76 20.36 7.31 -12.37
CA GLY B 76 19.99 8.34 -11.41
C GLY B 76 18.52 8.74 -11.36
N VAL B 77 17.60 7.78 -11.52
CA VAL B 77 16.18 8.13 -11.50
C VAL B 77 15.80 8.75 -10.16
N GLU B 78 16.22 8.12 -9.05
CA GLU B 78 15.77 8.61 -7.74
C GLU B 78 16.29 10.00 -7.45
N ALA B 79 17.55 10.29 -7.77
CA ALA B 79 18.03 11.63 -7.48
C ALA B 79 17.39 12.66 -8.41
N ALA B 80 17.16 12.29 -9.67
CA ALA B 80 16.39 13.18 -10.55
C ALA B 80 15.00 13.42 -9.99
N ARG B 81 14.35 12.39 -9.46
CA ARG B 81 13.01 12.59 -8.86
C ARG B 81 13.05 13.62 -7.73
N GLU B 82 14.04 13.53 -6.85
CA GLU B 82 14.10 14.47 -5.73
C GLU B 82 14.34 15.89 -6.22
N ARG B 83 15.15 16.05 -7.25
CA ARG B 83 15.32 17.39 -7.83
C ARG B 83 13.99 17.95 -8.33
N MET B 84 13.16 17.13 -8.95
CA MET B 84 11.87 17.66 -9.37
C MET B 84 11.04 18.10 -8.17
N PHE B 85 10.87 17.20 -7.20
CA PHE B 85 9.96 17.50 -6.10
C PHE B 85 10.46 18.63 -5.25
N ASN B 86 11.77 18.88 -5.24
CA ASN B 86 12.38 19.90 -4.41
C ASN B 86 12.39 21.27 -5.05
N GLY B 87 11.94 21.41 -6.30
CA GLY B 87 11.87 22.70 -6.93
C GLY B 87 13.11 23.14 -7.67
N GLU B 88 14.03 22.22 -7.95
CA GLU B 88 15.21 22.56 -8.73
C GLU B 88 14.84 22.76 -10.20
N LYS B 89 15.68 23.53 -10.91
CA LYS B 89 15.37 23.97 -12.27
C LYS B 89 15.82 22.88 -13.25
N ILE B 90 15.06 21.77 -13.22
CA ILE B 90 15.42 20.61 -14.02
C ILE B 90 15.00 20.76 -15.48
N ASN B 91 14.17 21.76 -15.80
CA ASN B 91 13.90 22.10 -17.21
C ASN B 91 15.09 22.97 -17.63
N TYR B 92 16.18 22.31 -18.00
CA TYR B 92 17.45 23.00 -18.08
C TYR B 92 17.60 23.84 -19.34
N THR B 93 16.84 23.56 -20.39
CA THR B 93 16.94 24.41 -21.57
C THR B 93 16.23 25.74 -21.34
N GLU B 94 15.14 25.75 -20.55
CA GLU B 94 14.41 26.98 -20.29
C GLU B 94 14.74 27.60 -18.95
N GLY B 95 15.54 26.93 -18.13
CA GLY B 95 15.89 27.46 -16.82
C GLY B 95 14.70 27.50 -15.90
N ARG B 96 13.84 26.49 -15.98
CA ARG B 96 12.63 26.44 -15.16
C ARG B 96 12.60 25.24 -14.21
N ALA B 97 11.97 25.46 -13.07
CA ALA B 97 11.50 24.36 -12.25
C ALA B 97 10.38 23.62 -13.00
N VAL B 98 10.04 22.43 -12.49
CA VAL B 98 8.99 21.56 -13.02
C VAL B 98 8.17 21.11 -11.81
N LEU B 99 7.03 21.75 -11.60
CA LEU B 99 6.32 21.57 -10.34
C LEU B 99 4.81 21.44 -10.55
N HIS B 100 4.43 20.55 -11.48
CA HIS B 100 3.02 20.15 -11.48
C HIS B 100 2.71 19.41 -10.18
N VAL B 101 3.71 18.79 -9.54
CA VAL B 101 3.46 18.15 -8.23
C VAL B 101 3.06 19.18 -7.17
N ALA B 102 3.60 20.39 -7.24
CA ALA B 102 3.18 21.43 -6.30
C ALA B 102 1.70 21.78 -6.44
N LEU B 103 1.14 21.69 -7.66
CA LEU B 103 -0.25 22.09 -7.86
C LEU B 103 -1.24 21.22 -7.07
N ARG B 104 -0.91 19.94 -6.90
CA ARG B 104 -1.76 18.99 -6.18
C ARG B 104 -1.16 18.63 -4.82
N ASN B 105 -0.37 19.51 -4.22
CA ASN B 105 0.38 19.14 -3.00
C ASN B 105 -0.54 19.42 -1.83
N ARG B 106 -1.46 18.48 -1.62
CA ARG B 106 -2.50 18.67 -0.60
C ARG B 106 -1.92 18.79 0.80
N SER B 107 -0.73 18.25 1.03
CA SER B 107 -0.09 18.29 2.35
C SER B 107 0.37 19.69 2.70
N ASN B 108 0.52 20.55 1.70
CA ASN B 108 1.03 21.90 1.84
C ASN B 108 2.43 21.96 2.42
N THR B 109 3.15 20.85 2.41
CA THR B 109 4.55 20.88 2.78
C THR B 109 5.29 21.84 1.86
N PRO B 110 6.12 22.74 2.39
CA PRO B 110 6.71 23.77 1.54
C PRO B 110 7.49 23.19 0.37
N ILE B 111 7.38 23.86 -0.79
CA ILE B 111 8.17 23.55 -1.98
C ILE B 111 8.80 24.85 -2.47
N LEU B 112 10.12 24.93 -2.46
CA LEU B 112 10.81 26.19 -2.66
C LEU B 112 11.33 26.31 -4.08
N VAL B 113 11.00 27.39 -4.75
CA VAL B 113 11.65 27.79 -5.99
C VAL B 113 12.35 29.12 -5.73
N ASP B 114 13.66 29.16 -5.93
CA ASP B 114 14.42 30.38 -5.63
C ASP B 114 14.25 30.76 -4.17
N GLY B 115 14.23 29.73 -3.31
CA GLY B 115 14.04 29.87 -1.89
C GLY B 115 12.68 30.37 -1.42
N LYS B 116 11.67 30.41 -2.29
CA LYS B 116 10.36 30.93 -1.91
C LYS B 116 9.31 29.84 -2.06
N ASP B 117 8.48 29.67 -1.05
CA ASP B 117 7.47 28.61 -1.05
C ASP B 117 6.42 28.94 -2.09
N VAL B 118 6.13 27.99 -2.99
CA VAL B 118 5.12 28.26 -4.02
C VAL B 118 3.73 27.93 -3.54
N MET B 119 3.58 27.23 -2.40
CA MET B 119 2.25 26.76 -2.06
C MET B 119 1.31 27.86 -1.61
N PRO B 120 1.76 28.97 -1.05
CA PRO B 120 0.78 30.04 -0.81
C PRO B 120 0.11 30.50 -2.08
N GLU B 121 0.86 30.71 -3.16
CA GLU B 121 0.23 31.22 -4.39
C GLU B 121 -0.61 30.14 -5.06
N VAL B 122 -0.19 28.88 -4.99
CA VAL B 122 -1.00 27.78 -5.53
C VAL B 122 -2.37 27.74 -4.87
N ASN B 123 -2.39 27.89 -3.53
CA ASN B 123 -3.62 27.79 -2.75
C ASN B 123 -4.44 29.06 -2.84
N LYS B 124 -3.79 30.21 -3.06
CA LYS B 124 -4.56 31.42 -3.32
C LYS B 124 -5.37 31.28 -4.63
N VAL B 125 -4.76 30.74 -5.68
CA VAL B 125 -5.51 30.57 -6.93
C VAL B 125 -6.56 29.50 -6.77
N LEU B 126 -6.23 28.40 -6.08
CA LEU B 126 -7.24 27.38 -5.85
C LEU B 126 -8.43 27.96 -5.10
N ASP B 127 -8.20 28.79 -4.09
CA ASP B 127 -9.31 29.42 -3.38
C ASP B 127 -10.13 30.30 -4.32
N LYS B 128 -9.46 30.96 -5.25
CA LYS B 128 -10.15 31.79 -6.21
C LYS B 128 -10.99 30.96 -7.14
N MET B 129 -10.47 29.81 -7.62
CA MET B 129 -11.34 28.97 -8.42
C MET B 129 -12.49 28.44 -7.59
N LYS B 130 -12.25 28.00 -6.35
CA LYS B 130 -13.34 27.47 -5.54
C LYS B 130 -14.48 28.47 -5.44
N SER B 131 -14.16 29.72 -5.12
CA SER B 131 -15.20 30.75 -4.96
C SER B 131 -15.92 31.07 -6.26
N PHE B 132 -15.17 31.18 -7.36
CA PHE B 132 -15.80 31.45 -8.65
C PHE B 132 -16.71 30.32 -9.06
N CYS B 133 -16.24 29.07 -8.90
CA CYS B 133 -17.07 27.91 -9.24
C CYS B 133 -18.35 27.91 -8.42
N GLN B 134 -18.26 28.23 -7.13
CA GLN B 134 -19.46 28.29 -6.30
C GLN B 134 -20.45 29.29 -6.87
N ARG B 135 -19.95 30.46 -7.29
CA ARG B 135 -20.84 31.53 -7.72
C ARG B 135 -21.47 31.22 -9.06
N VAL B 136 -20.69 30.67 -9.99
CA VAL B 136 -21.19 30.33 -11.32
C VAL B 136 -22.20 29.20 -11.22
N ARG B 137 -21.85 28.14 -10.49
CA ARG B 137 -22.70 26.95 -10.49
C ARG B 137 -24.00 27.21 -9.76
N SER B 138 -23.97 28.07 -8.76
CA SER B 138 -25.17 28.35 -7.96
C SER B 138 -26.11 29.29 -8.68
N GLY B 139 -25.63 29.98 -9.71
CA GLY B 139 -26.43 30.96 -10.40
C GLY B 139 -26.31 32.34 -9.81
N ASP B 140 -25.44 32.51 -8.83
CA ASP B 140 -25.20 33.83 -8.26
C ASP B 140 -24.40 34.73 -9.20
N TRP B 141 -23.51 34.15 -10.01
CA TRP B 141 -22.85 34.87 -11.09
C TRP B 141 -23.84 34.99 -12.24
N LYS B 142 -24.29 36.20 -12.54
CA LYS B 142 -25.26 36.47 -13.59
C LYS B 142 -24.56 37.03 -14.84
N GLY B 143 -25.12 36.67 -16.00
CA GLY B 143 -24.75 37.30 -17.26
C GLY B 143 -25.28 38.71 -17.34
N TYR B 144 -25.00 39.34 -18.48
CA TYR B 144 -25.27 40.77 -18.66
C TYR B 144 -26.76 41.10 -18.78
N THR B 145 -27.64 40.11 -18.96
CA THR B 145 -29.08 40.35 -18.89
C THR B 145 -29.71 39.78 -17.62
N GLY B 146 -28.88 39.29 -16.70
CA GLY B 146 -29.35 38.77 -15.43
C GLY B 146 -29.66 37.30 -15.43
N LYS B 147 -29.25 36.56 -16.45
CA LYS B 147 -29.47 35.12 -16.47
C LYS B 147 -28.30 34.38 -15.84
N THR B 148 -28.59 33.17 -15.37
CA THR B 148 -27.52 32.30 -14.89
C THR B 148 -26.75 31.70 -16.08
N ILE B 149 -25.55 31.17 -15.80
CA ILE B 149 -24.67 30.67 -16.84
C ILE B 149 -25.05 29.21 -17.09
N THR B 150 -25.30 28.86 -18.35
CA THR B 150 -25.64 27.50 -18.69
C THR B 150 -24.59 26.80 -19.50
N ASP B 151 -23.68 27.54 -20.12
CA ASP B 151 -22.66 26.98 -20.99
C ASP B 151 -21.34 27.64 -20.67
N VAL B 152 -20.29 26.83 -20.56
CA VAL B 152 -18.93 27.30 -20.34
C VAL B 152 -18.14 26.85 -21.55
N ILE B 153 -17.39 27.77 -22.15
CA ILE B 153 -16.64 27.48 -23.35
C ILE B 153 -15.17 27.76 -23.08
N ASN B 154 -14.37 26.70 -23.06
CA ASN B 154 -12.92 26.79 -22.98
C ASN B 154 -12.36 26.99 -24.39
N ILE B 155 -11.58 28.05 -24.54
CA ILE B 155 -10.93 28.40 -25.79
C ILE B 155 -9.44 28.26 -25.52
N GLY B 156 -8.80 27.28 -26.14
CA GLY B 156 -7.39 27.02 -25.85
C GLY B 156 -6.97 25.84 -26.69
N ILE B 157 -5.66 25.63 -26.79
CA ILE B 157 -5.17 24.56 -27.65
C ILE B 157 -4.04 23.82 -26.94
N GLY B 158 -3.87 22.54 -27.30
CA GLY B 158 -2.80 21.73 -26.80
C GLY B 158 -2.93 21.53 -25.31
N GLY B 159 -1.92 21.97 -24.56
CA GLY B 159 -1.95 21.81 -23.13
C GLY B 159 -3.06 22.55 -22.46
N SER B 160 -3.58 23.59 -23.10
CA SER B 160 -4.69 24.36 -22.57
C SER B 160 -6.05 23.83 -23.03
N ASP B 161 -6.11 22.63 -23.58
CA ASP B 161 -7.35 22.07 -24.12
C ASP B 161 -7.47 20.59 -23.78
N LEU B 162 -6.42 19.79 -24.06
CA LEU B 162 -6.57 18.34 -24.09
C LEU B 162 -6.91 17.80 -22.70
N GLY B 163 -6.27 18.34 -21.66
CA GLY B 163 -6.46 17.82 -20.33
C GLY B 163 -7.86 18.04 -19.81
N PRO B 164 -8.26 19.30 -19.76
CA PRO B 164 -9.63 19.59 -19.33
C PRO B 164 -10.67 18.84 -20.15
N LEU B 165 -10.48 18.70 -21.47
CA LEU B 165 -11.47 17.99 -22.27
C LEU B 165 -11.50 16.52 -21.90
N MET B 166 -10.34 15.90 -21.79
CA MET B 166 -10.31 14.48 -21.46
C MET B 166 -10.90 14.23 -20.07
N VAL B 167 -10.65 15.12 -19.10
CA VAL B 167 -11.14 14.89 -17.73
C VAL B 167 -12.66 15.12 -17.66
N THR B 168 -13.15 16.20 -18.28
CA THR B 168 -14.60 16.42 -18.26
C THR B 168 -15.35 15.34 -19.04
N GLU B 169 -14.76 14.84 -20.12
CA GLU B 169 -15.32 13.65 -20.76
C GLU B 169 -15.38 12.47 -19.77
N ALA B 170 -14.27 12.20 -19.10
CA ALA B 170 -14.16 11.01 -18.26
C ALA B 170 -15.02 11.11 -17.01
N LEU B 171 -15.27 12.31 -16.49
CA LEU B 171 -16.02 12.48 -15.25
C LEU B 171 -17.44 13.00 -15.50
N LYS B 172 -17.97 12.76 -16.69
CA LYS B 172 -19.32 13.21 -17.04
C LYS B 172 -20.38 12.84 -16.01
N PRO B 173 -20.37 11.64 -15.43
CA PRO B 173 -21.34 11.32 -14.37
C PRO B 173 -21.31 12.26 -13.19
N TYR B 174 -20.28 13.10 -13.03
CA TYR B 174 -20.13 13.92 -11.83
C TYR B 174 -20.56 15.36 -12.07
N SER B 175 -21.15 15.64 -13.22
CA SER B 175 -21.48 16.99 -13.62
C SER B 175 -22.94 17.36 -13.44
N SER B 176 -23.73 16.57 -12.73
CA SER B 176 -25.09 17.01 -12.42
C SER B 176 -25.02 18.39 -11.77
N GLY B 177 -25.89 19.29 -12.23
CA GLY B 177 -25.89 20.64 -11.69
C GLY B 177 -24.75 21.54 -12.14
N GLY B 178 -23.88 21.08 -13.03
CA GLY B 178 -22.90 21.97 -13.60
C GLY B 178 -23.36 22.51 -14.93
N PRO B 179 -22.75 23.60 -15.38
CA PRO B 179 -23.00 24.07 -16.75
C PRO B 179 -22.46 23.08 -17.76
N ARG B 180 -23.02 23.13 -18.95
CA ARG B 180 -22.45 22.43 -20.09
C ARG B 180 -21.09 23.03 -20.39
N VAL B 181 -20.15 22.20 -20.79
CA VAL B 181 -18.80 22.64 -21.14
C VAL B 181 -18.52 22.32 -22.62
N TRP B 182 -17.91 23.28 -23.30
CA TRP B 182 -17.55 23.17 -24.70
C TRP B 182 -16.09 23.51 -24.84
N TYR B 183 -15.42 22.85 -25.79
CA TYR B 183 -13.98 23.04 -25.98
C TYR B 183 -13.76 23.44 -27.42
N VAL B 184 -13.27 24.66 -27.60
CA VAL B 184 -12.94 25.22 -28.92
C VAL B 184 -11.43 25.35 -28.94
N SER B 185 -10.78 24.67 -29.88
CA SER B 185 -9.31 24.67 -29.91
C SER B 185 -8.76 24.98 -31.30
N ASN B 186 -9.29 24.33 -32.33
CA ASN B 186 -8.70 24.47 -33.68
C ASN B 186 -8.83 25.91 -34.18
N ILE B 187 -7.84 26.37 -34.97
CA ILE B 187 -8.04 27.66 -35.62
C ILE B 187 -9.10 27.53 -36.71
N ASP B 188 -9.21 26.36 -37.33
CA ASP B 188 -10.27 26.08 -38.31
C ASP B 188 -11.57 26.67 -37.82
N GLY B 189 -12.07 27.65 -38.55
CA GLY B 189 -13.25 28.40 -38.14
C GLY B 189 -14.48 27.54 -37.95
N THR B 190 -14.51 26.33 -38.51
CA THR B 190 -15.59 25.39 -38.23
C THR B 190 -15.79 25.25 -36.73
N HIS B 191 -14.70 25.09 -35.99
CA HIS B 191 -14.80 24.76 -34.57
C HIS B 191 -15.54 25.85 -33.81
N ILE B 192 -15.05 27.08 -33.82
CA ILE B 192 -15.78 28.13 -33.10
C ILE B 192 -17.17 28.34 -33.71
N ALA B 193 -17.31 28.25 -35.05
CA ALA B 193 -18.58 28.60 -35.69
C ALA B 193 -19.71 27.66 -35.27
N LYS B 194 -19.49 26.36 -35.36
CA LYS B 194 -20.49 25.38 -34.98
C LYS B 194 -20.80 25.40 -33.48
N THR B 195 -19.87 25.92 -32.66
CA THR B 195 -20.11 26.08 -31.22
C THR B 195 -20.95 27.32 -30.93
N LEU B 196 -20.55 28.45 -31.48
CA LEU B 196 -21.30 29.68 -31.22
C LEU B 196 -22.73 29.57 -31.71
N ALA B 197 -22.97 28.75 -32.75
CA ALA B 197 -24.33 28.65 -33.30
C ALA B 197 -25.30 27.99 -32.36
N GLN B 198 -24.78 27.28 -31.36
CA GLN B 198 -25.57 26.58 -30.38
C GLN B 198 -25.63 27.32 -29.04
N LEU B 199 -25.18 28.55 -28.98
CA LEU B 199 -25.08 29.26 -27.71
C LEU B 199 -25.88 30.56 -27.70
N ASN B 200 -26.29 30.95 -26.50
CA ASN B 200 -26.86 32.27 -26.23
C ASN B 200 -25.81 33.14 -25.57
N PRO B 201 -25.43 34.30 -26.13
CA PRO B 201 -24.38 35.11 -25.48
C PRO B 201 -24.72 35.48 -24.04
N GLU B 202 -26.01 35.52 -23.70
CA GLU B 202 -26.48 36.01 -22.42
C GLU B 202 -26.19 35.05 -21.29
N SER B 203 -25.99 33.79 -21.61
CA SER B 203 -25.83 32.75 -20.61
C SER B 203 -24.55 31.93 -20.82
N SER B 204 -23.62 32.47 -21.58
CA SER B 204 -22.39 31.78 -21.96
C SER B 204 -21.21 32.45 -21.28
N LEU B 205 -20.33 31.65 -20.67
CA LEU B 205 -19.10 32.12 -20.03
C LEU B 205 -17.91 31.58 -20.82
N PHE B 206 -17.08 32.47 -21.33
CA PHE B 206 -15.91 32.08 -22.10
C PHE B 206 -14.67 32.09 -21.21
N ILE B 207 -13.87 31.04 -21.32
CA ILE B 207 -12.63 30.86 -20.60
C ILE B 207 -11.50 30.86 -21.63
N ILE B 208 -10.62 31.84 -21.55
CA ILE B 208 -9.53 31.94 -22.53
C ILE B 208 -8.30 31.32 -21.86
N ALA B 209 -7.97 30.09 -22.24
CA ALA B 209 -6.90 29.32 -21.63
C ALA B 209 -5.66 29.39 -22.50
N SER B 210 -4.59 29.99 -21.96
CA SER B 210 -3.36 30.12 -22.72
C SER B 210 -2.27 30.54 -21.75
N LYS B 211 -1.29 29.64 -21.55
CA LYS B 211 -0.14 29.97 -20.72
C LYS B 211 0.49 31.30 -21.15
N THR B 212 0.80 31.41 -22.45
CA THR B 212 1.46 32.60 -22.99
C THR B 212 0.49 33.73 -23.26
N PHE B 213 -0.76 33.40 -23.55
CA PHE B 213 -1.75 34.35 -24.02
C PHE B 213 -1.29 35.04 -25.30
N THR B 214 -0.47 34.36 -26.08
CA THR B 214 -0.10 34.83 -27.41
C THR B 214 -0.35 33.81 -28.52
N THR B 215 -0.74 32.58 -28.20
CA THR B 215 -0.86 31.54 -29.21
C THR B 215 -1.88 31.99 -30.24
N GLN B 216 -1.52 31.92 -31.53
CA GLN B 216 -2.33 32.59 -32.53
C GLN B 216 -3.73 31.98 -32.60
N GLU B 217 -3.82 30.66 -32.57
CA GLU B 217 -5.14 30.03 -32.66
C GLU B 217 -6.07 30.48 -31.53
N THR B 218 -5.56 30.48 -30.30
CA THR B 218 -6.39 30.79 -29.14
C THR B 218 -6.78 32.25 -29.13
N ILE B 219 -5.84 33.14 -29.46
CA ILE B 219 -6.17 34.56 -29.43
C ILE B 219 -7.12 34.90 -30.56
N THR B 220 -6.94 34.31 -31.73
CA THR B 220 -7.88 34.57 -32.82
C THR B 220 -9.26 34.06 -32.44
N ASN B 221 -9.33 32.85 -31.90
CA ASN B 221 -10.61 32.30 -31.48
C ASN B 221 -11.25 33.18 -30.43
N ALA B 222 -10.43 33.68 -29.50
CA ALA B 222 -10.93 34.53 -28.44
C ALA B 222 -11.47 35.84 -28.99
N GLU B 223 -10.79 36.44 -29.98
CA GLU B 223 -11.28 37.68 -30.58
C GLU B 223 -12.57 37.46 -31.35
N THR B 224 -12.71 36.30 -32.01
CA THR B 224 -13.94 35.97 -32.71
C THR B 224 -15.11 35.80 -31.74
N ALA B 225 -14.88 35.08 -30.62
CA ALA B 225 -15.92 34.95 -29.62
C ALA B 225 -16.31 36.29 -29.03
N LYS B 226 -15.33 37.16 -28.76
CA LYS B 226 -15.67 38.46 -28.22
C LYS B 226 -16.44 39.32 -29.22
N GLU B 227 -16.11 39.23 -30.51
CA GLU B 227 -16.84 40.01 -31.49
C GLU B 227 -18.30 39.56 -31.56
N TRP B 228 -18.49 38.25 -31.62
CA TRP B 228 -19.81 37.64 -31.57
C TRP B 228 -20.58 38.07 -30.31
N PHE B 229 -19.90 38.04 -29.16
CA PHE B 229 -20.57 38.40 -27.90
C PHE B 229 -20.98 39.86 -27.90
N LEU B 230 -20.11 40.76 -28.35
CA LEU B 230 -20.43 42.17 -28.31
C LEU B 230 -21.43 42.57 -29.38
N GLN B 231 -21.55 41.77 -30.44
CA GLN B 231 -22.65 41.92 -31.39
C GLN B 231 -23.98 41.89 -30.68
N ALA B 232 -24.12 41.01 -29.69
CA ALA B 232 -25.33 40.91 -28.91
C ALA B 232 -25.37 41.94 -27.77
N ALA B 233 -24.31 42.07 -26.98
CA ALA B 233 -24.39 42.85 -25.75
C ALA B 233 -24.16 44.34 -25.98
N LYS B 234 -23.47 44.71 -27.04
CA LYS B 234 -23.28 46.10 -27.49
C LYS B 234 -22.72 47.00 -26.38
N ASP B 235 -22.12 46.44 -25.36
CA ASP B 235 -21.68 47.22 -24.20
C ASP B 235 -20.35 46.64 -23.72
N PRO B 236 -19.23 47.36 -23.88
CA PRO B 236 -17.93 46.75 -23.52
C PRO B 236 -17.87 46.25 -22.10
N SER B 237 -18.55 46.90 -21.17
CA SER B 237 -18.50 46.47 -19.79
C SER B 237 -19.17 45.11 -19.56
N ALA B 238 -19.92 44.59 -20.53
CA ALA B 238 -20.51 43.27 -20.32
C ALA B 238 -19.46 42.16 -20.45
N VAL B 239 -18.29 42.48 -21.03
CA VAL B 239 -17.25 41.46 -21.20
C VAL B 239 -16.77 40.93 -19.85
N ALA B 240 -16.71 41.80 -18.85
CA ALA B 240 -16.31 41.40 -17.51
C ALA B 240 -17.22 40.33 -16.89
N LYS B 241 -18.44 40.14 -17.38
CA LYS B 241 -19.33 39.12 -16.84
C LYS B 241 -19.28 37.80 -17.62
N HIS B 242 -18.57 37.76 -18.76
CA HIS B 242 -18.62 36.63 -19.66
C HIS B 242 -17.28 36.11 -20.17
N PHE B 243 -16.16 36.78 -19.85
CA PHE B 243 -14.81 36.37 -20.26
C PHE B 243 -13.89 36.37 -19.04
N VAL B 244 -13.28 35.22 -18.78
CA VAL B 244 -12.19 35.15 -17.83
C VAL B 244 -11.00 34.55 -18.55
N ALA B 245 -9.81 34.71 -17.94
CA ALA B 245 -8.56 34.22 -18.51
C ALA B 245 -7.82 33.30 -17.57
N LEU B 246 -7.20 32.24 -18.12
CA LEU B 246 -6.30 31.36 -17.38
C LEU B 246 -4.93 31.49 -18.03
N SER B 247 -3.99 32.16 -17.35
CA SER B 247 -2.74 32.49 -18.03
C SER B 247 -1.64 32.77 -17.02
N THR B 248 -0.42 32.92 -17.55
CA THR B 248 0.70 33.50 -16.81
C THR B 248 0.97 34.96 -17.19
N ASN B 249 0.34 35.47 -18.24
CA ASN B 249 0.76 36.71 -18.88
C ASN B 249 -0.27 37.81 -18.60
N THR B 250 -0.09 38.45 -17.44
CA THR B 250 -1.03 39.48 -17.01
C THR B 250 -1.13 40.60 -18.04
N THR B 251 -0.01 40.98 -18.65
CA THR B 251 0.01 42.11 -19.57
C THR B 251 -0.87 41.85 -20.78
N LYS B 252 -0.71 40.67 -21.40
CA LYS B 252 -1.49 40.38 -22.60
C LYS B 252 -2.96 40.12 -22.27
N VAL B 253 -3.27 39.65 -21.05
CA VAL B 253 -4.66 39.45 -20.66
C VAL B 253 -5.36 40.79 -20.57
N LYS B 254 -4.72 41.78 -19.94
CA LYS B 254 -5.28 43.13 -19.90
C LYS B 254 -5.43 43.71 -21.30
N GLU B 255 -4.42 43.52 -22.17
CA GLU B 255 -4.50 44.10 -23.51
C GLU B 255 -5.63 43.48 -24.33
N PHE B 256 -5.96 42.22 -24.07
CA PHE B 256 -7.13 41.61 -24.69
C PHE B 256 -8.44 42.16 -24.12
N GLY B 257 -8.38 42.81 -22.97
CA GLY B 257 -9.56 43.46 -22.42
C GLY B 257 -10.25 42.68 -21.34
N ILE B 258 -9.57 41.72 -20.71
CA ILE B 258 -10.12 40.95 -19.61
C ILE B 258 -9.70 41.61 -18.31
N ASP B 259 -10.68 41.79 -17.41
CA ASP B 259 -10.44 42.49 -16.15
C ASP B 259 -9.39 41.68 -15.36
N PRO B 260 -8.47 42.28 -14.64
CA PRO B 260 -7.50 41.57 -13.84
C PRO B 260 -8.12 40.74 -12.71
N GLN B 261 -9.26 41.12 -12.13
CA GLN B 261 -9.99 40.25 -11.23
C GLN B 261 -10.48 38.98 -11.92
N ASN B 262 -10.44 38.94 -13.25
CA ASN B 262 -10.95 37.79 -13.98
C ASN B 262 -9.82 36.91 -14.49
N MET B 263 -8.61 37.09 -13.98
CA MET B 263 -7.50 36.28 -14.42
C MET B 263 -7.12 35.30 -13.29
N PHE B 264 -7.05 34.03 -13.65
CA PHE B 264 -6.64 32.93 -12.76
C PHE B 264 -5.23 32.53 -13.18
N GLU B 265 -4.27 32.74 -12.28
CA GLU B 265 -2.86 32.65 -12.65
C GLU B 265 -2.29 31.26 -12.44
N PHE B 266 -1.33 30.90 -13.29
CA PHE B 266 -0.39 29.84 -12.96
C PHE B 266 1.01 30.41 -13.26
N TRP B 267 1.99 29.52 -13.37
CA TRP B 267 3.41 29.88 -13.22
C TRP B 267 4.21 29.18 -14.30
N ASP B 268 5.42 29.69 -14.55
CA ASP B 268 6.21 29.16 -15.66
C ASP B 268 6.60 27.71 -15.44
N TRP B 269 6.68 27.24 -14.18
CA TRP B 269 7.02 25.86 -13.85
C TRP B 269 5.83 24.89 -13.97
N VAL B 270 4.70 25.37 -14.50
CA VAL B 270 3.62 24.51 -14.96
C VAL B 270 3.71 24.35 -16.46
N GLY B 271 4.17 23.18 -16.91
CA GLY B 271 4.17 22.88 -18.34
C GLY B 271 2.76 22.67 -18.86
N GLY B 272 2.51 23.11 -20.09
CA GLY B 272 1.14 23.07 -20.57
C GLY B 272 0.57 21.67 -20.57
N ARG B 273 1.38 20.69 -20.95
CA ARG B 273 0.88 19.33 -20.98
C ARG B 273 0.83 18.69 -19.59
N TYR B 274 1.19 19.48 -18.56
CA TYR B 274 1.09 19.10 -17.15
C TYR B 274 0.21 20.08 -16.38
N SER B 275 -0.70 20.76 -17.07
CA SER B 275 -1.32 21.95 -16.51
C SER B 275 -2.76 21.77 -16.04
N LEU B 276 -3.41 20.64 -16.29
CA LEU B 276 -4.83 20.52 -15.92
C LEU B 276 -5.03 20.63 -14.41
N TRP B 277 -3.96 20.47 -13.63
CA TRP B 277 -4.02 20.53 -12.16
C TRP B 277 -4.03 21.96 -11.65
N SER B 278 -3.72 22.90 -12.52
CA SER B 278 -3.64 24.31 -12.22
C SER B 278 -4.96 25.01 -12.56
N ALA B 279 -4.91 26.33 -12.60
CA ALA B 279 -6.03 27.14 -13.04
C ALA B 279 -6.55 26.72 -14.42
N ILE B 280 -5.71 26.10 -15.26
CA ILE B 280 -6.20 25.57 -16.55
C ILE B 280 -7.35 24.58 -16.34
N GLY B 281 -7.41 23.94 -15.18
CA GLY B 281 -8.48 23.04 -14.82
C GLY B 281 -9.77 23.69 -14.43
N LEU B 282 -9.90 25.01 -14.56
CA LEU B 282 -11.12 25.67 -14.09
C LEU B 282 -12.37 25.12 -14.80
N SER B 283 -12.27 24.81 -16.09
CA SER B 283 -13.46 24.26 -16.77
C SER B 283 -13.89 22.92 -16.16
N ILE B 284 -12.93 22.14 -15.66
CA ILE B 284 -13.21 20.90 -14.94
C ILE B 284 -13.99 21.21 -13.67
N ALA B 285 -13.45 22.11 -12.85
CA ALA B 285 -14.10 22.43 -11.57
C ALA B 285 -15.48 22.99 -11.80
N LEU B 286 -15.64 23.78 -12.86
CA LEU B 286 -16.94 24.35 -13.14
C LEU B 286 -17.94 23.28 -13.50
N HIS B 287 -17.50 22.24 -14.21
CA HIS B 287 -18.41 21.23 -14.74
C HIS B 287 -18.79 20.21 -13.68
N VAL B 288 -17.79 19.67 -12.96
CA VAL B 288 -18.02 18.65 -11.94
C VAL B 288 -17.97 19.21 -10.53
N GLY B 289 -17.73 20.50 -10.38
CA GLY B 289 -17.67 21.09 -9.05
C GLY B 289 -16.26 21.09 -8.46
N PHE B 290 -16.00 22.08 -7.63
CA PHE B 290 -14.66 22.19 -7.08
C PHE B 290 -14.28 21.05 -6.14
N ASP B 291 -15.27 20.47 -5.43
CA ASP B 291 -14.97 19.36 -4.53
C ASP B 291 -14.48 18.16 -5.31
N ASN B 292 -15.06 17.90 -6.50
CA ASN B 292 -14.55 16.79 -7.32
C ASN B 292 -13.18 17.10 -7.92
N PHE B 293 -12.91 18.37 -8.23
CA PHE B 293 -11.58 18.78 -8.68
C PHE B 293 -10.53 18.56 -7.58
N GLU B 294 -10.88 18.87 -6.34
CA GLU B 294 -9.97 18.60 -5.23
C GLU B 294 -9.70 17.10 -5.10
N GLN B 295 -10.72 16.27 -5.33
CA GLN B 295 -10.50 14.83 -5.32
C GLN B 295 -9.52 14.40 -6.44
N LEU B 296 -9.70 14.97 -7.66
CA LEU B 296 -8.77 14.74 -8.76
C LEU B 296 -7.33 15.06 -8.33
N LEU B 297 -7.11 16.25 -7.76
CA LEU B 297 -5.78 16.62 -7.28
C LEU B 297 -5.28 15.64 -6.22
N SER B 298 -6.17 15.24 -5.31
CA SER B 298 -5.82 14.35 -4.23
C SER B 298 -5.35 13.02 -4.75
N GLY B 299 -5.98 12.51 -5.82
CA GLY B 299 -5.57 11.23 -6.36
C GLY B 299 -4.19 11.30 -6.99
N ALA B 300 -3.92 12.41 -7.70
CA ALA B 300 -2.57 12.68 -8.18
C ALA B 300 -1.58 12.77 -7.02
N HIS B 301 -1.93 13.53 -5.96
CA HIS B 301 -1.07 13.61 -4.78
C HIS B 301 -0.70 12.23 -4.23
N TRP B 302 -1.67 11.32 -4.14
CA TRP B 302 -1.41 9.97 -3.67
C TRP B 302 -0.37 9.27 -4.54
N MET B 303 -0.52 9.36 -5.86
CA MET B 303 0.44 8.73 -6.77
C MET B 303 1.80 9.39 -6.70
N ASP B 304 1.84 10.71 -6.48
CA ASP B 304 3.10 11.39 -6.28
C ASP B 304 3.82 10.77 -5.11
N GLN B 305 3.08 10.45 -4.05
CA GLN B 305 3.72 9.95 -2.84
C GLN B 305 4.17 8.52 -3.05
N HIS B 306 3.36 7.74 -3.76
CA HIS B 306 3.76 6.40 -4.13
C HIS B 306 5.05 6.42 -4.95
N PHE B 307 5.12 7.33 -5.93
CA PHE B 307 6.31 7.44 -6.78
C PHE B 307 7.53 7.80 -5.95
N ARG B 308 7.36 8.66 -4.95
CA ARG B 308 8.47 9.18 -4.16
C ARG B 308 9.00 8.19 -3.11
N THR B 309 8.11 7.41 -2.44
CA THR B 309 8.49 6.61 -1.27
C THR B 309 8.64 5.12 -1.56
N THR B 310 8.30 4.67 -2.75
CA THR B 310 8.29 3.22 -3.03
C THR B 310 9.63 2.78 -3.63
N PRO B 311 10.24 1.70 -3.11
CA PRO B 311 11.44 1.15 -3.77
C PRO B 311 11.20 0.92 -5.26
N LEU B 312 12.25 1.19 -6.07
CA LEU B 312 12.07 1.18 -7.52
C LEU B 312 11.43 -0.11 -8.03
N GLU B 313 11.81 -1.25 -7.44
CA GLU B 313 11.37 -2.55 -7.93
C GLU B 313 9.88 -2.81 -7.75
N LYS B 314 9.19 -2.02 -6.93
CA LYS B 314 7.74 -2.18 -6.78
C LYS B 314 7.01 -0.87 -7.05
N ASN B 315 7.65 0.05 -7.76
CA ASN B 315 7.19 1.43 -7.95
C ASN B 315 6.51 1.48 -9.33
N ALA B 316 5.17 1.65 -9.34
CA ALA B 316 4.35 1.51 -10.55
C ALA B 316 4.88 2.31 -11.73
N PRO B 317 5.09 3.62 -11.63
CA PRO B 317 5.48 4.37 -12.83
C PRO B 317 6.89 4.04 -13.28
N VAL B 318 7.76 3.66 -12.36
CA VAL B 318 9.10 3.24 -12.71
C VAL B 318 9.06 1.96 -13.51
N LEU B 319 8.24 1.01 -13.07
CA LEU B 319 8.16 -0.27 -13.76
C LEU B 319 7.54 -0.12 -15.14
N LEU B 320 6.46 0.66 -15.27
CA LEU B 320 5.91 0.93 -16.59
C LEU B 320 6.95 1.58 -17.49
N ALA B 321 7.69 2.56 -16.95
CA ALA B 321 8.74 3.20 -17.73
C ALA B 321 9.76 2.18 -18.23
N LEU B 322 10.26 1.36 -17.32
CA LEU B 322 11.31 0.42 -17.69
C LEU B 322 10.83 -0.58 -18.71
N LEU B 323 9.59 -1.03 -18.60
CA LEU B 323 9.06 -1.96 -19.60
C LEU B 323 9.08 -1.29 -20.96
N GLY B 324 8.75 0.00 -21.02
CA GLY B 324 8.76 0.70 -22.29
C GLY B 324 10.17 0.83 -22.84
N ILE B 325 11.14 1.11 -21.95
CA ILE B 325 12.54 1.17 -22.38
C ILE B 325 12.97 -0.17 -22.98
N TRP B 326 12.60 -1.26 -22.31
CA TRP B 326 12.89 -2.61 -22.80
C TRP B 326 12.34 -2.81 -24.21
N TYR B 327 11.09 -2.39 -24.46
CA TYR B 327 10.50 -2.58 -25.79
C TYR B 327 11.03 -1.58 -26.80
N ILE B 328 11.45 -0.41 -26.36
CA ILE B 328 11.83 0.65 -27.29
C ILE B 328 13.30 0.51 -27.70
N ASN B 329 14.16 0.20 -26.75
CA ASN B 329 15.58 0.28 -26.96
C ASN B 329 16.23 -1.07 -27.17
N CYS B 330 15.54 -2.15 -26.83
CA CYS B 330 16.02 -3.49 -27.13
C CYS B 330 15.19 -4.16 -28.22
N PHE B 331 13.87 -4.10 -28.14
CA PHE B 331 13.07 -4.74 -29.18
C PHE B 331 12.84 -3.86 -30.41
N GLY B 332 13.01 -2.54 -30.30
CA GLY B 332 12.82 -1.63 -31.39
C GLY B 332 11.39 -1.21 -31.70
N CYS B 333 10.45 -1.40 -30.77
CA CYS B 333 9.05 -1.05 -31.04
C CYS B 333 8.86 0.47 -31.10
N GLU B 334 8.26 0.93 -32.21
CA GLU B 334 8.07 2.36 -32.43
C GLU B 334 6.89 2.93 -31.65
N THR B 335 5.89 2.11 -31.32
CA THR B 335 4.63 2.65 -30.84
C THR B 335 4.25 2.02 -29.51
N HIS B 336 3.30 2.67 -28.85
CA HIS B 336 2.72 2.18 -27.60
C HIS B 336 1.23 2.46 -27.66
N ALA B 337 0.43 1.41 -27.61
CA ALA B 337 -1.02 1.57 -27.69
C ALA B 337 -1.63 1.65 -26.29
N MET B 338 -2.53 2.59 -26.13
CA MET B 338 -3.28 2.84 -24.90
C MET B 338 -4.74 2.55 -25.21
N LEU B 339 -5.28 1.51 -24.55
CA LEU B 339 -6.56 0.92 -24.92
C LEU B 339 -7.47 0.82 -23.70
N PRO B 340 -8.09 1.93 -23.30
CA PRO B 340 -9.02 1.93 -22.15
C PRO B 340 -10.35 1.29 -22.53
N TYR B 341 -10.80 0.33 -21.72
CA TYR B 341 -12.10 -0.28 -21.97
C TYR B 341 -13.17 0.51 -21.22
N ASP B 342 -13.38 1.72 -21.70
CA ASP B 342 -14.20 2.73 -21.04
C ASP B 342 -14.47 3.88 -22.01
N GLN B 343 -15.74 4.03 -22.41
CA GLN B 343 -16.16 5.08 -23.34
C GLN B 343 -15.93 6.46 -22.76
N TYR B 344 -16.05 6.61 -21.45
CA TYR B 344 -15.73 7.89 -20.82
C TYR B 344 -14.26 8.29 -21.00
N LEU B 345 -13.36 7.30 -21.15
CA LEU B 345 -11.95 7.59 -21.39
C LEU B 345 -11.62 7.67 -22.87
N HIS B 346 -12.59 8.02 -23.69
CA HIS B 346 -12.31 8.02 -25.12
C HIS B 346 -11.30 9.08 -25.55
N ARG B 347 -11.01 10.09 -24.72
CA ARG B 347 -9.96 11.07 -25.03
C ARG B 347 -8.67 10.87 -24.24
N PHE B 348 -8.50 9.70 -23.61
CA PHE B 348 -7.34 9.46 -22.74
C PHE B 348 -6.07 9.23 -23.56
N ALA B 349 -6.15 8.40 -24.60
CA ALA B 349 -5.03 8.18 -25.50
C ALA B 349 -4.59 9.49 -26.17
N ALA B 350 -5.55 10.28 -26.66
CA ALA B 350 -5.17 11.55 -27.29
C ALA B 350 -4.44 12.44 -26.30
N TYR B 351 -4.86 12.41 -25.04
CA TYR B 351 -4.20 13.21 -24.01
C TYR B 351 -2.75 12.79 -23.85
N PHE B 352 -2.50 11.49 -23.78
CA PHE B 352 -1.12 11.08 -23.62
C PHE B 352 -0.32 11.06 -24.91
N GLN B 353 -0.94 11.21 -26.08
CA GLN B 353 -0.18 11.62 -27.25
C GLN B 353 0.59 12.89 -26.96
N GLN B 354 -0.09 13.90 -26.42
CA GLN B 354 0.68 15.08 -26.05
C GLN B 354 1.62 14.77 -24.90
N GLY B 355 1.06 14.23 -23.82
CA GLY B 355 1.85 14.13 -22.62
C GLY B 355 3.13 13.34 -22.85
N ASP B 356 3.02 12.25 -23.59
CA ASP B 356 4.16 11.37 -23.82
C ASP B 356 5.02 11.95 -24.96
N MET B 357 4.40 12.17 -26.12
CA MET B 357 5.19 12.46 -27.32
C MET B 357 5.81 13.84 -27.32
N GLU B 358 5.10 14.85 -26.82
CA GLU B 358 5.71 16.17 -26.73
C GLU B 358 6.79 16.19 -25.66
N SER B 359 6.66 15.37 -24.63
CA SER B 359 7.71 15.33 -23.62
C SER B 359 8.97 14.66 -24.16
N ASN B 360 8.83 13.45 -24.66
CA ASN B 360 10.02 12.63 -24.95
C ASN B 360 10.31 12.43 -26.43
N GLY B 361 9.66 13.18 -27.31
CA GLY B 361 9.99 13.17 -28.72
C GLY B 361 11.15 14.12 -28.96
N LYS B 362 12.34 13.67 -28.57
CA LYS B 362 13.50 14.54 -28.33
C LYS B 362 14.73 13.83 -28.86
N TYR B 363 15.73 14.59 -29.23
CA TYR B 363 16.92 13.91 -29.73
C TYR B 363 18.23 14.53 -29.25
N ILE B 364 18.19 15.61 -28.47
CA ILE B 364 19.40 16.22 -27.90
C ILE B 364 19.43 15.94 -26.40
N THR B 365 20.60 15.54 -25.88
CA THR B 365 20.71 15.22 -24.47
C THR B 365 21.12 16.45 -23.65
N LYS B 366 21.09 16.26 -22.33
CA LYS B 366 21.51 17.29 -21.38
C LYS B 366 22.86 17.90 -21.73
N SER B 367 23.76 17.09 -22.22
CA SER B 367 25.10 17.56 -22.54
C SER B 367 25.19 18.22 -23.91
N GLY B 368 24.07 18.41 -24.62
CA GLY B 368 24.12 18.95 -25.96
C GLY B 368 24.36 17.94 -27.07
N THR B 369 24.69 16.71 -26.75
CA THR B 369 25.04 15.73 -27.77
C THR B 369 23.79 15.05 -28.29
N ARG B 370 23.87 14.55 -29.51
CA ARG B 370 22.73 13.88 -30.12
C ARG B 370 22.58 12.48 -29.54
N VAL B 371 21.34 12.05 -29.29
CA VAL B 371 21.14 10.66 -28.91
C VAL B 371 21.61 9.72 -30.01
N ASP B 372 22.05 8.51 -29.62
CA ASP B 372 22.38 7.46 -30.58
C ASP B 372 21.51 6.23 -30.31
N HIS B 373 20.24 6.49 -29.98
CA HIS B 373 19.29 5.47 -29.56
C HIS B 373 17.91 6.07 -29.73
N GLN B 374 16.90 5.21 -29.69
CA GLN B 374 15.51 5.65 -29.75
C GLN B 374 15.13 6.40 -28.48
N THR B 375 14.27 7.39 -28.66
CA THR B 375 13.57 7.99 -27.51
C THR B 375 12.08 7.69 -27.62
N GLY B 376 11.21 8.65 -27.31
CA GLY B 376 9.81 8.35 -27.03
C GLY B 376 9.06 7.70 -28.19
N PRO B 377 8.08 6.89 -27.86
CA PRO B 377 7.32 6.16 -28.89
C PRO B 377 6.15 6.99 -29.40
N ILE B 378 5.59 6.54 -30.52
CA ILE B 378 4.32 7.05 -31.01
C ILE B 378 3.21 6.40 -30.20
N VAL B 379 2.39 7.22 -29.55
CA VAL B 379 1.27 6.73 -28.72
C VAL B 379 -0.03 6.89 -29.49
N TRP B 380 -0.88 5.86 -29.43
CA TRP B 380 -2.12 5.83 -30.19
C TRP B 380 -3.08 4.90 -29.45
N GLY B 381 -4.32 4.85 -29.92
CA GLY B 381 -5.31 3.94 -29.36
C GLY B 381 -6.71 4.50 -29.44
N GLU B 382 -7.68 3.61 -29.22
CA GLU B 382 -9.10 3.90 -29.14
C GLU B 382 -9.67 3.04 -28.02
N PRO B 383 -10.82 3.42 -27.46
CA PRO B 383 -11.45 2.58 -26.42
C PRO B 383 -11.82 1.19 -26.93
N GLY B 384 -11.67 0.18 -26.05
CA GLY B 384 -12.33 -1.08 -26.26
C GLY B 384 -13.80 -0.99 -25.86
N THR B 385 -14.66 -1.78 -26.53
CA THR B 385 -14.29 -2.89 -27.38
C THR B 385 -14.09 -2.44 -28.82
N ASN B 386 -14.41 -1.16 -29.09
CA ASN B 386 -14.44 -0.70 -30.48
C ASN B 386 -13.16 -1.04 -31.23
N GLY B 387 -12.00 -0.88 -30.59
CA GLY B 387 -10.75 -1.13 -31.29
C GLY B 387 -10.64 -2.56 -31.79
N GLN B 388 -11.28 -3.50 -31.09
CA GLN B 388 -11.24 -4.90 -31.53
C GLN B 388 -11.79 -5.04 -32.92
N HIS B 389 -12.79 -4.23 -33.25
CA HIS B 389 -13.44 -4.28 -34.55
C HIS B 389 -12.85 -3.28 -35.52
N ALA B 390 -11.78 -2.58 -35.15
CA ALA B 390 -11.13 -1.65 -36.07
C ALA B 390 -9.73 -2.11 -36.42
N PHE B 391 -8.83 -2.26 -35.44
CA PHE B 391 -7.44 -2.48 -35.76
C PHE B 391 -6.79 -3.63 -35.03
N TYR B 392 -7.48 -4.35 -34.12
CA TYR B 392 -6.79 -5.43 -33.43
C TYR B 392 -6.35 -6.52 -34.40
N GLN B 393 -7.02 -6.65 -35.55
CA GLN B 393 -6.56 -7.54 -36.61
C GLN B 393 -5.05 -7.40 -36.84
N LEU B 394 -4.57 -6.16 -36.91
CA LEU B 394 -3.15 -5.95 -37.11
C LEU B 394 -2.35 -6.30 -35.86
N ILE B 395 -2.89 -6.08 -34.66
CA ILE B 395 -2.15 -6.38 -33.44
C ILE B 395 -1.93 -7.89 -33.30
N HIS B 396 -2.96 -8.69 -33.63
CA HIS B 396 -2.91 -10.15 -33.55
C HIS B 396 -2.10 -10.78 -34.69
N GLN B 397 -2.31 -10.33 -35.94
CA GLN B 397 -1.83 -11.07 -37.12
C GLN B 397 -1.12 -10.19 -38.14
N GLY B 398 -0.65 -9.01 -37.76
CA GLY B 398 0.23 -8.22 -38.61
C GLY B 398 1.69 -8.56 -38.38
N THR B 399 2.55 -7.60 -38.76
CA THR B 399 4.00 -7.80 -38.71
C THR B 399 4.70 -6.83 -37.76
N LYS B 400 3.94 -6.12 -36.93
CA LYS B 400 4.47 -5.20 -35.94
C LYS B 400 4.35 -5.78 -34.52
N MET B 401 5.34 -5.49 -33.67
CA MET B 401 5.24 -5.69 -32.23
C MET B 401 4.78 -4.37 -31.59
N ILE B 402 3.69 -4.43 -30.84
CA ILE B 402 3.01 -3.26 -30.32
C ILE B 402 2.70 -3.49 -28.84
N PRO B 403 3.51 -3.00 -27.92
CA PRO B 403 3.14 -3.08 -26.50
C PRO B 403 1.85 -2.31 -26.27
N CYS B 404 0.93 -2.90 -25.50
CA CYS B 404 -0.40 -2.36 -25.31
C CYS B 404 -0.67 -2.26 -23.82
N ASP B 405 -1.17 -1.10 -23.38
CA ASP B 405 -1.73 -0.94 -22.03
C ASP B 405 -3.25 -1.06 -22.15
N PHE B 406 -3.82 -2.10 -21.55
CA PHE B 406 -5.26 -2.25 -21.39
C PHE B 406 -5.69 -1.74 -20.02
N LEU B 407 -6.74 -0.91 -19.98
CA LEU B 407 -7.23 -0.30 -18.74
C LEU B 407 -8.73 -0.53 -18.62
N ILE B 408 -9.22 -0.89 -17.42
CA ILE B 408 -10.66 -0.96 -17.19
C ILE B 408 -11.02 -0.72 -15.73
N PRO B 409 -12.14 -0.06 -15.46
CA PRO B 409 -12.70 -0.04 -14.11
C PRO B 409 -13.55 -1.28 -13.84
N VAL B 410 -13.42 -1.79 -12.62
CA VAL B 410 -14.22 -2.94 -12.20
C VAL B 410 -15.67 -2.55 -12.12
N GLN B 411 -15.96 -1.39 -11.57
CA GLN B 411 -17.33 -0.91 -11.39
C GLN B 411 -17.65 0.11 -12.47
N THR B 412 -18.80 -0.06 -13.12
CA THR B 412 -19.24 0.90 -14.14
C THR B 412 -20.08 1.98 -13.49
N GLN B 413 -19.96 3.18 -14.05
CA GLN B 413 -20.92 4.24 -13.76
C GLN B 413 -22.34 3.93 -14.23
N HIS B 414 -22.56 2.92 -15.05
CA HIS B 414 -23.89 2.68 -15.66
C HIS B 414 -24.22 1.19 -15.66
N PRO B 415 -24.52 0.61 -14.48
CA PRO B 415 -24.76 -0.84 -14.38
C PRO B 415 -26.11 -1.28 -14.94
N ILE B 416 -26.36 -0.92 -16.20
CA ILE B 416 -27.64 -1.27 -16.88
C ILE B 416 -27.74 -2.78 -17.08
N ARG B 417 -28.99 -3.23 -17.30
CA ARG B 417 -29.33 -4.63 -17.50
C ARG B 417 -28.66 -5.49 -16.45
N LYS B 418 -28.74 -5.03 -15.19
CA LYS B 418 -28.24 -5.78 -14.04
C LYS B 418 -26.76 -6.14 -14.18
N GLY B 419 -26.00 -5.29 -14.88
CA GLY B 419 -24.58 -5.49 -15.08
C GLY B 419 -24.20 -6.23 -16.35
N LEU B 420 -25.15 -6.52 -17.22
CA LEU B 420 -24.86 -7.34 -18.38
C LEU B 420 -23.79 -6.70 -19.28
N HIS B 421 -23.95 -5.42 -19.59
CA HIS B 421 -23.01 -4.80 -20.53
C HIS B 421 -21.59 -4.81 -19.97
N HIS B 422 -21.45 -4.51 -18.66
CA HIS B 422 -20.12 -4.42 -18.09
C HIS B 422 -19.49 -5.79 -17.94
N LYS B 423 -20.31 -6.81 -17.74
CA LYS B 423 -19.80 -8.17 -17.73
C LYS B 423 -19.18 -8.53 -19.08
N ILE B 424 -19.90 -8.25 -20.17
CA ILE B 424 -19.37 -8.51 -21.50
C ILE B 424 -18.10 -7.68 -21.73
N LEU B 425 -18.12 -6.41 -21.33
CA LEU B 425 -16.95 -5.56 -21.48
C LEU B 425 -15.73 -6.14 -20.76
N LEU B 426 -15.89 -6.52 -19.47
CA LEU B 426 -14.79 -7.10 -18.72
C LEU B 426 -14.26 -8.37 -19.39
N ALA B 427 -15.16 -9.19 -19.90
CA ALA B 427 -14.75 -10.47 -20.49
C ALA B 427 -13.94 -10.27 -21.77
N ASN B 428 -14.33 -9.29 -22.58
CA ASN B 428 -13.53 -8.94 -23.76
C ASN B 428 -12.17 -8.39 -23.34
N PHE B 429 -12.17 -7.48 -22.35
CA PHE B 429 -10.93 -6.95 -21.78
C PHE B 429 -9.97 -8.07 -21.42
N LEU B 430 -10.46 -9.07 -20.68
CA LEU B 430 -9.61 -10.19 -20.27
C LEU B 430 -9.22 -11.07 -21.45
N ALA B 431 -10.18 -11.35 -22.34
CA ALA B 431 -9.97 -12.25 -23.45
C ALA B 431 -8.87 -11.74 -24.38
N GLN B 432 -8.81 -10.44 -24.59
CA GLN B 432 -7.90 -9.92 -25.62
C GLN B 432 -6.44 -10.06 -25.20
N THR B 433 -6.11 -9.76 -23.93
CA THR B 433 -4.72 -9.96 -23.51
C THR B 433 -4.38 -11.44 -23.47
N GLU B 434 -5.33 -12.27 -23.06
CA GLU B 434 -5.11 -13.71 -23.09
C GLU B 434 -4.87 -14.18 -24.51
N ALA B 435 -5.67 -13.70 -25.46
CA ALA B 435 -5.47 -14.08 -26.85
C ALA B 435 -4.12 -13.59 -27.36
N LEU B 436 -3.78 -12.34 -27.05
CA LEU B 436 -2.49 -11.82 -27.51
C LEU B 436 -1.35 -12.67 -27.00
N MET B 437 -1.46 -13.13 -25.75
CA MET B 437 -0.41 -13.90 -25.13
C MET B 437 -0.35 -15.33 -25.65
N ARG B 438 -1.51 -16.01 -25.66
CA ARG B 438 -1.57 -17.45 -25.93
C ARG B 438 -1.45 -17.77 -27.41
N GLY B 439 -2.12 -16.99 -28.26
CA GLY B 439 -2.25 -17.28 -29.68
C GLY B 439 -2.99 -18.59 -29.90
N LYS B 440 -2.74 -19.17 -31.07
CA LYS B 440 -3.42 -20.41 -31.47
C LYS B 440 -2.53 -21.09 -32.50
N SER B 441 -2.11 -22.33 -32.21
CA SER B 441 -1.12 -23.04 -33.03
C SER B 441 -1.77 -23.67 -34.26
N THR B 442 -0.93 -24.06 -35.22
CA THR B 442 -1.43 -24.82 -36.35
C THR B 442 -2.19 -26.06 -35.88
N GLU B 443 -1.64 -26.76 -34.89
CA GLU B 443 -2.33 -27.96 -34.41
C GLU B 443 -3.70 -27.62 -33.81
N GLU B 444 -3.78 -26.49 -33.08
CA GLU B 444 -5.06 -26.10 -32.48
C GLU B 444 -6.05 -25.64 -33.54
N ALA B 445 -5.56 -24.96 -34.59
CA ALA B 445 -6.46 -24.47 -35.62
C ALA B 445 -6.91 -25.60 -36.52
N ARG B 446 -6.01 -26.55 -36.79
CA ARG B 446 -6.37 -27.70 -37.60
C ARG B 446 -7.50 -28.48 -36.96
N LYS B 447 -7.40 -28.72 -35.64
CA LYS B 447 -8.45 -29.44 -34.92
C LYS B 447 -9.78 -28.71 -35.03
N GLU B 448 -9.75 -27.38 -35.00
CA GLU B 448 -11.00 -26.63 -35.15
C GLU B 448 -11.57 -26.80 -36.56
N LEU B 449 -10.73 -26.73 -37.58
CA LEU B 449 -11.24 -26.87 -38.95
C LEU B 449 -11.72 -28.29 -39.20
N GLN B 450 -11.05 -29.29 -38.61
CA GLN B 450 -11.55 -30.66 -38.70
C GLN B 450 -12.97 -30.76 -38.13
N ALA B 451 -13.21 -30.11 -37.00
CA ALA B 451 -14.51 -30.24 -36.33
C ALA B 451 -15.58 -29.45 -37.06
N ALA B 452 -15.19 -28.38 -37.73
CA ALA B 452 -16.10 -27.65 -38.59
C ALA B 452 -16.46 -28.44 -39.85
N GLY B 453 -15.73 -29.52 -40.15
CA GLY B 453 -16.06 -30.35 -41.29
C GLY B 453 -15.46 -29.94 -42.62
N LYS B 454 -14.27 -29.37 -42.62
CA LYS B 454 -13.65 -28.92 -43.84
C LYS B 454 -13.01 -30.09 -44.56
N SER B 455 -13.23 -30.15 -45.87
CA SER B 455 -12.53 -31.03 -46.79
C SER B 455 -11.03 -30.91 -46.57
N PRO B 456 -10.25 -31.97 -46.76
CA PRO B 456 -8.78 -31.81 -46.66
C PRO B 456 -8.24 -30.68 -47.50
N GLU B 457 -8.70 -30.51 -48.75
CA GLU B 457 -8.24 -29.40 -49.57
C GLU B 457 -8.58 -28.05 -48.93
N ASP B 458 -9.86 -27.88 -48.57
CA ASP B 458 -10.31 -26.62 -47.98
C ASP B 458 -9.58 -26.31 -46.67
N LEU B 459 -9.28 -27.36 -45.90
CA LEU B 459 -8.66 -27.15 -44.60
C LEU B 459 -7.20 -26.70 -44.75
N GLU B 460 -6.45 -27.33 -45.64
CA GLU B 460 -5.04 -26.93 -45.79
C GLU B 460 -4.94 -25.53 -46.38
N ARG B 461 -5.92 -25.14 -47.18
CA ARG B 461 -5.94 -23.80 -47.77
C ARG B 461 -6.13 -22.74 -46.69
N LEU B 462 -7.15 -22.90 -45.85
CA LEU B 462 -7.44 -21.93 -44.80
C LEU B 462 -6.49 -21.99 -43.59
N LEU B 463 -5.99 -23.18 -43.23
CA LEU B 463 -5.29 -23.40 -41.96
C LEU B 463 -4.30 -22.30 -41.60
N PRO B 464 -3.30 -22.00 -42.43
CA PRO B 464 -2.29 -21.03 -41.98
C PRO B 464 -2.88 -19.67 -41.70
N HIS B 465 -4.03 -19.34 -42.30
CA HIS B 465 -4.68 -18.06 -42.04
C HIS B 465 -5.36 -18.02 -40.68
N LYS B 466 -5.59 -19.17 -40.07
CA LYS B 466 -6.35 -19.26 -38.82
C LYS B 466 -5.45 -19.31 -37.60
N VAL B 467 -4.14 -19.28 -37.81
CA VAL B 467 -3.12 -19.43 -36.79
C VAL B 467 -2.75 -18.06 -36.25
N PHE B 468 -2.63 -18.00 -34.92
CA PHE B 468 -2.25 -16.78 -34.21
C PHE B 468 -0.91 -17.08 -33.54
N GLU B 469 0.14 -16.37 -33.97
CA GLU B 469 1.46 -16.64 -33.41
C GLU B 469 1.56 -16.20 -31.95
N GLY B 470 0.67 -15.32 -31.48
CA GLY B 470 0.70 -14.94 -30.09
C GLY B 470 2.01 -14.30 -29.67
N ASN B 471 2.35 -14.51 -28.39
CA ASN B 471 3.52 -13.95 -27.74
C ASN B 471 3.61 -12.43 -27.84
N ARG B 472 2.46 -11.76 -27.78
CA ARG B 472 2.39 -10.32 -27.91
C ARG B 472 2.12 -9.69 -26.55
N PRO B 473 3.00 -8.82 -26.06
CA PRO B 473 2.96 -8.46 -24.63
C PRO B 473 1.97 -7.35 -24.34
N THR B 474 1.38 -7.40 -23.15
CA THR B 474 0.46 -6.37 -22.71
C THR B 474 0.67 -6.06 -21.22
N ASN B 475 0.18 -4.87 -20.85
CA ASN B 475 -0.06 -4.48 -19.47
C ASN B 475 -1.57 -4.42 -19.26
N SER B 476 -2.02 -4.89 -18.10
CA SER B 476 -3.42 -4.79 -17.71
C SER B 476 -3.50 -3.97 -16.43
N ILE B 477 -4.17 -2.83 -16.51
CA ILE B 477 -4.31 -1.93 -15.38
C ILE B 477 -5.79 -1.89 -15.05
N VAL B 478 -6.15 -2.39 -13.86
CA VAL B 478 -7.54 -2.53 -13.43
C VAL B 478 -7.71 -1.73 -12.16
N PHE B 479 -8.79 -0.96 -12.07
CA PHE B 479 -9.01 -0.12 -10.90
C PHE B 479 -10.47 -0.19 -10.48
N THR B 480 -10.71 0.14 -9.22
CA THR B 480 -12.03 -0.18 -8.67
C THR B 480 -13.15 0.54 -9.42
N LYS B 481 -13.02 1.86 -9.60
CA LYS B 481 -14.01 2.65 -10.30
C LYS B 481 -13.34 3.94 -10.78
N LEU B 482 -13.84 4.48 -11.88
CA LEU B 482 -13.29 5.72 -12.45
C LEU B 482 -13.95 6.93 -11.82
N THR B 483 -13.49 7.23 -10.61
CA THR B 483 -13.86 8.41 -9.85
C THR B 483 -12.90 9.53 -10.19
N PRO B 484 -13.21 10.75 -9.79
CA PRO B 484 -12.20 11.82 -9.88
C PRO B 484 -10.87 11.49 -9.23
N PHE B 485 -10.89 10.93 -8.01
CA PHE B 485 -9.66 10.59 -7.32
C PHE B 485 -8.84 9.61 -8.14
N MET B 486 -9.51 8.57 -8.62
CA MET B 486 -8.78 7.51 -9.29
C MET B 486 -8.25 7.98 -10.66
N LEU B 487 -9.02 8.80 -11.37
CA LEU B 487 -8.50 9.44 -12.60
C LEU B 487 -7.23 10.22 -12.31
N GLY B 488 -7.26 11.01 -11.23
CA GLY B 488 -6.07 11.76 -10.86
C GLY B 488 -4.87 10.87 -10.65
N ALA B 489 -5.05 9.75 -9.92
CA ALA B 489 -3.94 8.83 -9.68
C ALA B 489 -3.42 8.23 -10.98
N LEU B 490 -4.33 7.87 -11.90
CA LEU B 490 -3.93 7.24 -13.14
C LEU B 490 -3.16 8.21 -14.03
N VAL B 491 -3.62 9.46 -14.14
CA VAL B 491 -2.94 10.41 -15.01
C VAL B 491 -1.56 10.68 -14.46
N ALA B 492 -1.46 10.82 -13.14
CA ALA B 492 -0.17 11.06 -12.50
C ALA B 492 0.76 9.88 -12.67
N MET B 493 0.22 8.65 -12.62
CA MET B 493 1.05 7.48 -12.87
C MET B 493 1.77 7.63 -14.21
N TYR B 494 1.05 8.02 -15.24
CA TYR B 494 1.67 8.10 -16.55
C TYR B 494 2.58 9.31 -16.66
N GLU B 495 2.23 10.42 -16.00
CA GLU B 495 3.15 11.56 -15.97
C GLU B 495 4.51 11.13 -15.44
N HIS B 496 4.53 10.30 -14.37
CA HIS B 496 5.81 9.92 -13.80
C HIS B 496 6.46 8.81 -14.61
N LYS B 497 5.67 8.01 -15.31
CA LYS B 497 6.27 7.08 -16.24
C LYS B 497 7.11 7.85 -17.26
N ILE B 498 6.54 8.91 -17.80
CA ILE B 498 7.17 9.70 -18.84
C ILE B 498 8.40 10.38 -18.29
N PHE B 499 8.31 10.86 -17.04
CA PHE B 499 9.46 11.48 -16.40
C PHE B 499 10.62 10.50 -16.27
N VAL B 500 10.31 9.26 -15.90
CA VAL B 500 11.37 8.29 -15.67
C VAL B 500 12.05 7.94 -17.00
N GLN B 501 11.25 7.70 -18.04
CA GLN B 501 11.84 7.38 -19.35
C GLN B 501 12.76 8.50 -19.79
N GLY B 502 12.35 9.75 -19.60
CA GLY B 502 13.17 10.87 -20.01
C GLY B 502 14.51 10.91 -19.30
N ILE B 503 14.51 10.70 -17.99
CA ILE B 503 15.76 10.66 -17.23
C ILE B 503 16.66 9.56 -17.78
N ILE B 504 16.09 8.40 -18.07
CA ILE B 504 16.87 7.29 -18.59
C ILE B 504 17.50 7.66 -19.93
N TRP B 505 16.74 8.31 -20.81
CA TRP B 505 17.28 8.73 -22.09
C TRP B 505 18.20 9.95 -21.99
N ASP B 506 18.27 10.63 -20.85
CA ASP B 506 19.04 11.88 -20.69
C ASP B 506 18.50 13.01 -21.55
N ILE B 507 17.19 13.08 -21.77
CA ILE B 507 16.57 14.20 -22.49
C ILE B 507 15.80 15.10 -21.52
N ASN B 508 15.36 16.24 -22.03
CA ASN B 508 14.53 17.17 -21.27
C ASN B 508 13.07 16.87 -21.61
N SER B 509 12.40 16.18 -20.70
CA SER B 509 10.98 15.89 -20.87
C SER B 509 10.08 17.12 -20.81
N PHE B 510 10.61 18.30 -20.47
CA PHE B 510 9.76 19.42 -20.12
C PHE B 510 9.85 20.65 -21.01
N ASP B 511 10.63 20.63 -22.10
CA ASP B 511 10.64 21.71 -23.07
C ASP B 511 9.92 21.24 -24.35
N GLN B 512 9.86 22.12 -25.34
CA GLN B 512 9.23 21.77 -26.61
C GLN B 512 9.73 22.68 -27.73
N TRP B 513 11.04 22.71 -27.94
CA TRP B 513 11.62 23.59 -28.95
C TRP B 513 11.21 23.18 -30.37
N GLY B 514 10.72 21.97 -30.55
CA GLY B 514 10.37 21.42 -31.83
C GLY B 514 9.13 22.02 -32.45
N VAL B 515 8.43 22.91 -31.73
CA VAL B 515 7.25 23.53 -32.33
C VAL B 515 7.55 24.88 -32.95
N GLU B 516 8.77 25.39 -32.80
CA GLU B 516 9.03 26.77 -33.17
C GLU B 516 9.09 26.97 -34.68
N LEU B 517 9.73 26.05 -35.39
CA LEU B 517 9.97 26.25 -36.83
C LEU B 517 8.67 26.34 -37.61
N GLY B 518 7.72 25.42 -37.37
CA GLY B 518 6.44 25.53 -38.04
C GLY B 518 5.76 26.86 -37.79
N LYS B 519 5.89 27.38 -36.57
CA LYS B 519 5.29 28.67 -36.25
C LYS B 519 5.93 29.78 -37.07
N GLN B 520 7.26 29.75 -37.17
CA GLN B 520 7.96 30.79 -37.91
C GLN B 520 7.56 30.79 -39.38
N LEU B 521 7.55 29.63 -40.00
CA LEU B 521 7.26 29.54 -41.41
C LEU B 521 5.80 29.90 -41.72
N ALA B 522 4.87 29.62 -40.79
CA ALA B 522 3.49 30.01 -41.03
C ALA B 522 3.32 31.51 -40.99
N LYS B 523 4.09 32.19 -40.14
CA LYS B 523 4.03 33.63 -40.10
C LYS B 523 4.51 34.23 -41.42
N LYS B 524 5.50 33.60 -42.05
CA LYS B 524 5.96 34.11 -43.35
C LYS B 524 4.94 33.87 -44.45
N ILE B 525 4.27 32.73 -44.42
CA ILE B 525 3.34 32.38 -45.49
C ILE B 525 2.06 33.19 -45.40
N GLU B 526 1.60 33.48 -44.18
CA GLU B 526 0.27 34.08 -44.02
C GLU B 526 0.06 35.31 -44.91
N PRO B 527 0.94 36.31 -44.94
CA PRO B 527 0.66 37.49 -45.77
C PRO B 527 0.82 37.23 -47.27
N GLU B 528 1.55 36.18 -47.67
CA GLU B 528 1.64 35.80 -49.08
C GLU B 528 0.35 35.20 -49.62
N LEU B 529 -0.52 34.65 -48.77
CA LEU B 529 -1.72 34.02 -49.27
C LEU B 529 -2.72 35.03 -49.81
N ASP B 530 -2.63 36.28 -49.39
CA ASP B 530 -3.68 37.26 -49.60
C ASP B 530 -4.09 37.37 -51.07
N GLY B 531 -3.24 37.86 -51.96
CA GLY B 531 -3.68 38.23 -53.30
C GLY B 531 -3.83 37.07 -54.27
N SER B 532 -4.05 37.41 -55.54
CA SER B 532 -4.04 36.45 -56.64
C SER B 532 -2.65 36.29 -57.27
N ALA B 533 -1.68 37.09 -56.84
CA ALA B 533 -0.30 36.97 -57.31
C ALA B 533 0.30 35.61 -57.01
N GLN B 534 0.96 35.02 -58.01
CA GLN B 534 1.68 33.78 -57.81
C GLN B 534 2.82 33.97 -56.82
N VAL B 535 3.08 32.94 -56.02
CA VAL B 535 4.18 32.96 -55.07
C VAL B 535 5.31 32.09 -55.60
N THR B 536 6.53 32.63 -55.58
CA THR B 536 7.68 31.90 -56.12
C THR B 536 8.86 31.93 -55.17
N SER B 537 8.65 32.32 -53.91
CA SER B 537 9.71 32.59 -52.95
C SER B 537 10.16 31.41 -52.10
N HIS B 538 9.49 30.26 -52.16
CA HIS B 538 9.80 29.08 -51.35
C HIS B 538 10.37 27.99 -52.25
N ASP B 539 10.54 26.80 -51.70
CA ASP B 539 10.73 25.62 -52.53
C ASP B 539 9.56 25.43 -53.49
N ALA B 540 9.81 24.62 -54.54
CA ALA B 540 8.84 24.48 -55.62
C ALA B 540 7.52 23.86 -55.15
N SER B 541 7.56 22.96 -54.16
CA SER B 541 6.29 22.38 -53.69
C SER B 541 5.45 23.39 -52.89
N THR B 542 6.05 24.02 -51.88
CA THR B 542 5.33 25.07 -51.17
C THR B 542 4.74 26.10 -52.15
N ASN B 543 5.53 26.57 -53.14
CA ASN B 543 4.97 27.53 -54.11
C ASN B 543 3.79 26.93 -54.84
N GLY B 544 3.94 25.69 -55.30
CA GLY B 544 2.91 25.09 -56.11
C GLY B 544 1.63 24.90 -55.33
N LEU B 545 1.76 24.52 -54.05
CA LEU B 545 0.58 24.36 -53.21
C LEU B 545 -0.12 25.69 -53.02
N ILE B 546 0.66 26.73 -52.71
CA ILE B 546 0.09 28.06 -52.55
C ILE B 546 -0.64 28.48 -53.83
N ASN B 547 -0.04 28.25 -54.99
CA ASN B 547 -0.62 28.77 -56.22
C ASN B 547 -1.88 28.00 -56.60
N PHE B 548 -1.91 26.70 -56.31
CA PHE B 548 -3.14 25.91 -56.41
C PHE B 548 -4.22 26.45 -55.49
N ILE B 549 -3.86 26.72 -54.23
CA ILE B 549 -4.80 27.33 -53.29
C ILE B 549 -5.39 28.62 -53.85
N LYS B 550 -4.53 29.47 -54.38
CA LYS B 550 -5.01 30.73 -54.95
C LYS B 550 -5.92 30.50 -56.15
N GLN B 551 -5.59 29.52 -56.99
CA GLN B 551 -6.42 29.20 -58.15
C GLN B 551 -7.80 28.71 -57.70
N GLN B 552 -7.84 27.83 -56.71
CA GLN B 552 -9.10 27.18 -56.34
C GLN B 552 -9.93 28.01 -55.38
N ARG B 553 -9.39 29.14 -54.90
CA ARG B 553 -10.15 30.01 -54.01
C ARG B 553 -11.46 30.46 -54.63
N GLU B 554 -11.46 30.69 -55.94
CA GLU B 554 -12.61 31.27 -56.63
C GLU B 554 -13.23 30.30 -57.64
N ALA B 555 -12.90 29.02 -57.56
CA ALA B 555 -13.73 28.00 -58.18
C ALA B 555 -15.07 27.94 -57.43
N ARG B 556 -16.18 27.81 -58.18
CA ARG B 556 -17.47 27.66 -57.53
C ARG B 556 -17.98 26.23 -57.69
N ALA C 2 6.53 -41.70 31.36
CA ALA C 2 7.67 -41.05 32.09
C ALA C 2 7.51 -41.21 33.62
N ALA C 3 8.57 -40.87 34.38
CA ALA C 3 8.56 -41.06 35.83
C ALA C 3 7.22 -40.64 36.44
N LEU C 4 6.99 -39.33 36.53
CA LEU C 4 5.78 -38.83 37.18
C LEU C 4 4.53 -39.60 36.77
N THR C 5 4.36 -39.85 35.47
CA THR C 5 3.12 -40.46 35.00
C THR C 5 2.92 -41.87 35.54
N ARG C 6 4.00 -42.60 35.73
CA ARG C 6 4.02 -43.99 36.19
C ARG C 6 3.95 -44.09 37.70
N ASP C 7 4.00 -42.97 38.40
CA ASP C 7 4.08 -42.99 39.84
C ASP C 7 2.71 -43.29 40.45
N PRO C 8 2.58 -44.33 41.27
CA PRO C 8 1.24 -44.67 41.77
C PRO C 8 0.60 -43.56 42.57
N GLN C 9 1.41 -42.71 43.19
CA GLN C 9 0.85 -41.63 43.99
C GLN C 9 0.29 -40.52 43.09
N PHE C 10 0.98 -40.25 41.98
CA PHE C 10 0.47 -39.27 41.02
C PHE C 10 -0.84 -39.75 40.43
N GLN C 11 -0.90 -41.02 40.01
CA GLN C 11 -2.18 -41.55 39.53
C GLN C 11 -3.27 -41.51 40.60
N LYS C 12 -2.94 -41.68 41.89
CA LYS C 12 -4.01 -41.58 42.90
C LYS C 12 -4.49 -40.13 42.99
N LEU C 13 -3.57 -39.18 42.82
CA LEU C 13 -3.93 -37.77 42.80
C LEU C 13 -4.86 -37.47 41.62
N GLN C 14 -4.49 -37.94 40.42
CA GLN C 14 -5.33 -37.74 39.24
C GLN C 14 -6.71 -38.36 39.42
N GLN C 15 -6.79 -39.58 39.95
CA GLN C 15 -8.11 -40.20 40.13
C GLN C 15 -8.95 -39.41 41.10
N TRP C 16 -8.34 -38.93 42.19
CA TRP C 16 -9.07 -38.08 43.11
C TRP C 16 -9.57 -36.83 42.40
N TYR C 17 -8.71 -36.21 41.58
CA TYR C 17 -9.11 -35.00 40.88
C TYR C 17 -10.33 -35.27 39.98
N ARG C 18 -10.29 -36.36 39.21
CA ARG C 18 -11.44 -36.70 38.36
C ARG C 18 -12.72 -36.90 39.17
N GLU C 19 -12.62 -37.49 40.36
CA GLU C 19 -13.82 -37.89 41.09
C GLU C 19 -14.42 -36.73 41.89
N HIS C 20 -13.59 -35.82 42.40
CA HIS C 20 -14.03 -34.85 43.39
C HIS C 20 -13.79 -33.41 42.98
N ARG C 21 -13.28 -33.17 41.79
CA ARG C 21 -13.03 -31.80 41.33
C ARG C 21 -14.19 -30.86 41.64
N SER C 22 -15.42 -31.38 41.53
CA SER C 22 -16.59 -30.51 41.65
C SER C 22 -16.84 -30.05 43.08
N GLU C 23 -16.28 -30.73 44.06
CA GLU C 23 -16.44 -30.33 45.45
C GLU C 23 -15.48 -29.21 45.84
N LEU C 24 -14.68 -28.71 44.90
CA LEU C 24 -13.68 -27.71 45.23
C LEU C 24 -14.31 -26.35 44.95
N ASN C 25 -14.97 -25.82 45.95
CA ASN C 25 -15.51 -24.47 45.89
C ASN C 25 -15.10 -23.76 47.18
N LEU C 26 -14.29 -22.73 47.03
CA LEU C 26 -13.66 -22.11 48.19
C LEU C 26 -14.69 -21.51 49.13
N ARG C 27 -15.74 -20.88 48.59
CA ARG C 27 -16.82 -20.40 49.45
C ARG C 27 -17.33 -21.53 50.35
N ARG C 28 -17.52 -22.73 49.79
CA ARG C 28 -18.09 -23.81 50.59
C ARG C 28 -17.07 -24.38 51.56
N LEU C 29 -15.79 -24.41 51.17
CA LEU C 29 -14.78 -24.98 52.05
C LEU C 29 -14.57 -24.08 53.26
N PHE C 30 -14.61 -22.76 53.07
CA PHE C 30 -14.45 -21.86 54.21
C PHE C 30 -15.68 -21.90 55.12
N ASP C 31 -16.89 -21.91 54.54
CA ASP C 31 -18.12 -22.02 55.33
C ASP C 31 -18.15 -23.31 56.15
N ALA C 32 -17.66 -24.42 55.59
CA ALA C 32 -17.71 -25.68 56.32
C ALA C 32 -16.68 -25.75 57.45
N ASN C 33 -15.48 -25.22 57.23
CA ASN C 33 -14.34 -25.46 58.12
C ASN C 33 -13.84 -24.13 58.67
N LYS C 34 -14.22 -23.85 59.92
CA LYS C 34 -13.88 -22.59 60.56
C LYS C 34 -12.38 -22.47 60.84
N ASP C 35 -11.68 -23.60 60.88
CA ASP C 35 -10.25 -23.70 61.13
C ASP C 35 -9.44 -23.81 59.85
N ARG C 36 -10.00 -23.41 58.72
CA ARG C 36 -9.31 -23.67 57.46
C ARG C 36 -8.03 -22.84 57.37
N PHE C 37 -8.07 -21.58 57.78
CA PHE C 37 -6.84 -20.78 57.78
C PHE C 37 -5.75 -21.42 58.64
N ASN C 38 -6.11 -21.94 59.82
CA ASN C 38 -5.09 -22.52 60.69
C ASN C 38 -4.51 -23.79 60.10
N HIS C 39 -5.34 -24.60 59.44
CA HIS C 39 -4.86 -25.86 58.87
C HIS C 39 -4.10 -25.67 57.57
N PHE C 40 -4.34 -24.56 56.87
CA PHE C 40 -3.74 -24.36 55.55
C PHE C 40 -2.89 -23.09 55.51
N SER C 41 -2.13 -22.85 56.58
CA SER C 41 -1.13 -21.78 56.58
C SER C 41 0.10 -22.21 57.37
N LEU C 42 1.22 -21.54 57.10
CA LEU C 42 2.45 -21.66 57.88
C LEU C 42 2.91 -20.30 58.37
N THR C 43 3.33 -20.22 59.63
CA THR C 43 4.03 -19.04 60.13
C THR C 43 5.44 -19.46 60.48
N LEU C 44 6.41 -18.76 59.91
CA LEU C 44 7.83 -18.99 60.14
C LEU C 44 8.37 -17.77 60.87
N ASN C 45 9.07 -18.01 61.95
CA ASN C 45 9.80 -16.95 62.62
C ASN C 45 11.27 -17.15 62.24
N THR C 46 11.81 -16.23 61.48
CA THR C 46 13.20 -16.35 61.06
C THR C 46 14.17 -15.79 62.09
N ASN C 47 13.64 -15.19 63.16
CA ASN C 47 14.32 -14.34 64.15
C ASN C 47 14.76 -13.03 63.55
N HIS C 48 14.49 -12.81 62.26
CA HIS C 48 14.74 -11.56 61.57
C HIS C 48 13.49 -11.17 60.78
N GLY C 49 12.32 -11.52 61.32
CA GLY C 49 11.05 -11.24 60.65
C GLY C 49 10.24 -12.51 60.52
N HIS C 50 8.92 -12.35 60.52
CA HIS C 50 8.04 -13.49 60.38
C HIS C 50 7.56 -13.57 58.93
N ILE C 51 7.27 -14.80 58.50
CA ILE C 51 6.67 -15.07 57.20
C ILE C 51 5.41 -15.88 57.42
N LEU C 52 4.30 -15.41 56.88
CA LEU C 52 3.05 -16.16 56.86
C LEU C 52 2.84 -16.60 55.41
N VAL C 53 2.81 -17.91 55.19
CA VAL C 53 2.47 -18.47 53.88
C VAL C 53 1.04 -18.98 54.02
N ASP C 54 0.09 -18.19 53.58
CA ASP C 54 -1.33 -18.58 53.66
C ASP C 54 -1.71 -19.20 52.33
N TYR C 55 -1.79 -20.53 52.30
CA TYR C 55 -2.25 -21.26 51.12
C TYR C 55 -3.68 -21.80 51.27
N SER C 56 -4.49 -21.18 52.12
CA SER C 56 -5.82 -21.72 52.40
C SER C 56 -6.82 -21.36 51.31
N LYS C 57 -6.57 -20.31 50.52
CA LYS C 57 -7.43 -19.96 49.38
C LYS C 57 -7.06 -20.73 48.11
N ASN C 58 -6.62 -21.95 48.31
CA ASN C 58 -6.32 -22.87 47.21
C ASN C 58 -7.37 -23.97 47.14
N LEU C 59 -7.53 -24.54 45.95
CA LEU C 59 -8.54 -25.58 45.70
C LEU C 59 -8.01 -26.93 46.17
N VAL C 60 -7.90 -27.05 47.49
CA VAL C 60 -7.33 -28.23 48.11
C VAL C 60 -8.12 -28.57 49.36
N THR C 61 -8.13 -29.86 49.70
CA THR C 61 -8.61 -30.36 50.99
C THR C 61 -7.45 -30.99 51.76
N GLU C 62 -7.74 -31.42 52.99
CA GLU C 62 -6.69 -32.13 53.73
C GLU C 62 -6.20 -33.35 52.96
N ASP C 63 -7.11 -34.11 52.34
CA ASP C 63 -6.70 -35.30 51.60
C ASP C 63 -5.76 -34.95 50.45
N VAL C 64 -6.07 -33.88 49.72
CA VAL C 64 -5.23 -33.49 48.60
C VAL C 64 -3.84 -33.11 49.08
N MET C 65 -3.76 -32.35 50.18
CA MET C 65 -2.43 -32.01 50.70
C MET C 65 -1.69 -33.29 51.11
N ARG C 66 -2.40 -34.24 51.73
CA ARG C 66 -1.75 -35.49 52.11
C ARG C 66 -1.23 -36.22 50.88
N MET C 67 -2.09 -36.39 49.89
CA MET C 67 -1.68 -37.01 48.63
C MET C 67 -0.52 -36.28 47.99
N LEU C 68 -0.49 -34.94 48.13
CA LEU C 68 0.61 -34.17 47.54
C LEU C 68 1.91 -34.42 48.28
N VAL C 69 1.88 -34.41 49.62
CA VAL C 69 3.10 -34.68 50.37
C VAL C 69 3.58 -36.09 50.05
N ASP C 70 2.65 -37.04 49.95
CA ASP C 70 3.03 -38.40 49.61
C ASP C 70 3.65 -38.50 48.23
N LEU C 71 3.16 -37.69 47.28
CA LEU C 71 3.81 -37.63 45.98
C LEU C 71 5.25 -37.15 46.10
N ALA C 72 5.48 -36.11 46.88
CA ALA C 72 6.85 -35.67 47.10
C ALA C 72 7.69 -36.77 47.75
N LYS C 73 7.13 -37.58 48.66
CA LYS C 73 7.92 -38.69 49.19
C LYS C 73 8.20 -39.73 48.12
N SER C 74 7.19 -40.09 47.33
CA SER C 74 7.39 -41.14 46.33
C SER C 74 8.34 -40.69 45.21
N ARG C 75 8.31 -39.42 44.82
CA ARG C 75 9.26 -38.96 43.81
C ARG C 75 10.64 -38.64 44.38
N GLY C 76 10.87 -38.87 45.67
CA GLY C 76 12.22 -38.78 46.20
C GLY C 76 12.74 -37.39 46.47
N VAL C 77 11.89 -36.45 46.87
CA VAL C 77 12.33 -35.07 47.00
C VAL C 77 13.43 -34.94 48.04
N GLU C 78 13.26 -35.57 49.20
CA GLU C 78 14.25 -35.39 50.25
C GLU C 78 15.59 -35.97 49.85
N ALA C 79 15.58 -37.15 49.23
CA ALA C 79 16.84 -37.74 48.77
C ALA C 79 17.56 -36.79 47.83
N ALA C 80 16.83 -36.22 46.86
CA ALA C 80 17.45 -35.31 45.91
C ALA C 80 17.98 -34.05 46.59
N ARG C 81 17.20 -33.50 47.51
CA ARG C 81 17.63 -32.33 48.26
C ARG C 81 19.00 -32.56 48.89
N GLU C 82 19.15 -33.69 49.60
CA GLU C 82 20.43 -33.97 50.25
C GLU C 82 21.56 -34.09 49.24
N ARG C 83 21.29 -34.71 48.08
CA ARG C 83 22.30 -34.78 47.03
C ARG C 83 22.74 -33.38 46.62
N MET C 84 21.81 -32.44 46.54
CA MET C 84 22.20 -31.08 46.19
C MET C 84 23.09 -30.51 47.27
N PHE C 85 22.63 -30.57 48.52
CA PHE C 85 23.36 -29.92 49.59
C PHE C 85 24.71 -30.59 49.84
N ASN C 86 24.86 -31.86 49.47
CA ASN C 86 26.12 -32.57 49.69
C ASN C 86 27.07 -32.53 48.51
N GLY C 87 26.74 -31.81 47.45
CA GLY C 87 27.68 -31.55 46.38
C GLY C 87 27.77 -32.61 45.32
N GLU C 88 26.83 -33.53 45.26
CA GLU C 88 26.78 -34.49 44.16
C GLU C 88 26.49 -33.78 42.85
N LYS C 89 26.92 -34.40 41.74
CA LYS C 89 26.74 -33.83 40.40
C LYS C 89 25.29 -34.07 39.93
N ILE C 90 24.35 -33.36 40.57
CA ILE C 90 22.95 -33.56 40.20
C ILE C 90 22.55 -32.84 38.92
N ASN C 91 23.37 -31.91 38.43
CA ASN C 91 23.21 -31.34 37.09
C ASN C 91 23.79 -32.38 36.13
N TYR C 92 22.99 -33.40 35.86
CA TYR C 92 23.55 -34.63 35.31
C TYR C 92 23.87 -34.55 33.83
N THR C 93 23.24 -33.65 33.09
CA THR C 93 23.53 -33.54 31.68
C THR C 93 24.87 -32.85 31.43
N GLU C 94 25.33 -31.97 32.33
CA GLU C 94 26.65 -31.35 32.19
C GLU C 94 27.63 -31.84 33.25
N GLY C 95 27.28 -32.86 34.03
CA GLY C 95 28.20 -33.39 35.03
C GLY C 95 28.68 -32.35 36.02
N ARG C 96 27.75 -31.65 36.68
CA ARG C 96 28.10 -30.54 37.57
C ARG C 96 27.37 -30.66 38.90
N ALA C 97 28.03 -30.17 39.94
CA ALA C 97 27.34 -29.93 41.19
C ALA C 97 26.41 -28.73 41.04
N VAL C 98 25.53 -28.55 42.02
CA VAL C 98 24.59 -27.45 42.04
C VAL C 98 24.69 -26.85 43.44
N LEU C 99 25.50 -25.82 43.60
CA LEU C 99 25.83 -25.39 44.94
C LEU C 99 25.66 -23.91 45.15
N HIS C 100 24.57 -23.30 44.64
CA HIS C 100 24.27 -21.95 45.12
C HIS C 100 24.08 -21.92 46.63
N VAL C 101 23.72 -23.06 47.26
CA VAL C 101 23.60 -23.03 48.72
C VAL C 101 24.97 -22.88 49.39
N ALA C 102 26.03 -23.36 48.76
CA ALA C 102 27.36 -23.17 49.32
C ALA C 102 27.73 -21.69 49.36
N LEU C 103 27.27 -20.90 48.38
CA LEU C 103 27.58 -19.48 48.30
C LEU C 103 27.12 -18.70 49.53
N ARG C 104 26.01 -19.13 50.14
CA ARG C 104 25.46 -18.45 51.31
C ARG C 104 25.57 -19.33 52.56
N ASN C 105 26.48 -20.30 52.55
CA ASN C 105 26.64 -21.24 53.68
C ASN C 105 27.40 -20.52 54.80
N ARG C 106 26.66 -19.70 55.54
CA ARG C 106 27.25 -18.86 56.57
C ARG C 106 27.85 -19.69 57.71
N SER C 107 27.31 -20.88 57.94
CA SER C 107 27.79 -21.76 59.00
C SER C 107 29.13 -22.40 58.64
N ASN C 108 29.49 -22.36 57.37
CA ASN C 108 30.79 -22.82 56.88
C ASN C 108 31.05 -24.29 57.15
N THR C 109 30.02 -25.09 57.36
CA THR C 109 30.24 -26.53 57.38
C THR C 109 30.85 -26.93 56.04
N PRO C 110 31.78 -27.89 56.02
CA PRO C 110 32.37 -28.29 54.74
C PRO C 110 31.30 -28.81 53.78
N ILE C 111 31.47 -28.46 52.50
CA ILE C 111 30.67 -29.01 51.42
C ILE C 111 31.65 -29.42 50.35
N LEU C 112 31.59 -30.68 49.92
CA LEU C 112 32.62 -31.26 49.09
C LEU C 112 32.15 -31.46 47.66
N VAL C 113 33.04 -31.11 46.72
CA VAL C 113 32.91 -31.44 45.31
C VAL C 113 34.20 -32.14 44.94
N ASP C 114 34.10 -33.40 44.52
CA ASP C 114 35.29 -34.16 44.18
C ASP C 114 36.21 -34.26 45.40
N GLY C 115 35.60 -34.49 46.57
CA GLY C 115 36.33 -34.66 47.82
C GLY C 115 36.91 -33.40 48.43
N LYS C 116 36.72 -32.23 47.81
CA LYS C 116 37.40 -31.00 48.21
C LYS C 116 36.40 -29.96 48.68
N ASP C 117 36.68 -29.34 49.82
CA ASP C 117 35.75 -28.37 50.41
C ASP C 117 35.74 -27.08 49.60
N VAL C 118 34.54 -26.64 49.19
CA VAL C 118 34.44 -25.41 48.40
C VAL C 118 34.46 -24.17 49.26
N MET C 119 34.23 -24.29 50.55
CA MET C 119 34.03 -23.09 51.36
C MET C 119 35.25 -22.19 51.53
N PRO C 120 36.48 -22.71 51.58
CA PRO C 120 37.62 -21.79 51.57
C PRO C 120 37.60 -20.85 50.38
N GLU C 121 37.36 -21.36 49.15
CA GLU C 121 37.37 -20.48 47.98
C GLU C 121 36.15 -19.56 47.93
N VAL C 122 34.98 -20.08 48.30
CA VAL C 122 33.80 -19.23 48.42
C VAL C 122 34.10 -18.07 49.35
N ASN C 123 34.75 -18.34 50.49
CA ASN C 123 34.98 -17.27 51.47
C ASN C 123 36.12 -16.35 51.07
N LYS C 124 37.07 -16.83 50.28
CA LYS C 124 38.14 -15.97 49.82
C LYS C 124 37.58 -14.91 48.89
N VAL C 125 36.66 -15.29 48.03
CA VAL C 125 36.09 -14.29 47.10
C VAL C 125 35.25 -13.29 47.87
N LEU C 126 34.50 -13.76 48.87
CA LEU C 126 33.68 -12.87 49.67
C LEU C 126 34.51 -11.85 50.40
N ASP C 127 35.66 -12.27 50.95
CA ASP C 127 36.55 -11.34 51.62
C ASP C 127 37.09 -10.31 50.65
N LYS C 128 37.47 -10.76 49.45
CA LYS C 128 37.91 -9.84 48.39
C LYS C 128 36.79 -8.85 48.05
N MET C 129 35.59 -9.37 47.85
CA MET C 129 34.43 -8.52 47.64
C MET C 129 34.34 -7.47 48.73
N LYS C 130 34.44 -7.91 49.98
CA LYS C 130 34.24 -7.01 51.11
C LYS C 130 35.30 -5.93 51.13
N SER C 131 36.55 -6.30 50.90
CA SER C 131 37.61 -5.29 50.89
C SER C 131 37.39 -4.27 49.77
N PHE C 132 37.10 -4.76 48.55
CA PHE C 132 36.89 -3.88 47.39
C PHE C 132 35.71 -2.93 47.61
N CYS C 133 34.61 -3.41 48.20
CA CYS C 133 33.48 -2.52 48.45
C CYS C 133 33.84 -1.46 49.48
N GLN C 134 34.58 -1.81 50.52
CA GLN C 134 35.01 -0.78 51.46
C GLN C 134 35.78 0.30 50.70
N ARG C 135 36.72 -0.12 49.86
CA ARG C 135 37.60 0.82 49.20
C ARG C 135 36.84 1.71 48.21
N VAL C 136 35.92 1.13 47.44
CA VAL C 136 35.17 1.93 46.47
C VAL C 136 34.21 2.87 47.20
N ARG C 137 33.45 2.34 48.16
CA ARG C 137 32.43 3.14 48.82
C ARG C 137 33.06 4.24 49.69
N SER C 138 34.18 3.95 50.36
CA SER C 138 34.85 4.98 51.14
C SER C 138 35.46 6.07 50.28
N GLY C 139 35.58 5.87 48.97
CA GLY C 139 36.34 6.77 48.14
C GLY C 139 37.83 6.56 48.23
N ASP C 140 38.29 5.50 48.90
CA ASP C 140 39.70 5.19 48.90
C ASP C 140 40.17 4.79 47.51
N TRP C 141 39.36 4.02 46.78
CA TRP C 141 39.68 3.60 45.42
C TRP C 141 39.46 4.76 44.47
N LYS C 142 40.54 5.19 43.80
CA LYS C 142 40.51 6.40 42.98
C LYS C 142 40.47 6.07 41.49
N GLY C 143 39.80 6.94 40.74
CA GLY C 143 39.80 6.84 39.30
C GLY C 143 41.13 7.32 38.76
N TYR C 144 41.21 7.38 37.43
CA TYR C 144 42.48 7.68 36.76
C TYR C 144 42.86 9.16 36.81
N THR C 145 41.98 10.03 37.30
CA THR C 145 42.28 11.41 37.62
C THR C 145 42.17 11.71 39.11
N GLY C 146 42.12 10.68 39.95
CA GLY C 146 42.16 10.84 41.39
C GLY C 146 40.81 11.01 42.05
N LYS C 147 39.73 10.69 41.36
CA LYS C 147 38.38 10.97 41.85
C LYS C 147 37.75 9.71 42.43
N THR C 148 36.82 9.91 43.36
CA THR C 148 36.05 8.79 43.90
C THR C 148 35.07 8.28 42.84
N ILE C 149 34.71 6.99 42.97
CA ILE C 149 33.72 6.38 42.09
C ILE C 149 32.33 6.87 42.47
N THR C 150 31.59 7.37 41.49
CA THR C 150 30.21 7.78 41.70
C THR C 150 29.20 6.88 40.98
N ASP C 151 29.64 6.08 40.03
CA ASP C 151 28.78 5.28 39.20
C ASP C 151 29.42 3.93 39.00
N VAL C 152 28.65 2.89 39.26
CA VAL C 152 29.03 1.52 38.98
C VAL C 152 28.11 1.02 37.88
N ILE C 153 28.69 0.37 36.87
CA ILE C 153 27.95 -0.09 35.71
C ILE C 153 28.20 -1.57 35.49
N ASN C 154 27.17 -2.37 35.71
CA ASN C 154 27.21 -3.81 35.50
C ASN C 154 26.87 -4.12 34.05
N ILE C 155 27.76 -4.84 33.37
CA ILE C 155 27.54 -5.24 31.99
C ILE C 155 27.45 -6.76 31.99
N GLY C 156 26.30 -7.28 31.59
CA GLY C 156 26.04 -8.69 31.63
C GLY C 156 24.60 -8.91 31.27
N ILE C 157 24.26 -10.14 30.90
CA ILE C 157 22.92 -10.47 30.46
C ILE C 157 22.47 -11.75 31.15
N GLY C 158 21.16 -11.93 31.22
CA GLY C 158 20.61 -13.13 31.86
C GLY C 158 20.95 -13.23 33.34
N GLY C 159 21.45 -14.40 33.73
CA GLY C 159 21.82 -14.59 35.12
C GLY C 159 22.83 -13.59 35.64
N SER C 160 23.57 -12.94 34.75
CA SER C 160 24.59 -11.98 35.14
C SER C 160 24.05 -10.56 35.23
N ASP C 161 22.72 -10.40 35.14
CA ASP C 161 22.02 -9.13 35.02
C ASP C 161 20.85 -9.12 36.01
N LEU C 162 19.93 -10.07 35.82
CA LEU C 162 18.58 -9.93 36.39
C LEU C 162 18.57 -9.98 37.91
N GLY C 163 19.39 -10.84 38.53
CA GLY C 163 19.45 -10.91 39.97
C GLY C 163 19.97 -9.65 40.65
N PRO C 164 21.20 -9.24 40.31
CA PRO C 164 21.69 -7.96 40.83
C PRO C 164 20.75 -6.80 40.59
N LEU C 165 20.16 -6.70 39.39
CA LEU C 165 19.23 -5.62 39.11
C LEU C 165 18.00 -5.70 40.02
N MET C 166 17.40 -6.88 40.13
CA MET C 166 16.19 -7.01 40.95
C MET C 166 16.47 -6.70 42.42
N VAL C 167 17.62 -7.13 42.94
CA VAL C 167 17.95 -6.94 44.35
C VAL C 167 18.29 -5.47 44.64
N THR C 168 19.08 -4.82 43.77
CA THR C 168 19.36 -3.40 43.99
C THR C 168 18.10 -2.55 43.86
N GLU C 169 17.20 -2.92 42.95
CA GLU C 169 15.91 -2.23 42.93
C GLU C 169 15.15 -2.47 44.25
N ALA C 170 15.13 -3.72 44.70
CA ALA C 170 14.33 -4.05 45.89
C ALA C 170 14.96 -3.47 47.15
N LEU C 171 16.28 -3.29 47.18
CA LEU C 171 16.97 -2.80 48.38
C LEU C 171 17.44 -1.35 48.25
N LYS C 172 16.84 -0.61 47.33
CA LYS C 172 17.16 0.80 47.13
C LYS C 172 17.19 1.63 48.41
N PRO C 173 16.35 1.39 49.41
CA PRO C 173 16.46 2.19 50.64
C PRO C 173 17.74 1.95 51.40
N TYR C 174 18.51 0.91 51.06
CA TYR C 174 19.70 0.55 51.81
C TYR C 174 20.95 1.07 51.15
N SER C 175 20.80 1.96 50.17
CA SER C 175 21.87 2.35 49.27
C SER C 175 22.39 3.75 49.54
N SER C 176 22.04 4.36 50.67
CA SER C 176 22.64 5.62 51.02
C SER C 176 24.15 5.44 51.13
N GLY C 177 24.92 6.34 50.53
CA GLY C 177 26.36 6.27 50.60
C GLY C 177 26.99 5.23 49.70
N GLY C 178 26.21 4.66 48.79
CA GLY C 178 26.75 3.82 47.75
C GLY C 178 26.77 4.57 46.44
N PRO C 179 27.60 4.13 45.50
CA PRO C 179 27.52 4.72 44.17
C PRO C 179 26.20 4.34 43.52
N ARG C 180 25.75 5.19 42.60
CA ARG C 180 24.66 4.84 41.68
C ARG C 180 25.03 3.57 40.94
N VAL C 181 24.04 2.75 40.65
CA VAL C 181 24.27 1.51 39.92
C VAL C 181 23.45 1.50 38.63
N TRP C 182 24.07 1.06 37.55
CA TRP C 182 23.48 0.95 36.21
C TRP C 182 23.62 -0.47 35.69
N TYR C 183 22.62 -0.96 34.96
CA TYR C 183 22.64 -2.31 34.40
C TYR C 183 22.50 -2.20 32.88
N VAL C 184 23.55 -2.58 32.15
CA VAL C 184 23.57 -2.62 30.69
C VAL C 184 23.59 -4.08 30.30
N SER C 185 22.62 -4.53 29.50
CA SER C 185 22.50 -5.95 29.21
C SER C 185 22.22 -6.24 27.75
N ASN C 186 21.23 -5.56 27.16
CA ASN C 186 20.85 -5.82 25.78
C ASN C 186 22.03 -5.50 24.86
N ILE C 187 22.25 -6.35 23.84
CA ILE C 187 23.17 -5.98 22.76
C ILE C 187 22.69 -4.73 22.04
N ASP C 188 21.38 -4.52 21.99
CA ASP C 188 20.82 -3.34 21.33
C ASP C 188 21.57 -2.11 21.79
N GLY C 189 22.20 -1.41 20.83
CA GLY C 189 23.16 -0.37 21.17
C GLY C 189 22.55 0.80 21.89
N THR C 190 21.22 0.93 21.81
CA THR C 190 20.54 1.88 22.68
C THR C 190 20.95 1.74 24.14
N HIS C 191 21.18 0.52 24.60
CA HIS C 191 21.32 0.31 26.04
C HIS C 191 22.63 0.90 26.55
N ILE C 192 23.75 0.54 25.92
CA ILE C 192 25.04 1.09 26.37
C ILE C 192 25.12 2.57 26.00
N ALA C 193 24.59 2.94 24.83
CA ALA C 193 24.72 4.32 24.36
C ALA C 193 24.04 5.29 25.30
N LYS C 194 22.78 5.02 25.66
CA LYS C 194 22.09 5.95 26.56
C LYS C 194 22.68 5.92 27.96
N THR C 195 23.35 4.85 28.34
CA THR C 195 24.01 4.80 29.64
C THR C 195 25.30 5.63 29.62
N LEU C 196 26.18 5.37 28.66
CA LEU C 196 27.45 6.11 28.61
C LEU C 196 27.25 7.61 28.50
N ALA C 197 26.17 8.06 27.86
CA ALA C 197 25.98 9.49 27.72
C ALA C 197 25.70 10.17 29.06
N GLN C 198 25.47 9.42 30.12
CA GLN C 198 25.18 9.98 31.43
C GLN C 198 26.35 9.81 32.38
N LEU C 199 27.51 9.39 31.89
CA LEU C 199 28.60 8.99 32.76
C LEU C 199 29.84 9.84 32.50
N ASN C 200 30.59 10.06 33.58
CA ASN C 200 31.92 10.67 33.57
C ASN C 200 32.93 9.54 33.67
N PRO C 201 33.78 9.30 32.66
CA PRO C 201 34.69 8.16 32.77
C PRO C 201 35.69 8.27 33.89
N GLU C 202 35.83 9.45 34.51
CA GLU C 202 36.74 9.66 35.63
C GLU C 202 36.20 9.10 36.94
N SER C 203 34.88 8.88 37.01
CA SER C 203 34.25 8.41 38.23
C SER C 203 33.32 7.22 37.98
N SER C 204 33.54 6.47 36.90
CA SER C 204 32.71 5.33 36.55
C SER C 204 33.48 4.03 36.60
N LEU C 205 32.92 3.05 37.32
CA LEU C 205 33.51 1.73 37.48
C LEU C 205 32.67 0.72 36.72
N PHE C 206 33.29 0.02 35.80
CA PHE C 206 32.63 -0.98 34.97
C PHE C 206 32.89 -2.37 35.54
N ILE C 207 31.82 -3.14 35.65
CA ILE C 207 31.85 -4.53 36.11
C ILE C 207 31.42 -5.39 34.93
N ILE C 208 32.33 -6.19 34.41
CA ILE C 208 32.01 -7.07 33.28
C ILE C 208 31.62 -8.42 33.88
N ALA C 209 30.31 -8.70 33.92
CA ALA C 209 29.77 -9.88 34.59
C ALA C 209 29.44 -10.96 33.57
N SER C 210 30.20 -12.04 33.58
CA SER C 210 29.92 -13.15 32.67
C SER C 210 30.57 -14.45 33.15
N LYS C 211 29.75 -15.45 33.45
CA LYS C 211 30.29 -16.75 33.83
C LYS C 211 31.33 -17.24 32.83
N THR C 212 30.95 -17.32 31.55
CA THR C 212 31.80 -17.83 30.47
C THR C 212 32.83 -16.80 30.00
N PHE C 213 32.55 -15.52 30.20
CA PHE C 213 33.26 -14.41 29.56
C PHE C 213 33.36 -14.58 28.05
N THR C 214 32.38 -15.28 27.44
CA THR C 214 32.32 -15.35 25.98
C THR C 214 31.00 -14.91 25.37
N THR C 215 29.96 -14.67 26.16
CA THR C 215 28.66 -14.26 25.63
C THR C 215 28.77 -13.02 24.77
N GLN C 216 28.20 -13.09 23.58
CA GLN C 216 28.48 -12.06 22.59
C GLN C 216 27.93 -10.71 23.03
N GLU C 217 26.70 -10.68 23.56
CA GLU C 217 26.15 -9.42 24.05
C GLU C 217 27.07 -8.76 25.07
N THR C 218 27.54 -9.52 26.05
CA THR C 218 28.33 -8.94 27.13
C THR C 218 29.71 -8.50 26.62
N ILE C 219 30.37 -9.35 25.86
CA ILE C 219 31.71 -9.00 25.41
C ILE C 219 31.66 -7.82 24.43
N THR C 220 30.63 -7.75 23.60
CA THR C 220 30.54 -6.60 22.71
C THR C 220 30.28 -5.31 23.50
N ASN C 221 29.27 -5.32 24.39
CA ASN C 221 29.06 -4.19 25.28
C ASN C 221 30.34 -3.82 26.05
N ALA C 222 31.07 -4.82 26.53
CA ALA C 222 32.27 -4.54 27.31
C ALA C 222 33.32 -3.84 26.46
N GLU C 223 33.45 -4.28 25.22
CA GLU C 223 34.43 -3.69 24.30
C GLU C 223 34.04 -2.27 23.90
N THR C 224 32.75 -2.04 23.67
CA THR C 224 32.26 -0.68 23.44
C THR C 224 32.53 0.21 24.65
N ALA C 225 32.36 -0.32 25.87
CA ALA C 225 32.60 0.51 27.04
C ALA C 225 34.09 0.81 27.19
N LYS C 226 34.93 -0.19 26.95
CA LYS C 226 36.38 0.00 27.11
C LYS C 226 36.90 1.03 26.10
N GLU C 227 36.37 0.97 24.88
CA GLU C 227 36.76 1.92 23.83
C GLU C 227 36.32 3.34 24.18
N TRP C 228 35.10 3.49 24.68
CA TRP C 228 34.66 4.78 25.19
C TRP C 228 35.55 5.28 26.32
N PHE C 229 35.90 4.39 27.25
CA PHE C 229 36.75 4.79 28.36
C PHE C 229 38.13 5.22 27.88
N LEU C 230 38.76 4.43 27.00
CA LEU C 230 40.12 4.77 26.57
C LEU C 230 40.14 6.03 25.71
N GLN C 231 39.05 6.33 25.00
CA GLN C 231 38.99 7.55 24.22
C GLN C 231 39.17 8.78 25.11
N ALA C 232 38.75 8.68 26.36
CA ALA C 232 38.85 9.76 27.33
C ALA C 232 40.17 9.73 28.10
N ALA C 233 40.57 8.52 28.55
CA ALA C 233 41.73 8.36 29.42
C ALA C 233 43.01 8.16 28.63
N LYS C 234 42.94 7.49 27.48
CA LYS C 234 44.08 7.26 26.57
C LYS C 234 45.12 6.31 27.16
N ASP C 235 45.40 6.49 28.44
CA ASP C 235 46.29 5.67 29.26
C ASP C 235 45.79 4.24 29.46
N PRO C 236 46.44 3.23 28.88
CA PRO C 236 45.92 1.86 29.00
C PRO C 236 46.01 1.29 30.40
N SER C 237 47.00 1.73 31.19
CA SER C 237 47.07 1.29 32.58
C SER C 237 45.89 1.81 33.41
N ALA C 238 45.10 2.75 32.90
CA ALA C 238 43.98 3.29 33.65
C ALA C 238 42.80 2.33 33.69
N VAL C 239 42.80 1.33 32.82
CA VAL C 239 41.70 0.37 32.77
C VAL C 239 41.61 -0.40 34.08
N ALA C 240 42.77 -0.71 34.68
CA ALA C 240 42.79 -1.40 35.95
C ALA C 240 42.19 -0.58 37.09
N LYS C 241 41.96 0.70 36.90
CA LYS C 241 41.25 1.46 37.92
C LYS C 241 39.74 1.46 37.70
N HIS C 242 39.28 0.97 36.56
CA HIS C 242 37.91 1.21 36.13
C HIS C 242 37.17 0.00 35.62
N PHE C 243 37.83 -1.15 35.42
CA PHE C 243 37.18 -2.33 34.87
C PHE C 243 37.52 -3.54 35.74
N VAL C 244 36.51 -4.22 36.27
CA VAL C 244 36.69 -5.48 36.96
C VAL C 244 35.84 -6.52 36.23
N ALA C 245 36.11 -7.79 36.53
CA ALA C 245 35.39 -8.90 35.93
C ALA C 245 34.90 -9.86 36.99
N LEU C 246 33.71 -10.40 36.76
CA LEU C 246 33.14 -11.47 37.56
C LEU C 246 32.97 -12.64 36.60
N SER C 247 33.75 -13.70 36.79
CA SER C 247 33.75 -14.78 35.82
C SER C 247 34.32 -16.04 36.44
N THR C 248 34.19 -17.14 35.70
CA THR C 248 34.89 -18.38 36.00
C THR C 248 36.08 -18.62 35.08
N ASN C 249 36.24 -17.82 34.03
CA ASN C 249 37.21 -18.05 32.95
C ASN C 249 38.35 -17.05 33.07
N THR C 250 39.31 -17.38 33.92
CA THR C 250 40.49 -16.55 34.10
C THR C 250 41.17 -16.20 32.78
N THR C 251 41.23 -17.16 31.87
CA THR C 251 41.99 -16.96 30.63
C THR C 251 41.37 -15.86 29.77
N LYS C 252 40.07 -15.94 29.53
CA LYS C 252 39.49 -14.94 28.63
C LYS C 252 39.39 -13.58 29.30
N VAL C 253 39.36 -13.55 30.63
CA VAL C 253 39.40 -12.27 31.33
C VAL C 253 40.77 -11.61 31.15
N LYS C 254 41.84 -12.39 31.22
CA LYS C 254 43.17 -11.85 30.91
C LYS C 254 43.22 -11.37 29.46
N GLU C 255 42.86 -12.27 28.53
CA GLU C 255 42.80 -11.95 27.11
C GLU C 255 42.12 -10.62 26.85
N PHE C 256 40.99 -10.37 27.53
CA PHE C 256 40.23 -9.15 27.31
C PHE C 256 40.92 -7.92 27.89
N GLY C 257 41.92 -8.08 28.75
CA GLY C 257 42.70 -6.96 29.25
C GLY C 257 42.45 -6.56 30.67
N ILE C 258 41.77 -7.39 31.44
CA ILE C 258 41.50 -7.08 32.83
C ILE C 258 42.60 -7.66 33.69
N ASP C 259 43.14 -6.83 34.56
CA ASP C 259 44.15 -7.22 35.53
C ASP C 259 43.72 -8.46 36.32
N PRO C 260 44.59 -9.46 36.47
CA PRO C 260 44.19 -10.64 37.28
C PRO C 260 43.83 -10.29 38.72
N GLN C 261 44.38 -9.20 39.27
CA GLN C 261 43.94 -8.68 40.55
C GLN C 261 42.48 -8.23 40.56
N ASN C 262 41.88 -8.01 39.39
CA ASN C 262 40.56 -7.44 39.29
C ASN C 262 39.51 -8.47 38.89
N MET C 263 39.79 -9.75 39.07
CA MET C 263 38.85 -10.81 38.74
C MET C 263 38.23 -11.37 40.02
N PHE C 264 36.90 -11.34 40.09
CA PHE C 264 36.19 -11.97 41.20
C PHE C 264 35.60 -13.26 40.66
N GLU C 265 36.12 -14.38 41.14
CA GLU C 265 35.84 -15.67 40.53
C GLU C 265 34.59 -16.28 41.15
N PHE C 266 33.91 -17.11 40.36
CA PHE C 266 32.96 -18.09 40.88
C PHE C 266 33.19 -19.36 40.07
N TRP C 267 32.32 -20.35 40.23
CA TRP C 267 32.61 -21.73 39.91
C TRP C 267 31.50 -22.29 39.03
N ASP C 268 31.80 -23.41 38.36
CA ASP C 268 30.84 -23.92 37.39
C ASP C 268 29.55 -24.44 38.02
N TRP C 269 29.56 -24.79 39.30
CA TRP C 269 28.34 -25.24 39.97
C TRP C 269 27.47 -24.09 40.44
N VAL C 270 27.85 -22.85 40.12
CA VAL C 270 27.01 -21.68 40.28
C VAL C 270 26.29 -21.47 38.96
N GLY C 271 25.03 -21.88 38.90
CA GLY C 271 24.23 -21.60 37.72
C GLY C 271 23.97 -20.11 37.58
N GLY C 272 23.93 -19.64 36.32
CA GLY C 272 23.71 -18.23 36.08
C GLY C 272 22.47 -17.71 36.77
N ARG C 273 21.36 -18.41 36.62
CA ARG C 273 20.12 -17.94 37.23
C ARG C 273 20.09 -18.19 38.73
N TYR C 274 21.18 -18.73 39.30
CA TYR C 274 21.32 -18.89 40.73
C TYR C 274 22.59 -18.22 41.23
N SER C 275 23.04 -17.16 40.54
CA SER C 275 24.40 -16.68 40.75
C SER C 275 24.49 -15.40 41.57
N LEU C 276 23.38 -14.70 41.84
CA LEU C 276 23.52 -13.40 42.50
C LEU C 276 24.15 -13.51 43.88
N TRP C 277 24.18 -14.72 44.47
CA TRP C 277 24.79 -14.93 45.77
C TRP C 277 26.29 -15.00 45.72
N SER C 278 26.85 -15.04 44.52
CA SER C 278 28.27 -15.17 44.25
C SER C 278 28.88 -13.81 44.01
N ALA C 279 30.10 -13.81 43.45
CA ALA C 279 30.73 -12.58 42.97
C ALA C 279 29.83 -11.79 42.03
N ILE C 280 28.94 -12.46 41.30
CA ILE C 280 27.96 -11.79 40.44
C ILE C 280 27.21 -10.71 41.22
N GLY C 281 27.05 -10.88 42.54
CA GLY C 281 26.42 -9.89 43.42
C GLY C 281 27.27 -8.69 43.81
N LEU C 282 28.46 -8.53 43.23
CA LEU C 282 29.32 -7.39 43.55
C LEU C 282 28.59 -6.05 43.43
N SER C 283 27.82 -5.86 42.33
CA SER C 283 27.11 -4.59 42.19
C SER C 283 26.11 -4.37 43.32
N ILE C 284 25.56 -5.46 43.88
CA ILE C 284 24.70 -5.31 45.06
C ILE C 284 25.50 -4.80 46.25
N ALA C 285 26.62 -5.46 46.51
CA ALA C 285 27.45 -5.10 47.66
C ALA C 285 27.95 -3.66 47.54
N LEU C 286 28.34 -3.25 46.33
CA LEU C 286 28.79 -1.87 46.13
C LEU C 286 27.67 -0.89 46.43
N HIS C 287 26.44 -1.24 46.04
CA HIS C 287 25.33 -0.30 46.12
C HIS C 287 24.83 -0.16 47.56
N VAL C 288 24.62 -1.28 48.27
CA VAL C 288 24.04 -1.25 49.61
C VAL C 288 25.04 -1.59 50.68
N GLY C 289 26.29 -1.89 50.34
CA GLY C 289 27.26 -2.27 51.35
C GLY C 289 27.37 -3.76 51.51
N PHE C 290 28.60 -4.23 51.77
CA PHE C 290 28.85 -5.65 51.91
C PHE C 290 28.10 -6.23 53.09
N ASP C 291 27.88 -5.42 54.14
CA ASP C 291 27.17 -5.90 55.31
C ASP C 291 25.72 -6.24 54.96
N ASN C 292 25.10 -5.43 54.11
CA ASN C 292 23.73 -5.74 53.66
C ASN C 292 23.71 -6.96 52.75
N PHE C 293 24.70 -7.07 51.86
CA PHE C 293 24.89 -8.28 51.07
C PHE C 293 25.01 -9.51 51.96
N GLU C 294 25.78 -9.41 53.06
CA GLU C 294 25.87 -10.55 53.97
C GLU C 294 24.51 -10.89 54.60
N GLN C 295 23.72 -9.88 54.95
CA GLN C 295 22.36 -10.14 55.44
C GLN C 295 21.51 -10.86 54.39
N LEU C 296 21.58 -10.41 53.14
CA LEU C 296 20.91 -11.09 52.03
C LEU C 296 21.31 -12.57 51.97
N LEU C 297 22.61 -12.87 52.03
CA LEU C 297 23.03 -14.27 52.04
C LEU C 297 22.51 -14.98 53.28
N SER C 298 22.49 -14.30 54.43
CA SER C 298 22.09 -14.95 55.69
C SER C 298 20.61 -15.34 55.66
N GLY C 299 19.79 -14.54 54.99
CA GLY C 299 18.39 -14.87 54.84
C GLY C 299 18.17 -16.07 53.96
N ALA C 300 18.90 -16.14 52.85
CA ALA C 300 18.86 -17.33 52.01
C ALA C 300 19.31 -18.55 52.80
N HIS C 301 20.35 -18.38 53.61
CA HIS C 301 20.87 -19.46 54.42
C HIS C 301 19.83 -19.96 55.41
N TRP C 302 19.12 -19.04 56.06
CA TRP C 302 18.03 -19.45 56.92
C TRP C 302 17.03 -20.30 56.16
N MET C 303 16.62 -19.83 54.97
CA MET C 303 15.63 -20.58 54.20
C MET C 303 16.20 -21.91 53.69
N ASP C 304 17.48 -21.95 53.32
CA ASP C 304 18.09 -23.23 52.96
C ASP C 304 17.90 -24.25 54.10
N GLN C 305 18.16 -23.82 55.33
CA GLN C 305 18.04 -24.72 56.49
C GLN C 305 16.58 -25.07 56.78
N HIS C 306 15.68 -24.09 56.70
CA HIS C 306 14.27 -24.44 56.77
C HIS C 306 13.93 -25.54 55.78
N PHE C 307 14.26 -25.34 54.49
CA PHE C 307 13.99 -26.35 53.48
C PHE C 307 14.63 -27.68 53.83
N ARG C 308 15.81 -27.64 54.41
CA ARG C 308 16.55 -28.87 54.69
C ARG C 308 15.99 -29.62 55.91
N THR C 309 15.52 -28.91 56.93
CA THR C 309 15.24 -29.55 58.23
C THR C 309 13.76 -29.75 58.52
N THR C 310 12.88 -29.19 57.73
CA THR C 310 11.45 -29.15 58.05
C THR C 310 10.73 -30.34 57.41
N PRO C 311 9.96 -31.11 58.18
CA PRO C 311 9.14 -32.16 57.58
C PRO C 311 8.29 -31.63 56.45
N LEU C 312 8.10 -32.46 55.43
CA LEU C 312 7.58 -31.97 54.14
C LEU C 312 6.25 -31.25 54.31
N GLU C 313 5.34 -31.80 55.15
CA GLU C 313 4.02 -31.21 55.23
C GLU C 313 3.99 -29.83 55.89
N LYS C 314 5.11 -29.31 56.40
CA LYS C 314 5.15 -27.98 57.01
C LYS C 314 6.27 -27.14 56.37
N ASN C 315 6.73 -27.55 55.19
CA ASN C 315 7.94 -27.07 54.55
C ASN C 315 7.54 -26.10 53.44
N ALA C 316 7.84 -24.80 53.63
CA ALA C 316 7.28 -23.77 52.76
C ALA C 316 7.59 -24.02 51.29
N PRO C 317 8.86 -24.11 50.85
CA PRO C 317 9.06 -24.28 49.39
C PRO C 317 8.46 -25.55 48.87
N VAL C 318 8.36 -26.57 49.71
CA VAL C 318 7.78 -27.83 49.26
C VAL C 318 6.30 -27.67 49.03
N LEU C 319 5.62 -26.95 49.92
CA LEU C 319 4.17 -26.77 49.78
C LEU C 319 3.84 -25.86 48.61
N LEU C 320 4.64 -24.83 48.37
CA LEU C 320 4.42 -24.00 47.17
C LEU C 320 4.61 -24.83 45.90
N ALA C 321 5.65 -25.66 45.89
CA ALA C 321 5.91 -26.55 44.76
C ALA C 321 4.73 -27.48 44.50
N LEU C 322 4.18 -28.09 45.55
CA LEU C 322 3.15 -29.10 45.38
C LEU C 322 1.83 -28.48 44.91
N LEU C 323 1.48 -27.30 45.42
CA LEU C 323 0.31 -26.61 44.93
C LEU C 323 0.48 -26.25 43.44
N GLY C 324 1.68 -25.89 43.06
CA GLY C 324 1.95 -25.66 41.64
C GLY C 324 1.75 -26.93 40.82
N ILE C 325 2.29 -28.05 41.31
CA ILE C 325 2.11 -29.35 40.64
C ILE C 325 0.62 -29.64 40.47
N TRP C 326 -0.15 -29.43 41.54
CA TRP C 326 -1.60 -29.65 41.49
C TRP C 326 -2.24 -28.87 40.35
N TYR C 327 -1.85 -27.60 40.19
CA TYR C 327 -2.53 -26.74 39.21
C TYR C 327 -2.00 -27.00 37.81
N ILE C 328 -0.73 -27.38 37.68
CA ILE C 328 -0.14 -27.59 36.38
C ILE C 328 -0.55 -28.94 35.83
N ASN C 329 -0.41 -29.98 36.64
CA ASN C 329 -0.53 -31.33 36.14
C ASN C 329 -1.92 -31.93 36.30
N CYS C 330 -2.77 -31.40 37.18
CA CYS C 330 -4.15 -31.85 37.24
C CYS C 330 -5.10 -30.83 36.61
N PHE C 331 -5.03 -29.57 37.01
CA PHE C 331 -5.93 -28.57 36.46
C PHE C 331 -5.48 -28.08 35.08
N GLY C 332 -4.18 -28.14 34.80
CA GLY C 332 -3.70 -27.78 33.48
C GLY C 332 -3.45 -26.30 33.26
N CYS C 333 -3.23 -25.53 34.31
CA CYS C 333 -2.91 -24.11 34.18
C CYS C 333 -1.53 -23.88 33.58
N GLU C 334 -1.49 -23.09 32.50
CA GLU C 334 -0.25 -22.82 31.80
C GLU C 334 0.64 -21.85 32.57
N THR C 335 0.04 -20.96 33.35
CA THR C 335 0.81 -19.85 33.88
C THR C 335 0.75 -19.76 35.42
N HIS C 336 1.58 -18.88 35.92
CA HIS C 336 1.68 -18.63 37.36
C HIS C 336 2.01 -17.15 37.50
N ALA C 337 1.09 -16.38 38.07
CA ALA C 337 1.31 -14.95 38.27
C ALA C 337 1.94 -14.69 39.64
N MET C 338 2.95 -13.83 39.63
CA MET C 338 3.60 -13.34 40.84
C MET C 338 3.31 -11.85 40.95
N LEU C 339 2.64 -11.48 42.04
CA LEU C 339 2.02 -10.17 42.23
C LEU C 339 2.48 -9.64 43.59
N PRO C 340 3.69 -9.09 43.66
CA PRO C 340 4.13 -8.44 44.90
C PRO C 340 3.49 -7.05 45.02
N TYR C 341 2.93 -6.78 46.20
CA TYR C 341 2.34 -5.47 46.49
C TYR C 341 3.44 -4.58 47.09
N ASP C 342 4.40 -4.22 46.22
CA ASP C 342 5.61 -3.54 46.64
C ASP C 342 6.35 -3.03 45.39
N GLN C 343 6.36 -1.72 45.24
CA GLN C 343 6.99 -1.11 44.07
C GLN C 343 8.47 -1.47 43.99
N TYR C 344 9.13 -1.62 45.14
CA TYR C 344 10.55 -1.98 45.11
C TYR C 344 10.77 -3.36 44.51
N LEU C 345 9.77 -4.24 44.60
CA LEU C 345 9.84 -5.56 43.98
C LEU C 345 9.35 -5.56 42.52
N HIS C 346 9.46 -4.43 41.81
CA HIS C 346 8.90 -4.38 40.46
C HIS C 346 9.61 -5.28 39.46
N ARG C 347 10.83 -5.76 39.76
CA ARG C 347 11.53 -6.68 38.85
C ARG C 347 11.58 -8.11 39.40
N PHE C 348 10.76 -8.42 40.41
CA PHE C 348 10.79 -9.72 41.06
C PHE C 348 10.22 -10.82 40.16
N ALA C 349 9.05 -10.55 39.56
CA ALA C 349 8.48 -11.52 38.61
C ALA C 349 9.40 -11.72 37.41
N ALA C 350 10.01 -10.64 36.91
CA ALA C 350 10.92 -10.80 35.77
C ALA C 350 12.10 -11.69 36.14
N TYR C 351 12.59 -11.54 37.36
CA TYR C 351 13.69 -12.41 37.81
C TYR C 351 13.28 -13.87 37.81
N PHE C 352 12.06 -14.17 38.26
CA PHE C 352 11.62 -15.56 38.28
C PHE C 352 11.11 -16.06 36.95
N GLN C 353 10.92 -15.19 35.95
CA GLN C 353 10.78 -15.70 34.60
C GLN C 353 12.03 -16.47 34.19
N GLN C 354 13.21 -15.98 34.55
CA GLN C 354 14.39 -16.79 34.28
C GLN C 354 14.48 -17.93 35.30
N GLY C 355 14.41 -17.61 36.58
CA GLY C 355 14.66 -18.64 37.59
C GLY C 355 13.74 -19.84 37.41
N ASP C 356 12.47 -19.60 37.20
CA ASP C 356 11.55 -20.70 37.00
C ASP C 356 11.59 -21.23 35.56
N MET C 357 11.40 -20.36 34.56
CA MET C 357 11.15 -20.88 33.22
C MET C 357 12.39 -21.50 32.60
N GLU C 358 13.56 -20.88 32.76
CA GLU C 358 14.76 -21.51 32.23
C GLU C 358 15.13 -22.77 33.02
N SER C 359 14.80 -22.84 34.32
CA SER C 359 15.03 -24.06 35.09
C SER C 359 14.10 -25.20 34.63
N ASN C 360 12.80 -24.96 34.57
CA ASN C 360 11.84 -26.07 34.47
C ASN C 360 11.12 -26.07 33.13
N GLY C 361 11.58 -25.24 32.19
CA GLY C 361 11.02 -25.27 30.85
C GLY C 361 11.73 -26.34 30.05
N LYS C 362 11.43 -27.60 30.36
CA LYS C 362 12.21 -28.73 29.88
C LYS C 362 11.25 -29.82 29.48
N TYR C 363 11.74 -30.78 28.72
CA TYR C 363 10.85 -31.84 28.26
C TYR C 363 11.50 -33.21 28.21
N ILE C 364 12.78 -33.34 28.57
CA ILE C 364 13.47 -34.63 28.63
C ILE C 364 13.76 -34.97 30.09
N THR C 365 13.45 -36.20 30.48
CA THR C 365 13.61 -36.64 31.86
C THR C 365 15.02 -37.17 32.13
N LYS C 366 15.27 -37.57 33.39
CA LYS C 366 16.61 -38.03 33.78
C LYS C 366 17.04 -39.26 32.99
N SER C 367 16.11 -40.11 32.61
CA SER C 367 16.37 -41.31 31.83
C SER C 367 16.47 -41.07 30.33
N GLY C 368 16.32 -39.83 29.86
CA GLY C 368 16.34 -39.56 28.44
C GLY C 368 15.02 -39.72 27.74
N THR C 369 13.95 -39.99 28.46
CA THR C 369 12.62 -40.16 27.89
C THR C 369 11.94 -38.79 27.79
N ARG C 370 11.06 -38.67 26.79
CA ARG C 370 10.22 -37.50 26.63
C ARG C 370 9.09 -37.53 27.64
N VAL C 371 8.88 -36.41 28.35
CA VAL C 371 7.76 -36.34 29.29
C VAL C 371 6.47 -36.55 28.50
N ASP C 372 5.44 -37.03 29.20
CA ASP C 372 4.09 -37.11 28.65
C ASP C 372 3.12 -36.30 29.51
N HIS C 373 3.66 -35.26 30.16
CA HIS C 373 2.93 -34.38 31.04
C HIS C 373 3.54 -32.99 30.94
N GLN C 374 2.85 -32.02 31.50
CA GLN C 374 3.33 -30.65 31.56
C GLN C 374 4.53 -30.49 32.48
N THR C 375 5.40 -29.53 32.12
CA THR C 375 6.42 -29.08 33.07
C THR C 375 6.21 -27.61 33.44
N GLY C 376 7.29 -26.84 33.55
CA GLY C 376 7.22 -25.54 34.17
C GLY C 376 6.20 -24.62 33.51
N PRO C 377 5.57 -23.77 34.32
CA PRO C 377 4.60 -22.80 33.79
C PRO C 377 5.28 -21.55 33.23
N ILE C 378 4.49 -20.77 32.47
CA ILE C 378 4.86 -19.41 32.11
C ILE C 378 4.61 -18.50 33.30
N VAL C 379 5.66 -17.84 33.75
CA VAL C 379 5.62 -16.95 34.90
C VAL C 379 5.51 -15.52 34.42
N TRP C 380 4.64 -14.73 35.05
CA TRP C 380 4.40 -13.36 34.62
C TRP C 380 3.85 -12.58 35.79
N GLY C 381 3.68 -11.29 35.59
CA GLY C 381 3.14 -10.47 36.64
C GLY C 381 3.73 -9.08 36.73
N GLU C 382 3.06 -8.24 37.50
CA GLU C 382 3.46 -6.87 37.74
C GLU C 382 3.07 -6.55 39.17
N PRO C 383 3.70 -5.58 39.79
CA PRO C 383 3.37 -5.29 41.18
C PRO C 383 1.99 -4.65 41.35
N GLY C 384 1.33 -5.01 42.45
CA GLY C 384 0.10 -4.33 42.82
C GLY C 384 0.41 -3.02 43.50
N THR C 385 -0.53 -2.07 43.41
CA THR C 385 -1.87 -2.20 42.82
C THR C 385 -1.95 -2.00 41.32
N ASN C 386 -0.81 -1.77 40.66
CA ASN C 386 -0.86 -1.41 39.25
C ASN C 386 -1.59 -2.47 38.44
N GLY C 387 -1.27 -3.73 38.70
CA GLY C 387 -1.85 -4.81 37.93
C GLY C 387 -3.35 -4.85 38.03
N GLN C 388 -3.91 -4.36 39.15
CA GLN C 388 -5.37 -4.30 39.29
C GLN C 388 -6.01 -3.45 38.24
N HIS C 389 -5.28 -2.44 37.76
CA HIS C 389 -5.77 -1.56 36.70
C HIS C 389 -5.21 -1.90 35.33
N ALA C 390 -4.52 -3.03 35.17
CA ALA C 390 -4.08 -3.49 33.87
C ALA C 390 -4.76 -4.78 33.44
N PHE C 391 -4.53 -5.87 34.16
CA PHE C 391 -4.96 -7.18 33.70
C PHE C 391 -5.84 -7.94 34.68
N TYR C 392 -6.15 -7.38 35.85
CA TYR C 392 -6.93 -8.19 36.79
C TYR C 392 -8.35 -8.42 36.24
N GLN C 393 -8.77 -7.61 35.26
CA GLN C 393 -10.07 -7.85 34.61
C GLN C 393 -10.14 -9.28 34.11
N LEU C 394 -9.06 -9.72 33.46
CA LEU C 394 -9.01 -11.08 32.94
C LEU C 394 -8.96 -12.12 34.07
N ILE C 395 -8.20 -11.85 35.12
CA ILE C 395 -8.10 -12.80 36.20
C ILE C 395 -9.49 -12.99 36.81
N HIS C 396 -10.24 -11.91 36.91
CA HIS C 396 -11.54 -11.97 37.58
C HIS C 396 -12.65 -12.48 36.68
N GLN C 397 -12.67 -12.10 35.39
CA GLN C 397 -13.83 -12.33 34.52
C GLN C 397 -13.45 -12.88 33.16
N GLY C 398 -12.23 -13.39 33.02
CA GLY C 398 -11.80 -14.04 31.81
C GLY C 398 -12.16 -15.51 31.84
N THR C 399 -11.50 -16.26 30.98
CA THR C 399 -11.77 -17.68 30.79
C THR C 399 -10.56 -18.53 31.18
N LYS C 400 -9.63 -17.95 31.92
CA LYS C 400 -8.39 -18.61 32.29
C LYS C 400 -8.29 -18.85 33.80
N MET C 401 -7.82 -20.03 34.17
CA MET C 401 -7.43 -20.32 35.55
C MET C 401 -5.96 -19.94 35.73
N ILE C 402 -5.69 -19.03 36.66
CA ILE C 402 -4.37 -18.44 36.84
C ILE C 402 -4.01 -18.49 38.32
N PRO C 403 -3.27 -19.48 38.76
CA PRO C 403 -2.75 -19.45 40.13
C PRO C 403 -1.89 -18.21 40.33
N CYS C 404 -2.15 -17.49 41.44
CA CYS C 404 -1.43 -16.25 41.73
C CYS C 404 -0.82 -16.29 43.11
N ASP C 405 0.40 -15.81 43.20
CA ASP C 405 1.04 -15.55 44.49
C ASP C 405 0.98 -14.04 44.76
N PHE C 406 0.25 -13.65 45.80
CA PHE C 406 0.28 -12.27 46.29
C PHE C 406 1.30 -12.14 47.42
N LEU C 407 2.20 -11.16 47.31
CA LEU C 407 3.21 -10.91 48.33
C LEU C 407 3.18 -9.48 48.84
N ILE C 408 3.43 -9.30 50.13
CA ILE C 408 3.47 -7.96 50.71
C ILE C 408 4.24 -7.94 52.03
N PRO C 409 4.99 -6.88 52.28
CA PRO C 409 5.50 -6.64 53.63
C PRO C 409 4.48 -5.91 54.48
N VAL C 410 4.43 -6.30 55.77
CA VAL C 410 3.55 -5.61 56.71
C VAL C 410 3.99 -4.18 56.91
N GLN C 411 5.30 -3.97 57.09
CA GLN C 411 5.90 -2.66 57.37
C GLN C 411 6.53 -2.09 56.12
N THR C 412 6.21 -0.85 55.81
CA THR C 412 6.70 -0.24 54.59
C THR C 412 8.00 0.46 54.88
N GLN C 413 8.80 0.61 53.84
CA GLN C 413 10.02 1.40 53.98
C GLN C 413 9.72 2.89 54.00
N HIS C 414 8.51 3.32 53.61
CA HIS C 414 8.17 4.74 53.49
C HIS C 414 6.80 5.04 54.08
N PRO C 415 6.69 5.06 55.42
CA PRO C 415 5.37 5.17 56.06
C PRO C 415 4.83 6.60 56.02
N ILE C 416 4.72 7.13 54.81
CA ILE C 416 4.29 8.51 54.62
C ILE C 416 2.81 8.66 54.95
N ARG C 417 2.43 9.89 55.25
CA ARG C 417 1.05 10.23 55.61
C ARG C 417 0.59 9.34 56.78
N LYS C 418 1.51 9.06 57.69
CA LYS C 418 1.21 8.29 58.90
C LYS C 418 0.68 6.91 58.57
N GLY C 419 1.24 6.28 57.53
CA GLY C 419 0.84 4.95 57.12
C GLY C 419 -0.35 4.87 56.17
N LEU C 420 -0.91 6.01 55.77
CA LEU C 420 -2.13 5.99 54.95
C LEU C 420 -1.93 5.22 53.65
N HIS C 421 -0.81 5.46 52.93
CA HIS C 421 -0.63 4.77 51.66
C HIS C 421 -0.52 3.28 51.88
N HIS C 422 0.25 2.86 52.90
CA HIS C 422 0.46 1.45 53.09
C HIS C 422 -0.83 0.75 53.56
N LYS C 423 -1.64 1.45 54.35
CA LYS C 423 -2.94 0.93 54.75
C LYS C 423 -3.81 0.63 53.52
N ILE C 424 -3.84 1.57 52.58
CA ILE C 424 -4.60 1.36 51.35
C ILE C 424 -4.02 0.20 50.56
N LEU C 425 -2.69 0.14 50.45
CA LEU C 425 -2.05 -0.98 49.75
C LEU C 425 -2.43 -2.30 50.39
N LEU C 426 -2.38 -2.37 51.73
CA LEU C 426 -2.70 -3.61 52.40
C LEU C 426 -4.15 -3.98 52.16
N ALA C 427 -5.05 -2.99 52.30
CA ALA C 427 -6.46 -3.22 52.06
C ALA C 427 -6.70 -3.82 50.68
N ASN C 428 -6.01 -3.34 49.65
CA ASN C 428 -6.20 -3.89 48.31
C ASN C 428 -5.61 -5.28 48.19
N PHE C 429 -4.44 -5.51 48.78
CA PHE C 429 -3.84 -6.85 48.83
C PHE C 429 -4.84 -7.88 49.37
N LEU C 430 -5.48 -7.55 50.48
CA LEU C 430 -6.42 -8.45 51.14
C LEU C 430 -7.72 -8.58 50.34
N ALA C 431 -8.22 -7.45 49.82
CA ALA C 431 -9.48 -7.43 49.07
C ALA C 431 -9.41 -8.26 47.81
N GLN C 432 -8.25 -8.28 47.14
CA GLN C 432 -8.22 -8.93 45.84
C GLN C 432 -8.28 -10.43 45.98
N THR C 433 -7.60 -10.99 46.97
CA THR C 433 -7.64 -12.46 47.08
C THR C 433 -9.01 -12.89 47.61
N GLU C 434 -9.60 -12.05 48.46
CA GLU C 434 -10.96 -12.29 48.95
C GLU C 434 -11.96 -12.24 47.82
N ALA C 435 -11.80 -11.27 46.92
CA ALA C 435 -12.67 -11.14 45.76
C ALA C 435 -12.52 -12.33 44.81
N LEU C 436 -11.28 -12.71 44.53
CA LEU C 436 -10.98 -13.85 43.66
C LEU C 436 -11.62 -15.12 44.22
N MET C 437 -11.59 -15.27 45.52
CA MET C 437 -12.16 -16.47 46.15
C MET C 437 -13.68 -16.39 46.17
N ARG C 438 -14.22 -15.25 46.60
CA ARG C 438 -15.66 -15.16 46.90
C ARG C 438 -16.52 -14.95 45.65
N GLY C 439 -16.06 -14.16 44.70
CA GLY C 439 -16.90 -13.73 43.60
C GLY C 439 -18.13 -12.98 44.07
N LYS C 440 -19.10 -12.92 43.17
CA LYS C 440 -20.34 -12.22 43.45
C LYS C 440 -21.44 -12.85 42.60
N SER C 441 -22.46 -13.38 43.26
CA SER C 441 -23.47 -14.15 42.55
C SER C 441 -24.47 -13.26 41.79
N THR C 442 -25.17 -13.89 40.85
CA THR C 442 -26.28 -13.19 40.21
C THR C 442 -27.19 -12.55 41.24
N GLU C 443 -27.54 -13.28 42.31
CA GLU C 443 -28.47 -12.75 43.29
C GLU C 443 -27.87 -11.55 44.03
N GLU C 444 -26.60 -11.65 44.43
CA GLU C 444 -25.97 -10.53 45.12
C GLU C 444 -25.85 -9.31 44.20
N ALA C 445 -25.51 -9.52 42.92
CA ALA C 445 -25.42 -8.41 41.99
C ALA C 445 -26.78 -7.78 41.74
N ARG C 446 -27.84 -8.59 41.66
CA ARG C 446 -29.18 -8.04 41.49
C ARG C 446 -29.54 -7.10 42.64
N LYS C 447 -29.33 -7.55 43.88
CA LYS C 447 -29.66 -6.69 45.03
C LYS C 447 -28.94 -5.35 44.93
N GLU C 448 -27.64 -5.36 44.59
CA GLU C 448 -26.91 -4.11 44.45
C GLU C 448 -27.54 -3.20 43.40
N LEU C 449 -27.86 -3.76 42.23
CA LEU C 449 -28.37 -2.92 41.15
C LEU C 449 -29.74 -2.35 41.52
N GLN C 450 -30.55 -3.13 42.24
CA GLN C 450 -31.85 -2.62 42.65
C GLN C 450 -31.69 -1.55 43.72
N ALA C 451 -30.76 -1.76 44.66
CA ALA C 451 -30.48 -0.76 45.68
C ALA C 451 -29.91 0.52 45.08
N ALA C 452 -29.35 0.44 43.88
CA ALA C 452 -28.79 1.61 43.20
C ALA C 452 -29.83 2.35 42.38
N GLY C 453 -31.06 1.86 42.32
CA GLY C 453 -32.10 2.54 41.60
C GLY C 453 -32.21 2.18 40.14
N LYS C 454 -31.47 1.18 39.68
CA LYS C 454 -31.60 0.77 38.28
C LYS C 454 -33.04 0.44 37.95
N SER C 455 -33.50 0.93 36.79
CA SER C 455 -34.80 0.55 36.26
C SER C 455 -34.79 -0.94 35.95
N PRO C 456 -35.98 -1.56 35.85
CA PRO C 456 -36.00 -2.99 35.53
C PRO C 456 -35.28 -3.30 34.23
N GLU C 457 -35.37 -2.41 33.25
CA GLU C 457 -34.75 -2.66 31.95
C GLU C 457 -33.25 -2.48 32.01
N ASP C 458 -32.77 -1.42 32.65
CA ASP C 458 -31.34 -1.23 32.84
C ASP C 458 -30.74 -2.35 33.68
N LEU C 459 -31.49 -2.84 34.66
CA LEU C 459 -30.96 -3.87 35.57
C LEU C 459 -30.71 -5.16 34.83
N GLU C 460 -31.70 -5.62 34.06
CA GLU C 460 -31.58 -6.94 33.43
C GLU C 460 -30.55 -6.91 32.33
N ARG C 461 -30.26 -5.74 31.78
CA ARG C 461 -29.23 -5.60 30.76
C ARG C 461 -27.81 -5.62 31.35
N LEU C 462 -27.62 -4.95 32.49
CA LEU C 462 -26.32 -4.91 33.14
C LEU C 462 -26.03 -6.16 33.95
N LEU C 463 -27.06 -6.75 34.56
CA LEU C 463 -26.88 -7.76 35.60
C LEU C 463 -25.86 -8.83 35.27
N PRO C 464 -25.91 -9.50 34.12
CA PRO C 464 -25.01 -10.65 33.94
C PRO C 464 -23.55 -10.24 33.78
N HIS C 465 -23.29 -9.01 33.36
CA HIS C 465 -21.92 -8.50 33.28
C HIS C 465 -21.32 -8.22 34.63
N LYS C 466 -22.14 -8.12 35.68
CA LYS C 466 -21.68 -7.75 37.01
C LYS C 466 -21.39 -8.95 37.88
N VAL C 467 -21.54 -10.15 37.34
CA VAL C 467 -21.40 -11.38 38.12
C VAL C 467 -19.95 -11.83 38.06
N PHE C 468 -19.42 -12.25 39.21
CA PHE C 468 -18.07 -12.76 39.31
C PHE C 468 -18.19 -14.20 39.74
N GLU C 469 -17.69 -15.12 38.92
CA GLU C 469 -17.80 -16.53 39.25
C GLU C 469 -16.89 -16.93 40.41
N GLY C 470 -15.84 -16.18 40.66
CA GLY C 470 -15.02 -16.49 41.79
C GLY C 470 -14.34 -17.84 41.67
N ASN C 471 -14.02 -18.41 42.85
CA ASN C 471 -13.37 -19.69 42.97
C ASN C 471 -11.98 -19.70 42.36
N ARG C 472 -11.33 -18.53 42.37
CA ARG C 472 -10.02 -18.39 41.79
C ARG C 472 -8.97 -18.41 42.89
N PRO C 473 -8.07 -19.37 42.87
CA PRO C 473 -7.19 -19.61 44.01
C PRO C 473 -5.93 -18.76 43.99
N THR C 474 -5.47 -18.46 45.19
CA THR C 474 -4.31 -17.60 45.43
C THR C 474 -3.55 -18.10 46.66
N ASN C 475 -2.22 -17.86 46.66
CA ASN C 475 -1.40 -17.82 47.87
C ASN C 475 -1.22 -16.38 48.29
N SER C 476 -1.22 -16.15 49.60
CA SER C 476 -0.83 -14.87 50.16
C SER C 476 0.43 -15.08 50.99
N ILE C 477 1.47 -14.35 50.64
CA ILE C 477 2.74 -14.47 51.36
C ILE C 477 2.98 -13.12 52.00
N VAL C 478 2.91 -13.08 53.34
CA VAL C 478 3.04 -11.84 54.11
C VAL C 478 4.26 -11.96 55.00
N PHE C 479 5.08 -10.92 55.02
CA PHE C 479 6.31 -10.95 55.81
C PHE C 479 6.53 -9.60 56.47
N THR C 480 7.26 -9.61 57.58
CA THR C 480 7.28 -8.43 58.44
C THR C 480 7.76 -7.19 57.71
N LYS C 481 8.90 -7.29 57.02
CA LYS C 481 9.47 -6.12 56.35
C LYS C 481 10.47 -6.61 55.31
N LEU C 482 10.56 -5.87 54.20
CA LEU C 482 11.41 -6.25 53.08
C LEU C 482 12.83 -5.69 53.31
N THR C 483 13.53 -6.35 54.22
CA THR C 483 14.93 -6.09 54.53
C THR C 483 15.81 -6.98 53.69
N PRO C 484 17.14 -6.77 53.73
CA PRO C 484 18.01 -7.66 52.97
C PRO C 484 17.87 -9.10 53.37
N PHE C 485 17.77 -9.37 54.67
CA PHE C 485 17.63 -10.75 55.11
C PHE C 485 16.36 -11.36 54.56
N MET C 486 15.23 -10.67 54.78
CA MET C 486 13.94 -11.17 54.28
C MET C 486 13.93 -11.37 52.75
N LEU C 487 14.54 -10.45 52.00
CA LEU C 487 14.57 -10.68 50.55
C LEU C 487 15.34 -11.94 50.23
N GLY C 488 16.46 -12.17 50.93
CA GLY C 488 17.22 -13.38 50.67
C GLY C 488 16.43 -14.62 51.01
N ALA C 489 15.65 -14.56 52.09
CA ALA C 489 14.81 -15.68 52.45
C ALA C 489 13.74 -15.94 51.39
N LEU C 490 13.14 -14.88 50.85
CA LEU C 490 12.04 -15.08 49.89
C LEU C 490 12.57 -15.60 48.55
N VAL C 491 13.72 -15.09 48.10
CA VAL C 491 14.29 -15.58 46.84
C VAL C 491 14.71 -17.04 46.96
N ALA C 492 15.40 -17.40 48.06
CA ALA C 492 15.78 -18.80 48.25
C ALA C 492 14.54 -19.70 48.33
N MET C 493 13.45 -19.21 48.92
CA MET C 493 12.24 -20.03 49.02
C MET C 493 11.72 -20.39 47.63
N TYR C 494 11.72 -19.44 46.71
CA TYR C 494 11.28 -19.77 45.35
C TYR C 494 12.31 -20.61 44.61
N GLU C 495 13.61 -20.38 44.84
CA GLU C 495 14.62 -21.27 44.29
C GLU C 495 14.32 -22.73 44.64
N HIS C 496 14.03 -23.00 45.92
CA HIS C 496 13.74 -24.38 46.32
C HIS C 496 12.40 -24.84 45.81
N LYS C 497 11.39 -23.96 45.73
CA LYS C 497 10.15 -24.38 45.07
C LYS C 497 10.45 -24.94 43.70
N ILE C 498 11.25 -24.21 42.92
CA ILE C 498 11.58 -24.63 41.56
C ILE C 498 12.32 -25.96 41.57
N PHE C 499 13.24 -26.14 42.53
CA PHE C 499 13.97 -27.40 42.67
C PHE C 499 13.02 -28.56 42.91
N VAL C 500 12.09 -28.40 43.84
CA VAL C 500 11.17 -29.50 44.17
C VAL C 500 10.31 -29.86 42.96
N GLN C 501 9.83 -28.86 42.23
CA GLN C 501 9.02 -29.17 41.05
C GLN C 501 9.83 -29.90 40.01
N GLY C 502 11.09 -29.51 39.85
CA GLY C 502 11.96 -30.21 38.91
C GLY C 502 12.17 -31.67 39.28
N ILE C 503 12.33 -31.95 40.58
CA ILE C 503 12.52 -33.34 40.98
C ILE C 503 11.25 -34.13 40.72
N ILE C 504 10.09 -33.55 41.04
CA ILE C 504 8.84 -34.27 40.83
C ILE C 504 8.58 -34.52 39.34
N TRP C 505 9.03 -33.63 38.43
CA TRP C 505 8.85 -33.85 37.00
C TRP C 505 9.92 -34.75 36.41
N ASP C 506 11.01 -34.98 37.14
CA ASP C 506 12.16 -35.79 36.69
C ASP C 506 12.95 -35.12 35.58
N ILE C 507 13.08 -33.79 35.62
CA ILE C 507 13.89 -33.04 34.66
C ILE C 507 15.10 -32.46 35.36
N ASN C 508 16.01 -31.90 34.56
CA ASN C 508 17.18 -31.17 35.05
C ASN C 508 16.87 -29.68 35.13
N SER C 509 16.69 -29.19 36.35
CA SER C 509 16.40 -27.78 36.59
C SER C 509 17.62 -26.88 36.39
N PHE C 510 18.80 -27.44 36.16
CA PHE C 510 20.04 -26.69 36.29
C PHE C 510 20.85 -26.61 35.01
N ASP C 511 20.40 -27.23 33.93
CA ASP C 511 20.98 -27.09 32.61
C ASP C 511 20.13 -26.13 31.77
N GLN C 512 20.57 -25.87 30.54
CA GLN C 512 19.77 -25.04 29.64
C GLN C 512 20.22 -25.23 28.20
N TRP C 513 20.01 -26.42 27.66
CA TRP C 513 20.43 -26.73 26.30
C TRP C 513 19.59 -26.02 25.25
N GLY C 514 18.39 -25.55 25.61
CA GLY C 514 17.50 -24.94 24.65
C GLY C 514 17.91 -23.58 24.16
N VAL C 515 19.00 -23.02 24.68
CA VAL C 515 19.50 -21.74 24.18
C VAL C 515 20.46 -21.93 23.00
N GLU C 516 20.83 -23.17 22.68
CA GLU C 516 21.99 -23.38 21.81
C GLU C 516 21.63 -23.07 20.36
N LEU C 517 20.49 -23.57 19.89
CA LEU C 517 20.13 -23.46 18.48
C LEU C 517 20.05 -22.01 18.03
N GLY C 518 19.50 -21.12 18.87
CA GLY C 518 19.41 -19.72 18.50
C GLY C 518 20.78 -19.09 18.34
N LYS C 519 21.71 -19.42 19.26
CA LYS C 519 23.07 -18.94 19.15
C LYS C 519 23.73 -19.41 17.86
N GLN C 520 23.55 -20.69 17.51
CA GLN C 520 24.12 -21.25 16.29
C GLN C 520 23.63 -20.49 15.07
N LEU C 521 22.31 -20.42 14.89
CA LEU C 521 21.76 -19.80 13.70
C LEU C 521 22.09 -18.31 13.63
N ALA C 522 22.22 -17.65 14.76
CA ALA C 522 22.58 -16.22 14.74
C ALA C 522 24.01 -16.03 14.25
N LYS C 523 24.93 -16.92 14.64
CA LYS C 523 26.28 -16.85 14.09
C LYS C 523 26.29 -17.01 12.57
N LYS C 524 25.37 -17.81 12.00
CA LYS C 524 25.32 -17.98 10.54
C LYS C 524 24.80 -16.73 9.86
N ILE C 525 23.81 -16.08 10.46
CA ILE C 525 23.12 -15.00 9.79
C ILE C 525 23.91 -13.72 9.87
N GLU C 526 24.62 -13.53 10.98
CA GLU C 526 25.36 -12.30 11.24
C GLU C 526 26.17 -11.83 10.04
N PRO C 527 27.00 -12.65 9.39
CA PRO C 527 27.83 -12.13 8.29
C PRO C 527 27.03 -11.92 7.01
N GLU C 528 25.94 -12.66 6.85
CA GLU C 528 25.07 -12.51 5.69
C GLU C 528 24.34 -11.18 5.67
N LEU C 529 24.37 -10.44 6.76
CA LEU C 529 23.68 -9.16 6.82
C LEU C 529 24.52 -8.03 6.22
N ASP C 530 25.83 -8.20 6.13
CA ASP C 530 26.72 -7.07 5.90
C ASP C 530 26.48 -6.42 4.55
N GLY C 531 26.48 -7.20 3.47
CA GLY C 531 26.45 -6.60 2.16
C GLY C 531 25.05 -6.16 1.75
N SER C 532 24.91 -5.88 0.46
CA SER C 532 23.63 -5.54 -0.16
C SER C 532 23.08 -6.66 -1.02
N ALA C 533 23.78 -7.78 -1.11
CA ALA C 533 23.32 -8.89 -1.92
C ALA C 533 22.13 -9.61 -1.28
N GLN C 534 21.30 -10.15 -2.16
CA GLN C 534 20.15 -10.94 -1.74
C GLN C 534 20.60 -12.25 -1.14
N VAL C 535 19.98 -12.62 -0.04
CA VAL C 535 20.26 -13.89 0.62
C VAL C 535 19.17 -14.88 0.24
N THR C 536 19.57 -16.10 -0.08
CA THR C 536 18.61 -17.12 -0.48
C THR C 536 18.90 -18.46 0.16
N SER C 537 19.85 -18.53 1.09
CA SER C 537 20.35 -19.77 1.66
C SER C 537 19.48 -20.34 2.77
N HIS C 538 18.46 -19.62 3.23
CA HIS C 538 17.60 -20.08 4.32
C HIS C 538 16.22 -20.43 3.77
N ASP C 539 15.28 -20.71 4.68
CA ASP C 539 13.87 -20.78 4.33
C ASP C 539 13.38 -19.43 3.79
N ALA C 540 12.22 -19.46 3.15
CA ALA C 540 11.74 -18.28 2.42
C ALA C 540 11.44 -17.12 3.36
N SER C 541 10.97 -17.37 4.59
CA SER C 541 10.72 -16.29 5.54
C SER C 541 12.02 -15.65 6.03
N THR C 542 12.98 -16.44 6.47
CA THR C 542 14.23 -15.85 6.91
C THR C 542 14.86 -15.06 5.75
N ASN C 543 14.84 -15.63 4.55
CA ASN C 543 15.31 -14.91 3.37
C ASN C 543 14.57 -13.59 3.19
N GLY C 544 13.25 -13.66 3.22
CA GLY C 544 12.46 -12.49 2.92
C GLY C 544 12.65 -11.40 3.95
N LEU C 545 12.82 -11.81 5.21
CA LEU C 545 13.05 -10.83 6.26
C LEU C 545 14.40 -10.16 6.06
N ILE C 546 15.44 -10.93 5.76
CA ILE C 546 16.76 -10.34 5.54
C ILE C 546 16.71 -9.36 4.38
N ASN C 547 16.02 -9.72 3.31
CA ASN C 547 16.06 -8.88 2.11
C ASN C 547 15.29 -7.58 2.31
N PHE C 548 14.23 -7.60 3.12
CA PHE C 548 13.56 -6.38 3.53
C PHE C 548 14.47 -5.52 4.42
N ILE C 549 15.18 -6.14 5.34
CA ILE C 549 16.13 -5.41 6.17
C ILE C 549 17.16 -4.72 5.30
N LYS C 550 17.65 -5.42 4.28
CA LYS C 550 18.66 -4.83 3.39
C LYS C 550 18.07 -3.69 2.57
N GLN C 551 16.87 -3.89 2.01
CA GLN C 551 16.19 -2.84 1.27
C GLN C 551 15.99 -1.59 2.13
N GLN C 552 15.58 -1.77 3.38
CA GLN C 552 15.22 -0.64 4.23
C GLN C 552 16.41 -0.06 4.99
N ARG C 553 17.59 -0.66 4.86
CA ARG C 553 18.77 -0.14 5.56
C ARG C 553 19.03 1.32 5.20
N GLU C 554 18.85 1.70 3.93
CA GLU C 554 19.22 3.03 3.48
C GLU C 554 18.03 3.99 3.29
N ALA C 555 16.79 3.49 3.31
CA ALA C 555 15.63 4.37 3.17
C ALA C 555 15.71 5.54 4.14
N ARG C 556 15.39 6.74 3.65
CA ARG C 556 15.59 7.96 4.43
C ARG C 556 14.29 8.53 4.98
N ALA D 2 -23.06 -19.88 22.72
CA ALA D 2 -22.66 -18.48 22.47
C ALA D 2 -22.54 -18.28 20.96
N ALA D 3 -22.57 -17.03 20.51
CA ALA D 3 -22.60 -16.74 19.07
C ALA D 3 -21.48 -17.45 18.31
N LEU D 4 -20.23 -17.37 18.79
CA LEU D 4 -19.12 -17.93 18.03
C LEU D 4 -19.28 -19.42 17.84
N THR D 5 -19.58 -20.12 18.92
CA THR D 5 -19.69 -21.57 18.91
C THR D 5 -20.76 -22.06 17.94
N ARG D 6 -21.82 -21.29 17.76
CA ARG D 6 -22.87 -21.63 16.81
C ARG D 6 -22.56 -21.19 15.38
N ASP D 7 -21.45 -20.50 15.14
CA ASP D 7 -21.17 -19.99 13.80
C ASP D 7 -20.68 -21.12 12.90
N PRO D 8 -21.27 -21.35 11.73
CA PRO D 8 -20.81 -22.48 10.90
C PRO D 8 -19.41 -22.33 10.36
N GLN D 9 -18.96 -21.10 10.06
CA GLN D 9 -17.56 -20.93 9.68
C GLN D 9 -16.65 -21.33 10.82
N PHE D 10 -17.09 -21.13 12.05
CA PHE D 10 -16.24 -21.53 13.15
C PHE D 10 -16.24 -23.04 13.30
N GLN D 11 -17.42 -23.67 13.15
CA GLN D 11 -17.46 -25.13 13.20
C GLN D 11 -16.62 -25.73 12.09
N LYS D 12 -16.70 -25.15 10.88
CA LYS D 12 -15.87 -25.64 9.77
C LYS D 12 -14.40 -25.53 10.11
N LEU D 13 -13.99 -24.39 10.67
CA LEU D 13 -12.61 -24.24 11.10
C LEU D 13 -12.24 -25.32 12.12
N GLN D 14 -13.11 -25.58 13.10
CA GLN D 14 -12.77 -26.58 14.11
C GLN D 14 -12.70 -27.97 13.49
N GLN D 15 -13.66 -28.32 12.65
CA GLN D 15 -13.60 -29.62 11.99
C GLN D 15 -12.32 -29.77 11.19
N TRP D 16 -11.91 -28.74 10.45
CA TRP D 16 -10.66 -28.84 9.68
C TRP D 16 -9.47 -29.07 10.60
N TYR D 17 -9.41 -28.35 11.72
CA TYR D 17 -8.32 -28.52 12.68
C TYR D 17 -8.25 -29.97 13.17
N ARG D 18 -9.39 -30.55 13.55
CA ARG D 18 -9.38 -31.95 13.99
C ARG D 18 -8.86 -32.89 12.89
N GLU D 19 -9.25 -32.65 11.63
CA GLU D 19 -8.90 -33.57 10.56
C GLU D 19 -7.48 -33.36 10.05
N HIS D 20 -6.98 -32.13 10.04
CA HIS D 20 -5.77 -31.80 9.29
C HIS D 20 -4.67 -31.19 10.17
N ARG D 21 -4.82 -31.25 11.50
CA ARG D 21 -3.80 -30.71 12.40
C ARG D 21 -2.40 -31.20 12.05
N SER D 22 -2.28 -32.50 11.81
CA SER D 22 -0.96 -33.09 11.64
C SER D 22 -0.28 -32.66 10.34
N GLU D 23 -1.01 -32.03 9.41
CA GLU D 23 -0.38 -31.54 8.19
C GLU D 23 0.35 -30.22 8.40
N LEU D 24 0.25 -29.64 9.60
CA LEU D 24 0.77 -28.32 9.88
C LEU D 24 2.16 -28.45 10.51
N ASN D 25 3.11 -28.81 9.66
CA ASN D 25 4.52 -28.81 9.99
C ASN D 25 5.20 -27.72 9.15
N LEU D 26 5.80 -26.74 9.83
CA LEU D 26 6.36 -25.59 9.13
C LEU D 26 7.56 -25.98 8.28
N ARG D 27 8.41 -26.86 8.77
CA ARG D 27 9.57 -27.26 7.98
C ARG D 27 9.13 -27.97 6.70
N ARG D 28 8.00 -28.66 6.73
CA ARG D 28 7.50 -29.33 5.54
C ARG D 28 6.73 -28.37 4.63
N LEU D 29 6.04 -27.40 5.20
CA LEU D 29 5.31 -26.44 4.38
C LEU D 29 6.26 -25.55 3.59
N PHE D 30 7.38 -25.16 4.21
CA PHE D 30 8.35 -24.29 3.54
C PHE D 30 9.11 -25.04 2.46
N ASP D 31 9.42 -26.31 2.70
CA ASP D 31 10.07 -27.11 1.68
C ASP D 31 9.14 -27.39 0.49
N ALA D 32 7.83 -27.45 0.73
CA ALA D 32 6.88 -27.74 -0.35
C ALA D 32 6.54 -26.51 -1.21
N ASN D 33 6.57 -25.32 -0.63
CA ASN D 33 6.14 -24.10 -1.32
C ASN D 33 7.23 -23.03 -1.11
N LYS D 34 8.02 -22.77 -2.14
CA LYS D 34 9.06 -21.76 -1.99
C LYS D 34 8.51 -20.34 -2.03
N ASP D 35 7.23 -20.17 -2.40
CA ASP D 35 6.59 -18.86 -2.38
C ASP D 35 5.84 -18.59 -1.09
N ARG D 36 6.11 -19.37 -0.04
CA ARG D 36 5.34 -19.22 1.18
C ARG D 36 5.50 -17.84 1.78
N PHE D 37 6.73 -17.31 1.86
CA PHE D 37 6.90 -15.96 2.41
C PHE D 37 6.07 -14.94 1.63
N ASN D 38 6.08 -15.02 0.29
CA ASN D 38 5.31 -14.05 -0.50
C ASN D 38 3.81 -14.20 -0.32
N HIS D 39 3.33 -15.41 -0.07
CA HIS D 39 1.90 -15.57 0.08
C HIS D 39 1.41 -15.26 1.48
N PHE D 40 2.29 -15.22 2.48
CA PHE D 40 1.90 -15.10 3.89
C PHE D 40 2.64 -13.96 4.58
N SER D 41 2.68 -12.80 3.91
CA SER D 41 3.36 -11.61 4.40
C SER D 41 2.70 -10.41 3.75
N LEU D 42 2.69 -9.31 4.49
CA LEU D 42 2.13 -8.04 4.04
C LEU D 42 3.23 -7.01 4.13
N THR D 43 3.34 -6.16 3.11
CA THR D 43 4.23 -5.01 3.17
C THR D 43 3.36 -3.77 3.04
N LEU D 44 3.51 -2.88 3.98
CA LEU D 44 2.68 -1.69 4.08
C LEU D 44 3.62 -0.50 3.91
N ASN D 45 3.37 0.33 2.91
CA ASN D 45 4.11 1.56 2.74
C ASN D 45 3.28 2.72 3.30
N THR D 46 3.74 3.30 4.39
CA THR D 46 3.02 4.37 5.03
C THR D 46 3.41 5.72 4.52
N ASN D 47 4.43 5.76 3.66
CA ASN D 47 5.09 6.95 3.15
C ASN D 47 5.98 7.58 4.21
N HIS D 48 5.99 7.04 5.44
CA HIS D 48 6.91 7.46 6.49
C HIS D 48 7.63 6.25 7.08
N GLY D 49 7.87 5.26 6.24
CA GLY D 49 8.42 3.99 6.66
C GLY D 49 7.56 2.85 6.17
N HIS D 50 8.19 1.71 5.98
CA HIS D 50 7.49 0.50 5.63
C HIS D 50 7.34 -0.40 6.86
N ILE D 51 6.32 -1.25 6.80
CA ILE D 51 6.05 -2.28 7.79
C ILE D 51 5.92 -3.59 7.02
N LEU D 52 6.74 -4.55 7.37
CA LEU D 52 6.62 -5.92 6.89
C LEU D 52 5.97 -6.72 8.01
N VAL D 53 4.79 -7.27 7.74
CA VAL D 53 4.07 -8.17 8.65
C VAL D 53 4.20 -9.58 8.08
N ASP D 54 5.18 -10.32 8.56
CA ASP D 54 5.50 -11.64 8.01
C ASP D 54 4.84 -12.66 8.92
N TYR D 55 3.76 -13.26 8.47
CA TYR D 55 3.04 -14.27 9.24
C TYR D 55 3.22 -15.65 8.61
N SER D 56 4.31 -15.86 7.87
CA SER D 56 4.49 -17.14 7.21
C SER D 56 5.01 -18.24 8.12
N LYS D 57 5.63 -17.92 9.25
CA LYS D 57 5.99 -18.99 10.18
C LYS D 57 4.85 -19.30 11.16
N ASN D 58 3.62 -19.26 10.67
CA ASN D 58 2.46 -19.67 11.44
C ASN D 58 1.91 -20.99 10.91
N LEU D 59 1.23 -21.73 11.80
CA LEU D 59 0.68 -23.05 11.48
C LEU D 59 -0.62 -22.90 10.68
N VAL D 60 -0.49 -22.33 9.49
CA VAL D 60 -1.61 -22.05 8.62
C VAL D 60 -1.26 -22.49 7.20
N THR D 61 -2.28 -22.78 6.43
CA THR D 61 -2.17 -22.95 5.00
C THR D 61 -3.13 -21.97 4.34
N GLU D 62 -3.12 -21.93 3.01
CA GLU D 62 -4.05 -21.05 2.33
C GLU D 62 -5.50 -21.39 2.68
N ASP D 63 -5.82 -22.68 2.83
CA ASP D 63 -7.21 -23.03 3.13
C ASP D 63 -7.63 -22.52 4.51
N VAL D 64 -6.72 -22.66 5.48
CA VAL D 64 -6.92 -22.12 6.82
C VAL D 64 -7.15 -20.62 6.75
N MET D 65 -6.30 -19.88 6.02
CA MET D 65 -6.44 -18.42 5.97
C MET D 65 -7.75 -18.02 5.31
N ARG D 66 -8.15 -18.70 4.23
CA ARG D 66 -9.48 -18.50 3.66
C ARG D 66 -10.57 -18.76 4.68
N MET D 67 -10.44 -19.84 5.43
CA MET D 67 -11.47 -20.19 6.41
C MET D 67 -11.54 -19.13 7.50
N LEU D 68 -10.38 -18.60 7.92
CA LEU D 68 -10.36 -17.58 8.96
C LEU D 68 -10.98 -16.29 8.47
N VAL D 69 -10.73 -15.92 7.22
CA VAL D 69 -11.31 -14.69 6.69
C VAL D 69 -12.82 -14.85 6.57
N ASP D 70 -13.28 -16.03 6.14
CA ASP D 70 -14.72 -16.30 6.09
C ASP D 70 -15.38 -16.18 7.47
N LEU D 71 -14.65 -16.59 8.54
CA LEU D 71 -15.16 -16.41 9.89
C LEU D 71 -15.29 -14.94 10.24
N ALA D 72 -14.28 -14.13 9.89
CA ALA D 72 -14.39 -12.69 10.07
C ALA D 72 -15.62 -12.12 9.36
N LYS D 73 -15.90 -12.57 8.13
CA LYS D 73 -17.08 -12.09 7.43
C LYS D 73 -18.35 -12.56 8.14
N SER D 74 -18.36 -13.82 8.57
CA SER D 74 -19.54 -14.39 9.20
C SER D 74 -19.87 -13.67 10.50
N ARG D 75 -18.86 -13.23 11.23
CA ARG D 75 -19.05 -12.61 12.54
C ARG D 75 -19.29 -11.11 12.44
N GLY D 76 -19.32 -10.56 11.23
CA GLY D 76 -19.71 -9.17 11.06
C GLY D 76 -18.66 -8.15 11.41
N VAL D 77 -17.39 -8.48 11.20
CA VAL D 77 -16.29 -7.59 11.60
C VAL D 77 -16.38 -6.25 10.87
N GLU D 78 -16.58 -6.29 9.55
CA GLU D 78 -16.64 -5.04 8.79
C GLU D 78 -17.78 -4.15 9.25
N ALA D 79 -18.98 -4.70 9.42
CA ALA D 79 -20.06 -3.86 9.91
C ALA D 79 -19.78 -3.31 11.31
N ALA D 80 -19.18 -4.11 12.20
CA ALA D 80 -18.82 -3.60 13.54
C ALA D 80 -17.80 -2.47 13.44
N ARG D 81 -16.81 -2.64 12.57
CA ARG D 81 -15.83 -1.58 12.34
C ARG D 81 -16.51 -0.27 11.95
N GLU D 82 -17.46 -0.32 11.03
CA GLU D 82 -18.11 0.91 10.60
C GLU D 82 -18.89 1.53 11.74
N ARG D 83 -19.53 0.70 12.58
CA ARG D 83 -20.25 1.24 13.73
C ARG D 83 -19.32 2.01 14.65
N MET D 84 -18.12 1.48 14.89
CA MET D 84 -17.16 2.19 15.72
C MET D 84 -16.79 3.52 15.11
N PHE D 85 -16.42 3.51 13.83
CA PHE D 85 -15.94 4.71 13.17
C PHE D 85 -17.05 5.73 12.97
N ASN D 86 -18.31 5.30 12.93
CA ASN D 86 -19.38 6.27 12.76
C ASN D 86 -19.92 6.78 14.08
N GLY D 87 -19.26 6.47 15.20
CA GLY D 87 -19.70 7.02 16.45
C GLY D 87 -20.91 6.36 17.07
N GLU D 88 -21.24 5.15 16.65
CA GLU D 88 -22.33 4.43 17.32
C GLU D 88 -21.89 3.88 18.66
N LYS D 89 -22.88 3.67 19.54
CA LYS D 89 -22.62 3.30 20.94
C LYS D 89 -22.37 1.80 21.05
N ILE D 90 -21.23 1.37 20.52
CA ILE D 90 -20.88 -0.04 20.55
C ILE D 90 -20.35 -0.51 21.89
N ASN D 91 -20.08 0.41 22.82
CA ASN D 91 -19.75 0.01 24.21
C ASN D 91 -21.11 -0.13 24.91
N TYR D 92 -21.72 -1.30 24.70
CA TYR D 92 -23.16 -1.40 24.94
C TYR D 92 -23.53 -1.59 26.41
N THR D 93 -22.64 -2.08 27.26
CA THR D 93 -22.98 -2.18 28.68
C THR D 93 -22.97 -0.82 29.36
N GLU D 94 -22.18 0.12 28.84
CA GLU D 94 -22.04 1.45 29.42
C GLU D 94 -22.78 2.50 28.60
N GLY D 95 -23.30 2.14 27.43
CA GLY D 95 -24.05 3.06 26.60
C GLY D 95 -23.20 4.15 25.97
N ARG D 96 -21.99 3.82 25.53
CA ARG D 96 -21.03 4.82 25.08
C ARG D 96 -20.52 4.51 23.69
N ALA D 97 -20.21 5.57 22.94
CA ALA D 97 -19.45 5.43 21.71
C ALA D 97 -18.01 5.03 22.05
N VAL D 98 -17.26 4.60 21.04
CA VAL D 98 -15.88 4.16 21.20
C VAL D 98 -15.09 4.86 20.10
N LEU D 99 -14.42 5.95 20.45
CA LEU D 99 -13.90 6.85 19.44
C LEU D 99 -12.47 7.29 19.73
N HIS D 100 -11.59 6.38 20.15
CA HIS D 100 -10.17 6.74 20.09
C HIS D 100 -9.72 7.06 18.67
N VAL D 101 -10.41 6.55 17.63
CA VAL D 101 -10.07 6.93 16.26
C VAL D 101 -10.33 8.43 16.03
N ALA D 102 -11.28 9.02 16.75
CA ALA D 102 -11.54 10.44 16.56
C ALA D 102 -10.41 11.30 17.07
N LEU D 103 -9.72 10.86 18.15
CA LEU D 103 -8.66 11.63 18.76
C LEU D 103 -7.53 11.92 17.78
N ARG D 104 -7.31 10.98 16.86
CA ARG D 104 -6.24 11.06 15.87
C ARG D 104 -6.80 11.23 14.47
N ASN D 105 -8.03 11.71 14.35
CA ASN D 105 -8.64 11.90 13.04
C ASN D 105 -8.05 13.16 12.40
N ARG D 106 -6.85 13.00 11.85
CA ARG D 106 -6.14 14.12 11.23
C ARG D 106 -6.93 14.72 10.06
N SER D 107 -7.75 13.93 9.38
CA SER D 107 -8.55 14.39 8.24
C SER D 107 -9.66 15.33 8.64
N ASN D 108 -10.09 15.26 9.90
CA ASN D 108 -11.15 16.09 10.45
C ASN D 108 -12.47 15.84 9.79
N THR D 109 -12.61 14.75 9.05
CA THR D 109 -13.94 14.43 8.56
C THR D 109 -14.86 14.27 9.76
N PRO D 110 -16.08 14.77 9.69
CA PRO D 110 -16.94 14.77 10.88
C PRO D 110 -17.20 13.37 11.38
N ILE D 111 -17.34 13.26 12.70
CA ILE D 111 -17.70 12.02 13.38
C ILE D 111 -18.75 12.40 14.41
N LEU D 112 -19.97 11.89 14.26
CA LEU D 112 -21.08 12.37 15.06
C LEU D 112 -21.32 11.48 16.27
N VAL D 113 -21.57 12.11 17.41
CA VAL D 113 -22.08 11.43 18.59
C VAL D 113 -23.32 12.18 19.07
N ASP D 114 -24.47 11.50 19.10
CA ASP D 114 -25.74 12.17 19.33
C ASP D 114 -25.92 13.29 18.30
N GLY D 115 -25.61 12.99 17.05
CA GLY D 115 -25.77 13.95 15.97
C GLY D 115 -24.91 15.18 16.05
N LYS D 116 -23.81 15.16 16.82
CA LYS D 116 -22.94 16.31 16.99
C LYS D 116 -21.49 15.90 16.69
N ASP D 117 -20.81 16.71 15.90
CA ASP D 117 -19.43 16.44 15.51
C ASP D 117 -18.54 16.60 16.74
N VAL D 118 -17.69 15.60 16.98
CA VAL D 118 -16.75 15.69 18.10
C VAL D 118 -15.43 16.34 17.70
N MET D 119 -15.20 16.53 16.42
CA MET D 119 -13.87 16.93 15.98
C MET D 119 -13.55 18.32 16.52
N PRO D 120 -14.52 19.25 16.63
CA PRO D 120 -14.17 20.57 17.18
C PRO D 120 -13.66 20.54 18.61
N GLU D 121 -14.29 19.76 19.48
CA GLU D 121 -13.84 19.69 20.87
C GLU D 121 -12.53 18.89 20.95
N VAL D 122 -12.36 17.91 20.07
CA VAL D 122 -11.08 17.20 20.01
C VAL D 122 -9.96 18.18 19.70
N ASN D 123 -10.15 18.99 18.65
CA ASN D 123 -9.06 19.86 18.22
C ASN D 123 -8.89 21.04 19.17
N LYS D 124 -9.96 21.45 19.83
CA LYS D 124 -9.82 22.50 20.83
C LYS D 124 -8.88 22.06 21.95
N VAL D 125 -8.98 20.79 22.37
CA VAL D 125 -8.07 20.34 23.43
C VAL D 125 -6.66 20.21 22.90
N LEU D 126 -6.51 19.74 21.66
CA LEU D 126 -5.19 19.61 21.09
C LEU D 126 -4.51 20.96 20.97
N ASP D 127 -5.25 21.99 20.56
CA ASP D 127 -4.67 23.32 20.51
C ASP D 127 -4.27 23.81 21.89
N LYS D 128 -5.06 23.47 22.92
CA LYS D 128 -4.71 23.84 24.28
C LYS D 128 -3.45 23.11 24.75
N MET D 129 -3.32 21.84 24.38
CA MET D 129 -2.10 21.09 24.69
C MET D 129 -0.89 21.69 24.01
N LYS D 130 -1.05 22.04 22.73
CA LYS D 130 0.05 22.62 21.97
C LYS D 130 0.55 23.92 22.60
N SER D 131 -0.37 24.78 23.02
CA SER D 131 0.03 26.04 23.63
C SER D 131 0.74 25.80 24.96
N PHE D 132 0.16 24.93 25.80
CA PHE D 132 0.77 24.65 27.08
C PHE D 132 2.16 24.06 26.90
N CYS D 133 2.31 23.16 25.93
CA CYS D 133 3.62 22.54 25.72
C CYS D 133 4.65 23.58 25.30
N GLN D 134 4.32 24.41 24.32
CA GLN D 134 5.26 25.44 23.91
C GLN D 134 5.67 26.31 25.11
N ARG D 135 4.70 26.70 25.94
CA ARG D 135 4.99 27.56 27.08
C ARG D 135 5.89 26.88 28.11
N VAL D 136 5.65 25.60 28.41
CA VAL D 136 6.46 24.94 29.41
C VAL D 136 7.86 24.68 28.88
N ARG D 137 7.94 24.18 27.66
CA ARG D 137 9.22 23.75 27.10
C ARG D 137 10.12 24.94 26.85
N SER D 138 9.53 26.08 26.48
CA SER D 138 10.30 27.29 26.23
C SER D 138 10.76 27.99 27.51
N GLY D 139 10.21 27.65 28.67
CA GLY D 139 10.50 28.39 29.88
C GLY D 139 9.58 29.55 30.16
N ASP D 140 8.54 29.75 29.33
CA ASP D 140 7.57 30.80 29.58
C ASP D 140 6.75 30.51 30.84
N TRP D 141 6.42 29.25 31.05
CA TRP D 141 5.67 28.83 32.22
C TRP D 141 6.67 28.56 33.34
N LYS D 142 6.60 29.37 34.40
CA LYS D 142 7.57 29.32 35.49
C LYS D 142 6.90 28.96 36.80
N GLY D 143 7.69 28.42 37.72
CA GLY D 143 7.20 28.02 39.02
C GLY D 143 6.98 29.20 39.96
N TYR D 144 6.58 28.87 41.19
CA TYR D 144 6.24 29.89 42.18
C TYR D 144 7.45 30.69 42.65
N THR D 145 8.67 30.32 42.25
CA THR D 145 9.84 31.16 42.55
C THR D 145 10.54 31.59 41.27
N GLY D 146 9.83 31.59 40.14
CA GLY D 146 10.31 32.12 38.87
C GLY D 146 11.17 31.18 38.05
N LYS D 147 11.26 29.91 38.43
CA LYS D 147 12.15 29.01 37.73
C LYS D 147 11.39 28.24 36.66
N THR D 148 12.12 27.82 35.65
CA THR D 148 11.49 27.02 34.61
C THR D 148 11.32 25.57 35.08
N ILE D 149 10.44 24.87 34.39
CA ILE D 149 10.06 23.51 34.73
C ILE D 149 11.12 22.56 34.21
N THR D 150 11.75 21.81 35.12
CA THR D 150 12.72 20.80 34.73
C THR D 150 12.17 19.38 34.78
N ASP D 151 11.07 19.18 35.51
CA ASP D 151 10.52 17.86 35.76
C ASP D 151 9.00 17.89 35.70
N VAL D 152 8.44 16.91 34.99
CA VAL D 152 7.00 16.73 34.84
C VAL D 152 6.65 15.38 35.44
N ILE D 153 5.70 15.37 36.37
CA ILE D 153 5.38 14.16 37.12
C ILE D 153 3.92 13.83 36.82
N ASN D 154 3.72 12.81 36.00
CA ASN D 154 2.40 12.26 35.73
C ASN D 154 1.99 11.36 36.90
N ILE D 155 0.87 11.69 37.54
CA ILE D 155 0.30 10.91 38.63
C ILE D 155 -0.98 10.30 38.10
N GLY D 156 -1.01 9.00 37.99
CA GLY D 156 -2.18 8.32 37.46
C GLY D 156 -1.88 6.85 37.44
N ILE D 157 -2.90 6.06 37.15
CA ILE D 157 -2.75 4.61 37.19
C ILE D 157 -3.54 4.02 36.03
N GLY D 158 -3.10 2.85 35.58
CA GLY D 158 -3.77 2.12 34.54
C GLY D 158 -3.70 2.87 33.22
N GLY D 159 -4.87 3.12 32.65
CA GLY D 159 -4.90 3.78 31.37
C GLY D 159 -4.32 5.17 31.41
N SER D 160 -4.33 5.78 32.59
CA SER D 160 -3.78 7.11 32.76
C SER D 160 -2.29 7.09 33.07
N ASP D 161 -1.63 5.95 32.87
CA ASP D 161 -0.19 5.81 33.19
C ASP D 161 0.56 5.05 32.11
N LEU D 162 0.08 3.83 31.76
CA LEU D 162 0.92 2.90 31.00
C LEU D 162 1.21 3.43 29.58
N GLY D 163 0.23 4.04 28.94
CA GLY D 163 0.42 4.59 27.61
C GLY D 163 1.48 5.68 27.56
N PRO D 164 1.27 6.74 28.32
CA PRO D 164 2.26 7.82 28.31
C PRO D 164 3.63 7.35 28.75
N LEU D 165 3.70 6.38 29.68
CA LEU D 165 5.01 5.84 30.08
C LEU D 165 5.62 5.04 28.95
N MET D 166 4.85 4.16 28.34
CA MET D 166 5.43 3.35 27.28
C MET D 166 5.92 4.21 26.12
N VAL D 167 5.17 5.25 25.74
CA VAL D 167 5.54 6.04 24.57
C VAL D 167 6.75 6.93 24.87
N THR D 168 6.76 7.60 26.02
CA THR D 168 7.92 8.43 26.33
C THR D 168 9.17 7.58 26.51
N GLU D 169 9.03 6.34 27.00
CA GLU D 169 10.20 5.47 27.00
C GLU D 169 10.67 5.14 25.58
N ALA D 170 9.71 4.82 24.69
CA ALA D 170 10.00 4.38 23.33
C ALA D 170 10.59 5.49 22.47
N LEU D 171 10.22 6.75 22.76
CA LEU D 171 10.58 7.91 21.95
C LEU D 171 11.59 8.81 22.68
N LYS D 172 12.25 8.26 23.70
CA LYS D 172 13.28 8.93 24.46
C LYS D 172 14.23 9.74 23.57
N PRO D 173 14.69 9.24 22.42
CA PRO D 173 15.65 10.02 21.62
C PRO D 173 15.09 11.32 21.06
N TYR D 174 13.77 11.47 21.04
CA TYR D 174 13.09 12.65 20.53
C TYR D 174 12.81 13.68 21.62
N SER D 175 13.41 13.54 22.79
CA SER D 175 13.10 14.36 23.98
C SER D 175 14.12 15.45 24.24
N SER D 176 15.06 15.67 23.33
CA SER D 176 16.01 16.75 23.53
C SER D 176 15.24 18.06 23.71
N GLY D 177 15.50 18.74 24.82
CA GLY D 177 14.79 19.96 25.11
C GLY D 177 13.42 19.82 25.71
N GLY D 178 13.05 18.64 26.20
CA GLY D 178 11.89 18.51 27.05
C GLY D 178 12.29 18.32 28.51
N PRO D 179 11.40 18.64 29.43
CA PRO D 179 11.63 18.26 30.83
C PRO D 179 11.72 16.74 30.96
N ARG D 180 12.38 16.31 32.02
CA ARG D 180 12.35 14.90 32.38
C ARG D 180 10.91 14.55 32.74
N VAL D 181 10.50 13.32 32.43
CA VAL D 181 9.17 12.85 32.84
C VAL D 181 9.32 11.74 33.88
N TRP D 182 8.45 11.79 34.88
CA TRP D 182 8.33 10.79 35.92
C TRP D 182 6.89 10.28 35.96
N TYR D 183 6.72 9.00 36.24
CA TYR D 183 5.38 8.39 36.30
C TYR D 183 5.22 7.79 37.69
N VAL D 184 4.30 8.35 38.48
CA VAL D 184 3.93 7.82 39.79
C VAL D 184 2.53 7.25 39.64
N SER D 185 2.37 5.97 39.97
CA SER D 185 1.11 5.26 39.77
C SER D 185 0.68 4.42 40.96
N ASN D 186 1.58 3.68 41.58
CA ASN D 186 1.23 2.79 42.68
C ASN D 186 0.75 3.58 43.90
N ILE D 187 -0.26 3.05 44.60
CA ILE D 187 -0.59 3.64 45.89
C ILE D 187 0.56 3.43 46.87
N ASP D 188 1.27 2.31 46.76
CA ASP D 188 2.45 2.04 47.58
C ASP D 188 3.26 3.32 47.75
N GLY D 189 3.43 3.76 49.00
CA GLY D 189 4.01 5.07 49.23
C GLY D 189 5.44 5.18 48.75
N THR D 190 6.10 4.05 48.57
CA THR D 190 7.43 4.06 47.96
C THR D 190 7.45 4.86 46.68
N HIS D 191 6.39 4.74 45.85
CA HIS D 191 6.48 5.28 44.49
C HIS D 191 6.54 6.81 44.50
N ILE D 192 5.58 7.45 45.17
CA ILE D 192 5.62 8.90 45.29
C ILE D 192 6.79 9.34 46.16
N ALA D 193 7.07 8.61 47.25
CA ALA D 193 8.11 9.04 48.19
C ALA D 193 9.46 9.15 47.51
N LYS D 194 9.87 8.09 46.82
CA LYS D 194 11.22 8.07 46.24
C LYS D 194 11.31 8.97 45.03
N THR D 195 10.17 9.28 44.41
CA THR D 195 10.14 10.27 43.35
C THR D 195 10.29 11.68 43.91
N LEU D 196 9.48 12.04 44.91
CA LEU D 196 9.53 13.42 45.43
C LEU D 196 10.91 13.74 45.99
N ALA D 197 11.57 12.76 46.60
CA ALA D 197 12.87 12.95 47.22
C ALA D 197 13.91 13.42 46.22
N GLN D 198 13.63 13.30 44.93
CA GLN D 198 14.54 13.70 43.86
C GLN D 198 14.12 14.96 43.15
N LEU D 199 13.11 15.65 43.66
CA LEU D 199 12.52 16.75 42.93
C LEU D 199 12.66 18.03 43.75
N ASN D 200 12.75 19.16 43.04
CA ASN D 200 12.66 20.48 43.64
C ASN D 200 11.26 21.02 43.44
N PRO D 201 10.49 21.28 44.50
CA PRO D 201 9.12 21.77 44.28
C PRO D 201 9.07 23.02 43.41
N GLU D 202 10.18 23.78 43.35
CA GLU D 202 10.17 25.05 42.62
C GLU D 202 10.15 24.83 41.11
N SER D 203 10.67 23.71 40.63
CA SER D 203 10.74 23.45 39.20
C SER D 203 9.95 22.22 38.76
N SER D 204 9.01 21.73 39.58
CA SER D 204 8.31 20.50 39.27
C SER D 204 6.87 20.84 38.87
N LEU D 205 6.41 20.22 37.79
CA LEU D 205 5.02 20.29 37.34
C LEU D 205 4.34 18.94 37.51
N PHE D 206 3.29 18.90 38.31
CA PHE D 206 2.50 17.70 38.51
C PHE D 206 1.28 17.68 37.60
N ILE D 207 1.09 16.54 36.95
CA ILE D 207 -0.05 16.28 36.08
C ILE D 207 -0.87 15.19 36.73
N ILE D 208 -2.11 15.51 37.10
CA ILE D 208 -3.00 14.54 37.73
C ILE D 208 -3.88 13.99 36.61
N ALA D 209 -3.55 12.78 36.16
CA ALA D 209 -4.23 12.11 35.06
C ALA D 209 -5.25 11.13 35.63
N SER D 210 -6.53 11.40 35.39
CA SER D 210 -7.57 10.48 35.86
C SER D 210 -8.85 10.79 35.11
N LYS D 211 -9.36 9.81 34.37
CA LYS D 211 -10.60 10.03 33.62
C LYS D 211 -11.73 10.46 34.57
N THR D 212 -11.94 9.69 35.65
CA THR D 212 -12.96 9.96 36.66
C THR D 212 -12.57 11.04 37.66
N PHE D 213 -11.27 11.13 37.96
CA PHE D 213 -10.78 11.95 39.04
C PHE D 213 -11.35 11.53 40.38
N THR D 214 -11.65 10.24 40.51
CA THR D 214 -12.01 9.65 41.78
C THR D 214 -11.17 8.46 42.18
N THR D 215 -10.30 7.95 41.29
CA THR D 215 -9.56 6.73 41.60
C THR D 215 -8.74 6.90 42.87
N GLN D 216 -8.85 5.93 43.76
CA GLN D 216 -8.30 6.12 45.10
C GLN D 216 -6.78 6.31 45.07
N GLU D 217 -6.07 5.50 44.29
CA GLU D 217 -4.62 5.62 44.28
C GLU D 217 -4.18 6.98 43.76
N THR D 218 -4.84 7.45 42.71
CA THR D 218 -4.42 8.67 42.04
C THR D 218 -4.72 9.88 42.92
N ILE D 219 -5.93 9.95 43.46
CA ILE D 219 -6.27 11.09 44.29
C ILE D 219 -5.43 11.12 45.56
N THR D 220 -5.12 9.95 46.14
CA THR D 220 -4.29 9.91 47.34
C THR D 220 -2.86 10.37 47.01
N ASN D 221 -2.30 9.85 45.90
CA ASN D 221 -0.98 10.30 45.45
C ASN D 221 -0.96 11.79 45.13
N ALA D 222 -2.03 12.31 44.55
CA ALA D 222 -2.08 13.74 44.24
C ALA D 222 -2.20 14.58 45.50
N GLU D 223 -2.97 14.12 46.48
CA GLU D 223 -3.06 14.83 47.76
C GLU D 223 -1.71 14.79 48.48
N THR D 224 -0.98 13.69 48.35
CA THR D 224 0.31 13.59 49.00
C THR D 224 1.30 14.56 48.37
N ALA D 225 1.23 14.69 47.04
CA ALA D 225 2.10 15.60 46.33
C ALA D 225 1.75 17.05 46.63
N LYS D 226 0.46 17.39 46.66
CA LYS D 226 0.10 18.77 46.94
C LYS D 226 0.49 19.15 48.36
N GLU D 227 0.43 18.20 49.30
CA GLU D 227 0.87 18.44 50.68
C GLU D 227 2.37 18.71 50.73
N TRP D 228 3.16 17.87 50.05
CA TRP D 228 4.60 18.07 49.93
C TRP D 228 4.93 19.39 49.28
N PHE D 229 4.16 19.76 48.25
CA PHE D 229 4.43 20.99 47.54
C PHE D 229 4.14 22.21 48.41
N LEU D 230 3.02 22.16 49.15
CA LEU D 230 2.62 23.30 49.97
C LEU D 230 3.46 23.42 51.24
N GLN D 231 4.05 22.31 51.70
CA GLN D 231 5.06 22.37 52.75
C GLN D 231 6.23 23.25 52.34
N ALA D 232 6.48 23.35 51.04
CA ALA D 232 7.55 24.17 50.48
C ALA D 232 7.06 25.57 50.11
N ALA D 233 5.95 25.66 49.37
CA ALA D 233 5.50 26.96 48.87
C ALA D 233 4.62 27.71 49.86
N LYS D 234 3.94 27.01 50.77
CA LYS D 234 3.09 27.64 51.78
C LYS D 234 1.87 28.33 51.17
N ASP D 235 2.07 29.03 50.03
CA ASP D 235 1.05 29.75 49.29
C ASP D 235 0.10 28.87 48.47
N PRO D 236 -1.15 28.67 48.90
CA PRO D 236 -2.13 28.01 48.03
C PRO D 236 -2.21 28.56 46.61
N SER D 237 -1.95 29.86 46.40
CA SER D 237 -1.92 30.40 45.05
C SER D 237 -0.90 29.69 44.18
N ALA D 238 0.16 29.14 44.77
CA ALA D 238 1.22 28.54 43.96
C ALA D 238 0.77 27.23 43.31
N VAL D 239 -0.27 26.58 43.86
CA VAL D 239 -0.74 25.34 43.26
C VAL D 239 -1.05 25.52 41.77
N ALA D 240 -1.59 26.69 41.39
CA ALA D 240 -2.00 26.93 40.00
C ALA D 240 -0.85 26.94 39.00
N LYS D 241 0.39 27.11 39.46
CA LYS D 241 1.54 27.05 38.57
C LYS D 241 2.18 25.67 38.52
N HIS D 242 1.73 24.72 39.36
CA HIS D 242 2.46 23.47 39.52
C HIS D 242 1.58 22.23 39.44
N PHE D 243 0.26 22.39 39.29
CA PHE D 243 -0.65 21.25 39.15
C PHE D 243 -1.61 21.52 38.00
N VAL D 244 -1.70 20.56 37.08
CA VAL D 244 -2.74 20.53 36.06
C VAL D 244 -3.42 19.16 36.10
N ALA D 245 -4.57 19.08 35.44
CA ALA D 245 -5.39 17.88 35.49
C ALA D 245 -5.75 17.44 34.07
N LEU D 246 -5.75 16.12 33.84
CA LEU D 246 -6.27 15.50 32.61
C LEU D 246 -7.47 14.65 33.04
N SER D 247 -8.67 15.04 32.59
CA SER D 247 -9.85 14.41 33.17
C SER D 247 -11.08 14.72 32.32
N THR D 248 -12.18 14.04 32.65
CA THR D 248 -13.51 14.34 32.13
C THR D 248 -14.41 15.01 33.17
N ASN D 249 -13.91 15.23 34.39
CA ASN D 249 -14.75 15.60 35.53
C ASN D 249 -14.31 16.96 36.07
N THR D 250 -14.77 18.01 35.40
CA THR D 250 -14.44 19.39 35.78
C THR D 250 -14.75 19.65 37.26
N THR D 251 -15.89 19.17 37.73
CA THR D 251 -16.30 19.48 39.09
C THR D 251 -15.32 18.93 40.12
N LYS D 252 -14.94 17.65 40.00
CA LYS D 252 -14.01 17.08 40.97
C LYS D 252 -12.60 17.66 40.82
N VAL D 253 -12.21 18.03 39.61
CA VAL D 253 -10.96 18.74 39.41
C VAL D 253 -10.96 20.03 40.20
N LYS D 254 -12.07 20.78 40.13
CA LYS D 254 -12.17 22.02 40.90
C LYS D 254 -12.17 21.74 42.40
N GLU D 255 -12.89 20.69 42.85
CA GLU D 255 -12.89 20.42 44.29
C GLU D 255 -11.51 20.03 44.80
N PHE D 256 -10.68 19.38 43.96
CA PHE D 256 -9.32 19.08 44.36
C PHE D 256 -8.46 20.33 44.47
N GLY D 257 -8.85 21.41 43.81
CA GLY D 257 -8.14 22.66 43.86
C GLY D 257 -7.38 23.03 42.62
N ILE D 258 -7.70 22.44 41.47
CA ILE D 258 -7.06 22.79 40.21
C ILE D 258 -7.87 23.90 39.54
N ASP D 259 -7.17 24.93 39.06
CA ASP D 259 -7.75 25.99 38.24
C ASP D 259 -8.55 25.35 37.12
N PRO D 260 -9.68 25.94 36.70
CA PRO D 260 -10.39 25.38 35.54
C PRO D 260 -9.63 25.58 34.23
N GLN D 261 -8.84 26.64 34.14
CA GLN D 261 -7.94 26.85 33.01
C GLN D 261 -6.79 25.85 32.98
N ASN D 262 -6.59 25.07 34.04
CA ASN D 262 -5.53 24.08 34.09
C ASN D 262 -6.03 22.66 33.88
N MET D 263 -7.23 22.50 33.33
CA MET D 263 -7.77 21.18 33.01
C MET D 263 -7.75 20.95 31.51
N PHE D 264 -7.20 19.80 31.12
CA PHE D 264 -7.23 19.33 29.74
C PHE D 264 -8.23 18.19 29.66
N GLU D 265 -9.31 18.40 28.88
CA GLU D 265 -10.47 17.52 28.92
C GLU D 265 -10.36 16.38 27.94
N PHE D 266 -11.05 15.29 28.26
CA PHE D 266 -11.37 14.31 27.25
C PHE D 266 -12.80 13.85 27.56
N TRP D 267 -13.24 12.77 26.95
CA TRP D 267 -14.67 12.47 26.86
C TRP D 267 -14.91 11.02 27.22
N ASP D 268 -16.19 10.69 27.47
CA ASP D 268 -16.47 9.36 28.00
C ASP D 268 -16.22 8.28 26.96
N TRP D 269 -16.19 8.62 25.67
CA TRP D 269 -15.96 7.62 24.62
C TRP D 269 -14.48 7.38 24.36
N VAL D 270 -13.62 7.87 25.26
CA VAL D 270 -12.21 7.56 25.25
C VAL D 270 -11.98 6.57 26.39
N GLY D 271 -11.83 5.29 26.05
CA GLY D 271 -11.53 4.32 27.07
C GLY D 271 -10.14 4.53 27.64
N GLY D 272 -10.00 4.27 28.96
CA GLY D 272 -8.72 4.55 29.63
C GLY D 272 -7.54 3.92 28.93
N ARG D 273 -7.67 2.63 28.57
CA ARG D 273 -6.59 1.93 27.88
C ARG D 273 -6.47 2.30 26.39
N TYR D 274 -7.28 3.27 25.94
CA TYR D 274 -7.19 3.80 24.59
C TYR D 274 -6.96 5.30 24.59
N SER D 275 -6.39 5.85 25.67
CA SER D 275 -6.49 7.26 25.98
C SER D 275 -5.21 8.04 25.72
N LEU D 276 -4.12 7.37 25.36
CA LEU D 276 -2.85 8.11 25.20
C LEU D 276 -2.92 9.14 24.08
N TRP D 277 -3.88 8.99 23.17
CA TRP D 277 -4.08 9.88 22.02
C TRP D 277 -4.80 11.14 22.40
N SER D 278 -5.36 11.17 23.61
CA SER D 278 -6.12 12.28 24.13
C SER D 278 -5.25 13.20 24.97
N ALA D 279 -5.90 14.08 25.72
CA ALA D 279 -5.22 14.90 26.71
C ALA D 279 -4.34 14.05 27.62
N ILE D 280 -4.70 12.79 27.84
CA ILE D 280 -3.89 11.92 28.67
C ILE D 280 -2.44 11.86 28.16
N GLY D 281 -2.22 12.15 26.86
CA GLY D 281 -0.89 12.15 26.29
C GLY D 281 -0.11 13.44 26.49
N LEU D 282 -0.59 14.32 27.37
CA LEU D 282 0.10 15.58 27.57
C LEU D 282 1.57 15.37 27.99
N SER D 283 1.85 14.42 28.89
CA SER D 283 3.24 14.20 29.30
C SER D 283 4.11 13.76 28.10
N ILE D 284 3.52 13.08 27.13
CA ILE D 284 4.23 12.75 25.88
C ILE D 284 4.60 14.02 25.14
N ALA D 285 3.62 14.86 24.87
CA ALA D 285 3.86 16.09 24.11
C ALA D 285 4.79 17.02 24.88
N LEU D 286 4.74 16.98 26.21
CA LEU D 286 5.69 17.79 26.99
C LEU D 286 7.12 17.27 26.83
N HIS D 287 7.30 15.95 26.79
CA HIS D 287 8.63 15.36 26.73
C HIS D 287 9.25 15.44 25.33
N VAL D 288 8.50 15.05 24.30
CA VAL D 288 9.06 15.04 22.95
C VAL D 288 8.54 16.16 22.10
N GLY D 289 7.70 17.02 22.65
CA GLY D 289 7.16 18.15 21.88
C GLY D 289 5.86 17.82 21.18
N PHE D 290 5.04 18.86 20.99
CA PHE D 290 3.75 18.65 20.35
C PHE D 290 3.85 18.16 18.92
N ASP D 291 4.85 18.62 18.17
N ASP D 291 4.86 18.62 18.17
CA ASP D 291 4.96 18.18 16.77
CA ASP D 291 4.99 18.20 16.78
C ASP D 291 5.17 16.68 16.69
C ASP D 291 5.20 16.70 16.68
N ASN D 292 5.97 16.12 17.62
CA ASN D 292 6.17 14.67 17.61
C ASN D 292 4.91 13.95 18.08
N PHE D 293 4.16 14.57 18.97
CA PHE D 293 2.87 14.04 19.36
C PHE D 293 1.92 14.03 18.16
N GLU D 294 1.99 15.05 17.30
CA GLU D 294 1.10 15.03 16.13
C GLU D 294 1.50 13.94 15.16
N GLN D 295 2.81 13.67 15.07
CA GLN D 295 3.28 12.55 14.24
C GLN D 295 2.76 11.22 14.78
N LEU D 296 2.75 11.06 16.11
CA LEU D 296 2.20 9.86 16.72
C LEU D 296 0.75 9.68 16.34
N LEU D 297 -0.08 10.72 16.55
CA LEU D 297 -1.47 10.66 16.10
C LEU D 297 -1.58 10.33 14.61
N SER D 298 -0.66 10.87 13.79
CA SER D 298 -0.79 10.69 12.34
C SER D 298 -0.49 9.26 11.92
N GLY D 299 0.40 8.58 12.63
CA GLY D 299 0.67 7.19 12.30
C GLY D 299 -0.49 6.30 12.67
N ALA D 300 -1.12 6.58 13.81
CA ALA D 300 -2.34 5.85 14.18
C ALA D 300 -3.43 6.07 13.12
N HIS D 301 -3.59 7.32 12.69
CA HIS D 301 -4.55 7.64 11.65
C HIS D 301 -4.29 6.85 10.36
N TRP D 302 -3.02 6.76 9.96
CA TRP D 302 -2.68 5.93 8.79
C TRP D 302 -3.18 4.50 8.95
N MET D 303 -2.90 3.89 10.11
CA MET D 303 -3.32 2.53 10.35
C MET D 303 -4.83 2.43 10.47
N ASP D 304 -5.48 3.46 11.02
CA ASP D 304 -6.94 3.46 11.02
C ASP D 304 -7.48 3.32 9.59
N GLN D 305 -6.88 4.03 8.64
CA GLN D 305 -7.38 4.02 7.27
C GLN D 305 -7.09 2.68 6.64
N HIS D 306 -5.91 2.15 6.89
CA HIS D 306 -5.59 0.82 6.39
C HIS D 306 -6.62 -0.19 6.91
N PHE D 307 -6.98 -0.09 8.20
CA PHE D 307 -7.92 -1.04 8.79
C PHE D 307 -9.27 -0.92 8.10
N ARG D 308 -9.63 0.30 7.76
CA ARG D 308 -10.96 0.61 7.24
C ARG D 308 -11.12 0.25 5.77
N THR D 309 -10.06 0.38 4.96
CA THR D 309 -10.20 0.27 3.51
C THR D 309 -9.61 -1.00 2.92
N THR D 310 -8.87 -1.78 3.69
CA THR D 310 -8.18 -2.94 3.14
C THR D 310 -9.07 -4.19 3.20
N PRO D 311 -9.24 -4.93 2.08
CA PRO D 311 -9.95 -6.21 2.14
C PRO D 311 -9.48 -7.08 3.30
N LEU D 312 -10.40 -7.83 3.90
CA LEU D 312 -10.04 -8.59 5.12
C LEU D 312 -8.80 -9.44 4.91
N GLU D 313 -8.66 -10.06 3.74
CA GLU D 313 -7.63 -11.06 3.54
C GLU D 313 -6.22 -10.47 3.40
N LYS D 314 -6.08 -9.14 3.34
CA LYS D 314 -4.78 -8.45 3.31
C LYS D 314 -4.69 -7.35 4.38
N ASN D 315 -5.56 -7.39 5.40
CA ASN D 315 -5.74 -6.31 6.37
C ASN D 315 -4.95 -6.68 7.63
N ALA D 316 -3.91 -5.91 7.94
CA ALA D 316 -2.94 -6.37 8.95
C ALA D 316 -3.60 -6.66 10.30
N PRO D 317 -4.32 -5.73 10.92
CA PRO D 317 -4.93 -6.07 12.23
C PRO D 317 -5.92 -7.21 12.17
N VAL D 318 -6.62 -7.39 11.05
CA VAL D 318 -7.57 -8.49 10.95
C VAL D 318 -6.84 -9.82 10.90
N LEU D 319 -5.76 -9.91 10.12
CA LEU D 319 -5.02 -11.17 10.06
C LEU D 319 -4.37 -11.49 11.40
N LEU D 320 -3.72 -10.51 12.03
CA LEU D 320 -3.18 -10.74 13.36
C LEU D 320 -4.29 -11.23 14.30
N ALA D 321 -5.46 -10.59 14.27
CA ALA D 321 -6.58 -11.04 15.11
C ALA D 321 -6.94 -12.48 14.83
N LEU D 322 -7.01 -12.86 13.55
CA LEU D 322 -7.49 -14.19 13.17
C LEU D 322 -6.48 -15.27 13.49
N LEU D 323 -5.19 -14.99 13.31
CA LEU D 323 -4.16 -15.93 13.72
C LEU D 323 -4.27 -16.19 15.22
N GLY D 324 -4.52 -15.14 15.99
CA GLY D 324 -4.78 -15.30 17.41
C GLY D 324 -6.00 -16.17 17.70
N ILE D 325 -7.09 -16.00 16.94
CA ILE D 325 -8.29 -16.80 17.16
C ILE D 325 -7.98 -18.28 16.94
N TRP D 326 -7.31 -18.56 15.85
CA TRP D 326 -6.82 -19.90 15.51
C TRP D 326 -6.08 -20.51 16.68
N TYR D 327 -5.12 -19.77 17.25
CA TYR D 327 -4.31 -20.34 18.32
C TYR D 327 -5.10 -20.46 19.62
N ILE D 328 -5.99 -19.50 19.88
CA ILE D 328 -6.72 -19.51 21.15
C ILE D 328 -7.87 -20.52 21.12
N ASN D 329 -8.68 -20.49 20.07
CA ASN D 329 -9.95 -21.24 20.04
C ASN D 329 -9.86 -22.61 19.36
N CYS D 330 -8.78 -22.90 18.63
CA CYS D 330 -8.54 -24.24 18.11
C CYS D 330 -7.34 -24.92 18.77
N PHE D 331 -6.20 -24.27 18.84
CA PHE D 331 -5.04 -24.87 19.48
C PHE D 331 -5.09 -24.80 21.02
N GLY D 332 -5.92 -23.91 21.59
CA GLY D 332 -6.02 -23.79 23.04
C GLY D 332 -4.83 -23.12 23.71
N CYS D 333 -4.18 -22.18 23.05
CA CYS D 333 -3.02 -21.50 23.62
C CYS D 333 -3.48 -20.41 24.58
N GLU D 334 -3.01 -20.48 25.83
CA GLU D 334 -3.48 -19.54 26.84
C GLU D 334 -2.83 -18.17 26.70
N THR D 335 -1.61 -18.11 26.16
CA THR D 335 -0.80 -16.90 26.23
C THR D 335 -0.37 -16.42 24.84
N HIS D 336 0.03 -15.16 24.82
CA HIS D 336 0.56 -14.52 23.62
C HIS D 336 1.75 -13.68 24.04
N ALA D 337 2.93 -14.01 23.50
CA ALA D 337 4.13 -13.27 23.87
C ALA D 337 4.39 -12.15 22.87
N MET D 338 4.75 -10.98 23.40
CA MET D 338 5.16 -9.85 22.59
C MET D 338 6.61 -9.56 22.92
N LEU D 339 7.48 -9.65 21.91
CA LEU D 339 8.92 -9.68 22.10
C LEU D 339 9.58 -8.67 21.15
N PRO D 340 9.66 -7.40 21.54
CA PRO D 340 10.29 -6.39 20.68
C PRO D 340 11.79 -6.40 20.90
N TYR D 341 12.53 -6.44 19.80
CA TYR D 341 13.97 -6.37 19.85
C TYR D 341 14.38 -4.90 19.83
N ASP D 342 14.07 -4.24 20.95
CA ASP D 342 14.23 -2.81 21.03
C ASP D 342 14.13 -2.37 22.49
N GLN D 343 15.27 -1.99 23.07
CA GLN D 343 15.31 -1.60 24.47
C GLN D 343 14.34 -0.45 24.75
N TYR D 344 14.15 0.45 23.79
CA TYR D 344 13.23 1.55 23.99
C TYR D 344 11.78 1.07 24.12
N LEU D 345 11.43 -0.09 23.52
CA LEU D 345 10.10 -0.68 23.65
C LEU D 345 9.95 -1.56 24.88
N HIS D 346 10.75 -1.35 25.91
CA HIS D 346 10.72 -2.32 27.01
C HIS D 346 9.43 -2.28 27.82
N ARG D 347 8.58 -1.27 27.64
CA ARG D 347 7.28 -1.28 28.31
C ARG D 347 6.14 -1.53 27.33
N PHE D 348 6.46 -2.05 26.14
CA PHE D 348 5.45 -2.24 25.10
C PHE D 348 4.54 -3.43 25.43
N ALA D 349 5.12 -4.55 25.85
CA ALA D 349 4.31 -5.69 26.28
C ALA D 349 3.43 -5.32 27.47
N ALA D 350 3.98 -4.60 28.45
CA ALA D 350 3.21 -4.26 29.63
C ALA D 350 2.00 -3.40 29.27
N TYR D 351 2.18 -2.51 28.31
CA TYR D 351 1.09 -1.69 27.79
C TYR D 351 -0.01 -2.55 27.20
N PHE D 352 0.36 -3.55 26.42
CA PHE D 352 -0.66 -4.39 25.83
C PHE D 352 -1.18 -5.48 26.76
N GLN D 353 -0.57 -5.70 27.92
CA GLN D 353 -1.29 -6.41 28.96
C GLN D 353 -2.56 -5.70 29.27
N GLN D 354 -2.49 -4.40 29.55
CA GLN D 354 -3.75 -3.69 29.77
C GLN D 354 -4.60 -3.72 28.50
N GLY D 355 -4.04 -3.27 27.36
CA GLY D 355 -4.88 -3.04 26.20
C GLY D 355 -5.61 -4.27 25.74
N ASP D 356 -4.93 -5.42 25.76
CA ASP D 356 -5.48 -6.70 25.34
C ASP D 356 -6.27 -7.37 26.47
N MET D 357 -5.65 -7.56 27.65
CA MET D 357 -6.28 -8.38 28.69
C MET D 357 -7.48 -7.70 29.32
N GLU D 358 -7.39 -6.41 29.62
CA GLU D 358 -8.55 -5.72 30.16
C GLU D 358 -9.67 -5.63 29.13
N SER D 359 -9.31 -5.50 27.83
CA SER D 359 -10.33 -5.44 26.79
C SER D 359 -11.04 -6.77 26.64
N ASN D 360 -10.29 -7.86 26.45
CA ASN D 360 -10.92 -9.10 26.04
C ASN D 360 -10.89 -10.19 27.09
N GLY D 361 -10.51 -9.86 28.34
CA GLY D 361 -10.60 -10.76 29.49
C GLY D 361 -12.04 -10.76 30.01
N LYS D 362 -12.91 -11.42 29.25
CA LYS D 362 -14.35 -11.24 29.32
C LYS D 362 -15.03 -12.59 29.16
N TYR D 363 -16.25 -12.72 29.71
CA TYR D 363 -16.91 -14.02 29.61
C TYR D 363 -18.40 -13.91 29.34
N ILE D 364 -18.98 -12.70 29.28
CA ILE D 364 -20.39 -12.48 28.98
C ILE D 364 -20.49 -11.85 27.59
N THR D 365 -21.38 -12.38 26.75
CA THR D 365 -21.52 -11.89 25.40
C THR D 365 -22.54 -10.75 25.31
N LYS D 366 -22.70 -10.21 24.09
CA LYS D 366 -23.61 -9.08 23.87
C LYS D 366 -25.03 -9.45 24.25
N SER D 367 -25.41 -10.70 24.07
CA SER D 367 -26.78 -11.10 24.39
C SER D 367 -26.97 -11.41 25.87
N GLY D 368 -25.93 -11.20 26.68
CA GLY D 368 -25.97 -11.53 28.09
C GLY D 368 -25.70 -12.98 28.42
N THR D 369 -25.45 -13.83 27.45
CA THR D 369 -25.15 -15.22 27.76
C THR D 369 -23.64 -15.44 27.93
N ARG D 370 -23.31 -16.51 28.64
CA ARG D 370 -21.94 -16.86 28.99
C ARG D 370 -21.23 -17.48 27.80
N VAL D 371 -19.96 -17.10 27.59
CA VAL D 371 -19.18 -17.75 26.54
C VAL D 371 -19.02 -19.22 26.87
N ASP D 372 -18.89 -20.04 25.84
CA ASP D 372 -18.56 -21.45 26.08
C ASP D 372 -17.30 -21.78 25.31
N HIS D 373 -16.41 -20.79 25.21
CA HIS D 373 -15.18 -20.86 24.45
C HIS D 373 -14.20 -19.91 25.13
N GLN D 374 -12.93 -20.03 24.77
CA GLN D 374 -11.92 -19.10 25.27
C GLN D 374 -12.07 -17.69 24.70
N THR D 375 -11.72 -16.70 25.51
CA THR D 375 -11.58 -15.33 25.01
C THR D 375 -10.11 -14.92 25.17
N GLY D 376 -9.85 -13.67 25.57
CA GLY D 376 -8.52 -13.07 25.47
C GLY D 376 -7.41 -13.86 26.13
N PRO D 377 -6.22 -13.84 25.52
CA PRO D 377 -5.05 -14.53 26.08
C PRO D 377 -4.37 -13.73 27.17
N ILE D 378 -3.50 -14.42 27.89
CA ILE D 378 -2.54 -13.75 28.77
C ILE D 378 -1.40 -13.25 27.90
N VAL D 379 -1.15 -11.96 27.96
CA VAL D 379 -0.08 -11.32 27.21
C VAL D 379 1.11 -11.09 28.14
N TRP D 380 2.32 -11.33 27.64
CA TRP D 380 3.54 -11.17 28.43
C TRP D 380 4.71 -11.02 27.48
N GLY D 381 5.87 -10.71 28.03
CA GLY D 381 7.07 -10.58 27.20
C GLY D 381 8.09 -9.65 27.80
N GLU D 382 9.31 -9.76 27.29
CA GLU D 382 10.37 -8.81 27.59
C GLU D 382 11.09 -8.50 26.29
N PRO D 383 11.80 -7.37 26.21
CA PRO D 383 12.55 -7.05 24.99
C PRO D 383 13.67 -8.05 24.72
N GLY D 384 13.87 -8.38 23.44
CA GLY D 384 15.03 -9.14 23.04
C GLY D 384 16.24 -8.21 22.90
N THR D 385 17.43 -8.75 23.13
CA THR D 385 17.77 -10.16 23.31
C THR D 385 17.71 -10.65 24.76
N ASN D 386 17.37 -9.79 25.71
CA ASN D 386 17.32 -10.23 27.11
C ASN D 386 16.44 -11.45 27.30
N GLY D 387 15.24 -11.45 26.70
CA GLY D 387 14.34 -12.58 26.88
C GLY D 387 14.96 -13.90 26.49
N GLN D 388 15.86 -13.87 25.50
CA GLN D 388 16.58 -15.08 25.06
C GLN D 388 17.35 -15.72 26.20
N HIS D 389 17.90 -14.91 27.11
CA HIS D 389 18.73 -15.40 28.19
C HIS D 389 17.96 -15.60 29.48
N ALA D 390 16.64 -15.54 29.38
CA ALA D 390 15.76 -15.60 30.55
C ALA D 390 14.77 -16.73 30.36
N PHE D 391 13.86 -16.65 29.39
CA PHE D 391 12.79 -17.62 29.32
C PHE D 391 12.64 -18.31 27.98
N TYR D 392 13.47 -17.98 26.97
CA TYR D 392 13.32 -18.67 25.69
C TYR D 392 13.60 -20.17 25.81
N GLN D 393 14.39 -20.58 26.82
CA GLN D 393 14.57 -22.01 27.05
C GLN D 393 13.23 -22.73 27.03
N LEU D 394 12.23 -22.16 27.72
CA LEU D 394 10.90 -22.78 27.78
C LEU D 394 10.15 -22.66 26.46
N ILE D 395 10.34 -21.56 25.72
CA ILE D 395 9.64 -21.45 24.45
C ILE D 395 10.12 -22.54 23.49
N HIS D 396 11.43 -22.83 23.52
CA HIS D 396 12.04 -23.81 22.62
C HIS D 396 11.88 -25.24 23.08
N GLN D 397 11.91 -25.51 24.42
CA GLN D 397 12.03 -26.89 24.89
C GLN D 397 11.09 -27.23 26.04
N GLY D 398 10.11 -26.40 26.32
CA GLY D 398 9.10 -26.73 27.31
C GLY D 398 7.95 -27.48 26.69
N THR D 399 6.81 -27.45 27.38
CA THR D 399 5.63 -28.22 27.05
C THR D 399 4.44 -27.34 26.68
N LYS D 400 4.68 -26.04 26.47
CA LYS D 400 3.64 -25.06 26.18
C LYS D 400 3.84 -24.57 24.75
N MET D 401 2.75 -24.38 24.03
CA MET D 401 2.77 -23.72 22.73
C MET D 401 2.42 -22.25 22.99
N ILE D 402 3.28 -21.37 22.51
CA ILE D 402 3.25 -19.95 22.82
C ILE D 402 3.39 -19.17 21.52
N PRO D 403 2.31 -18.68 20.95
CA PRO D 403 2.46 -17.77 19.79
C PRO D 403 3.20 -16.51 20.19
N CYS D 404 4.13 -16.08 19.34
CA CYS D 404 5.06 -15.01 19.66
C CYS D 404 5.04 -13.98 18.54
N ASP D 405 4.96 -12.70 18.91
CA ASP D 405 5.20 -11.60 17.99
C ASP D 405 6.59 -11.03 18.26
N PHE D 406 7.48 -11.19 17.29
CA PHE D 406 8.79 -10.58 17.28
C PHE D 406 8.74 -9.27 16.50
N LEU D 407 9.24 -8.18 17.09
CA LEU D 407 9.15 -6.85 16.48
C LEU D 407 10.54 -6.23 16.46
N ILE D 408 10.91 -5.54 15.38
CA ILE D 408 12.19 -4.83 15.37
C ILE D 408 12.22 -3.70 14.35
N PRO D 409 12.90 -2.60 14.65
CA PRO D 409 13.22 -1.62 13.59
C PRO D 409 14.46 -2.01 12.81
N VAL D 410 14.39 -1.74 11.51
CA VAL D 410 15.55 -1.97 10.65
C VAL D 410 16.68 -1.02 11.00
N GLN D 411 16.34 0.25 11.22
CA GLN D 411 17.30 1.30 11.53
C GLN D 411 17.23 1.66 13.02
N THR D 412 18.40 1.67 13.67
CA THR D 412 18.52 1.97 15.09
C THR D 412 18.68 3.47 15.31
N GLN D 413 18.27 3.91 16.49
CA GLN D 413 18.49 5.28 16.90
C GLN D 413 19.91 5.56 17.35
N HIS D 414 20.69 4.50 17.62
CA HIS D 414 22.07 4.61 18.13
C HIS D 414 22.93 3.63 17.34
N PRO D 415 23.35 4.02 16.12
CA PRO D 415 24.17 3.15 15.26
C PRO D 415 25.65 3.18 15.65
N ILE D 416 25.90 2.86 16.91
CA ILE D 416 27.27 2.87 17.45
C ILE D 416 28.11 1.73 16.86
N ARG D 417 29.42 1.90 16.97
CA ARG D 417 30.37 0.93 16.44
C ARG D 417 30.05 0.58 14.99
N LYS D 418 29.74 1.59 14.16
CA LYS D 418 29.53 1.39 12.73
C LYS D 418 28.43 0.36 12.45
N GLY D 419 27.44 0.29 13.36
CA GLY D 419 26.29 -0.58 13.19
C GLY D 419 26.44 -1.95 13.80
N LEU D 420 27.53 -2.22 14.50
CA LEU D 420 27.83 -3.58 14.95
C LEU D 420 26.75 -4.10 15.90
N HIS D 421 26.39 -3.32 16.91
CA HIS D 421 25.38 -3.78 17.87
C HIS D 421 24.06 -4.12 17.18
N HIS D 422 23.57 -3.23 16.31
CA HIS D 422 22.29 -3.49 15.65
C HIS D 422 22.36 -4.68 14.72
N LYS D 423 23.51 -4.89 14.10
CA LYS D 423 23.69 -6.07 13.26
C LYS D 423 23.51 -7.36 14.06
N ILE D 424 24.12 -7.42 15.24
CA ILE D 424 23.96 -8.58 16.10
C ILE D 424 22.51 -8.69 16.56
N LEU D 425 21.91 -7.56 16.94
CA LEU D 425 20.52 -7.57 17.36
C LEU D 425 19.62 -8.16 16.27
N LEU D 426 19.85 -7.75 15.01
CA LEU D 426 19.04 -8.26 13.90
C LEU D 426 19.26 -9.75 13.67
N ALA D 427 20.52 -10.17 13.68
CA ALA D 427 20.81 -11.59 13.49
C ALA D 427 20.07 -12.45 14.52
N ASN D 428 19.96 -11.95 15.75
CA ASN D 428 19.33 -12.73 16.82
C ASN D 428 17.82 -12.77 16.63
N PHE D 429 17.22 -11.61 16.32
CA PHE D 429 15.82 -11.53 15.93
C PHE D 429 15.49 -12.56 14.85
N LEU D 430 16.33 -12.64 13.80
CA LEU D 430 16.04 -13.53 12.68
C LEU D 430 16.29 -14.99 13.07
N ALA D 431 17.41 -15.24 13.73
CA ALA D 431 17.78 -16.60 14.10
C ALA D 431 16.78 -17.24 15.06
N GLN D 432 16.22 -16.46 15.99
CA GLN D 432 15.31 -17.04 16.99
C GLN D 432 14.02 -17.54 16.35
N THR D 433 13.45 -16.79 15.39
CA THR D 433 12.25 -17.30 14.73
C THR D 433 12.59 -18.45 13.79
N GLU D 434 13.76 -18.40 13.15
CA GLU D 434 14.20 -19.55 12.35
C GLU D 434 14.31 -20.80 13.23
N ALA D 435 14.96 -20.69 14.39
CA ALA D 435 15.12 -21.83 15.29
C ALA D 435 13.78 -22.38 15.76
N LEU D 436 12.85 -21.50 16.09
CA LEU D 436 11.55 -21.94 16.60
C LEU D 436 10.80 -22.72 15.54
N MET D 437 10.86 -22.25 14.31
CA MET D 437 10.28 -22.95 13.18
C MET D 437 10.97 -24.28 12.93
N ARG D 438 12.29 -24.26 12.84
CA ARG D 438 13.03 -25.36 12.24
C ARG D 438 13.35 -26.46 13.23
N GLY D 439 13.60 -26.09 14.46
CA GLY D 439 14.09 -27.07 15.38
C GLY D 439 15.38 -27.70 14.86
N LYS D 440 15.70 -28.83 15.48
CA LYS D 440 16.92 -29.57 15.22
C LYS D 440 16.57 -31.02 15.56
N SER D 441 16.54 -31.87 14.53
CA SER D 441 16.04 -33.23 14.68
C SER D 441 17.07 -34.10 15.42
N THR D 442 16.62 -35.30 15.81
CA THR D 442 17.52 -36.26 16.43
C THR D 442 18.72 -36.53 15.53
N GLU D 443 18.48 -36.82 14.26
CA GLU D 443 19.59 -37.13 13.36
C GLU D 443 20.49 -35.91 13.17
N GLU D 444 19.91 -34.72 13.10
CA GLU D 444 20.74 -33.52 13.01
C GLU D 444 21.64 -33.36 14.24
N ALA D 445 21.08 -33.54 15.46
CA ALA D 445 21.88 -33.37 16.67
C ALA D 445 22.88 -34.51 16.86
N ARG D 446 22.53 -35.73 16.43
CA ARG D 446 23.50 -36.82 16.48
C ARG D 446 24.74 -36.48 15.66
N LYS D 447 24.55 -35.98 14.43
CA LYS D 447 25.69 -35.63 13.60
C LYS D 447 26.60 -34.62 14.29
N GLU D 448 26.01 -33.58 14.88
CA GLU D 448 26.83 -32.59 15.56
C GLU D 448 27.65 -33.23 16.67
N LEU D 449 27.02 -34.12 17.45
CA LEU D 449 27.73 -34.76 18.55
C LEU D 449 28.84 -35.66 18.02
N GLN D 450 28.50 -36.56 17.08
CA GLN D 450 29.51 -37.38 16.44
C GLN D 450 30.69 -36.54 15.92
N ALA D 451 30.39 -35.40 15.29
CA ALA D 451 31.44 -34.55 14.77
C ALA D 451 32.15 -33.76 15.86
N ALA D 452 31.51 -33.56 17.01
CA ALA D 452 32.19 -32.92 18.12
C ALA D 452 33.23 -33.83 18.76
N GLY D 453 33.09 -35.13 18.58
CA GLY D 453 33.98 -36.09 19.19
C GLY D 453 33.41 -36.84 20.37
N LYS D 454 32.09 -36.83 20.55
CA LYS D 454 31.51 -37.56 21.66
C LYS D 454 31.89 -39.03 21.61
N SER D 455 31.77 -39.69 22.75
CA SER D 455 31.82 -41.14 22.78
C SER D 455 30.48 -41.71 22.37
N PRO D 456 30.46 -42.97 21.92
CA PRO D 456 29.15 -43.60 21.62
C PRO D 456 28.19 -43.59 22.80
N GLU D 457 28.71 -43.54 24.03
CA GLU D 457 27.88 -43.56 25.23
C GLU D 457 27.41 -42.15 25.59
N ASP D 458 28.37 -41.23 25.83
CA ASP D 458 28.05 -39.82 25.97
C ASP D 458 26.94 -39.40 25.00
N LEU D 459 27.22 -39.49 23.70
CA LEU D 459 26.29 -39.05 22.68
C LEU D 459 24.85 -39.47 22.99
N GLU D 460 24.62 -40.77 23.20
CA GLU D 460 23.23 -41.22 23.36
C GLU D 460 22.62 -40.73 24.67
N ARG D 461 23.44 -40.49 25.70
CA ARG D 461 22.89 -39.95 26.94
C ARG D 461 22.36 -38.55 26.73
N LEU D 462 23.13 -37.75 25.98
CA LEU D 462 22.90 -36.32 25.80
C LEU D 462 22.02 -36.00 24.61
N LEU D 463 22.05 -36.81 23.57
CA LEU D 463 21.28 -36.59 22.35
C LEU D 463 19.86 -36.07 22.55
N PRO D 464 18.99 -36.72 23.34
CA PRO D 464 17.60 -36.23 23.38
C PRO D 464 17.46 -34.85 24.00
N HIS D 465 18.36 -34.48 24.90
CA HIS D 465 18.35 -33.15 25.49
C HIS D 465 18.74 -32.05 24.49
N LYS D 466 19.44 -32.41 23.43
CA LYS D 466 19.94 -31.48 22.42
C LYS D 466 18.98 -31.38 21.23
N VAL D 467 17.87 -32.07 21.28
CA VAL D 467 16.89 -32.07 20.21
C VAL D 467 15.90 -30.96 20.45
N PHE D 468 15.50 -30.31 19.36
CA PHE D 468 14.55 -29.21 19.34
C PHE D 468 13.41 -29.65 18.42
N GLU D 469 12.22 -29.87 18.98
CA GLU D 469 11.10 -30.31 18.17
C GLU D 469 10.60 -29.20 17.23
N GLY D 470 11.00 -27.95 17.44
CA GLY D 470 10.58 -26.91 16.51
C GLY D 470 9.07 -26.81 16.34
N ASN D 471 8.67 -26.40 15.14
CA ASN D 471 7.27 -26.21 14.76
C ASN D 471 6.54 -25.23 15.66
N ARG D 472 7.26 -24.21 16.14
CA ARG D 472 6.72 -23.22 17.06
C ARG D 472 6.45 -21.92 16.32
N PRO D 473 5.21 -21.48 16.22
CA PRO D 473 4.88 -20.39 15.30
C PRO D 473 5.19 -19.01 15.85
N THR D 474 5.52 -18.11 14.91
CA THR D 474 5.87 -16.74 15.26
C THR D 474 5.38 -15.83 14.13
N ASN D 475 5.10 -14.57 14.50
CA ASN D 475 5.00 -13.44 13.59
C ASN D 475 6.27 -12.63 13.70
N SER D 476 6.74 -12.11 12.57
CA SER D 476 7.84 -11.16 12.54
C SER D 476 7.32 -9.85 11.97
N ILE D 477 7.43 -8.78 12.75
CA ILE D 477 6.95 -7.47 12.36
C ILE D 477 8.17 -6.58 12.31
N VAL D 478 8.53 -6.13 11.11
CA VAL D 478 9.74 -5.37 10.86
C VAL D 478 9.35 -4.03 10.27
N PHE D 479 9.96 -2.96 10.76
CA PHE D 479 9.58 -1.62 10.32
C PHE D 479 10.86 -0.79 10.16
N THR D 480 10.75 0.24 9.35
CA THR D 480 11.97 0.91 8.89
C THR D 480 12.72 1.53 10.05
N LYS D 481 11.99 2.24 10.92
CA LYS D 481 12.55 2.95 12.06
C LYS D 481 11.45 3.21 13.06
N LEU D 482 11.81 3.20 14.35
CA LEU D 482 10.85 3.48 15.40
C LEU D 482 10.81 4.98 15.68
N THR D 483 10.12 5.66 14.78
CA THR D 483 9.77 7.07 14.86
C THR D 483 8.46 7.25 15.59
N PRO D 484 8.13 8.48 15.97
CA PRO D 484 6.82 8.73 16.56
C PRO D 484 5.68 8.28 15.66
N PHE D 485 5.79 8.51 14.35
CA PHE D 485 4.75 8.10 13.42
C PHE D 485 4.64 6.59 13.38
N MET D 486 5.75 5.92 13.32
CA MET D 486 5.67 4.48 13.23
C MET D 486 5.19 3.86 14.53
N LEU D 487 5.60 4.42 15.67
CA LEU D 487 5.05 3.89 16.93
C LEU D 487 3.53 3.98 16.92
N GLY D 488 3.01 5.10 16.41
CA GLY D 488 1.57 5.31 16.45
C GLY D 488 0.85 4.32 15.57
N ALA D 489 1.42 4.03 14.41
CA ALA D 489 0.87 3.03 13.51
C ALA D 489 0.92 1.64 14.13
N LEU D 490 2.02 1.30 14.81
CA LEU D 490 2.11 -0.03 15.42
C LEU D 490 1.09 -0.21 16.56
N VAL D 491 0.90 0.82 17.38
CA VAL D 491 -0.02 0.69 18.52
C VAL D 491 -1.44 0.58 18.01
N ALA D 492 -1.80 1.43 17.04
CA ALA D 492 -3.14 1.37 16.45
C ALA D 492 -3.40 0.02 15.81
N MET D 493 -2.39 -0.55 15.17
CA MET D 493 -2.53 -1.90 14.62
C MET D 493 -3.04 -2.87 15.68
N TYR D 494 -2.35 -2.92 16.82
CA TYR D 494 -2.73 -3.85 17.88
C TYR D 494 -4.06 -3.48 18.51
N GLU D 495 -4.36 -2.19 18.64
CA GLU D 495 -5.68 -1.80 19.12
C GLU D 495 -6.77 -2.43 18.24
N HIS D 496 -6.58 -2.43 16.93
CA HIS D 496 -7.63 -2.96 16.05
C HIS D 496 -7.59 -4.46 16.01
N LYS D 497 -6.41 -5.06 16.19
CA LYS D 497 -6.36 -6.49 16.40
C LYS D 497 -7.31 -6.87 17.53
N ILE D 498 -7.21 -6.15 18.64
CA ILE D 498 -7.98 -6.46 19.84
C ILE D 498 -9.47 -6.25 19.58
N PHE D 499 -9.82 -5.19 18.84
CA PHE D 499 -11.19 -4.94 18.44
C PHE D 499 -11.74 -6.10 17.63
N VAL D 500 -10.96 -6.59 16.69
CA VAL D 500 -11.47 -7.63 15.81
C VAL D 500 -11.71 -8.91 16.59
N GLN D 501 -10.80 -9.28 17.51
CA GLN D 501 -11.01 -10.47 18.32
C GLN D 501 -12.26 -10.33 19.19
N GLY D 502 -12.49 -9.15 19.75
CA GLY D 502 -13.66 -8.99 20.60
C GLY D 502 -14.95 -9.20 19.81
N ILE D 503 -15.01 -8.63 18.61
CA ILE D 503 -16.17 -8.81 17.74
C ILE D 503 -16.39 -10.29 17.47
N ILE D 504 -15.33 -11.01 17.09
CA ILE D 504 -15.49 -12.43 16.79
C ILE D 504 -16.03 -13.18 18.00
N TRP D 505 -15.51 -12.90 19.19
CA TRP D 505 -15.97 -13.57 20.39
C TRP D 505 -17.32 -13.08 20.88
N ASP D 506 -17.85 -11.99 20.29
CA ASP D 506 -19.12 -11.37 20.69
C ASP D 506 -19.08 -10.78 22.10
N ILE D 507 -17.92 -10.30 22.55
CA ILE D 507 -17.81 -9.65 23.85
C ILE D 507 -17.63 -8.13 23.68
N ASN D 508 -17.69 -7.42 24.80
CA ASN D 508 -17.54 -5.97 24.80
C ASN D 508 -16.09 -5.67 25.12
N SER D 509 -15.33 -5.20 24.13
CA SER D 509 -13.91 -4.93 24.35
C SER D 509 -13.68 -3.65 25.12
N PHE D 510 -14.74 -2.91 25.43
CA PHE D 510 -14.58 -1.52 25.83
C PHE D 510 -15.08 -1.18 27.22
N ASP D 511 -15.56 -2.16 27.97
CA ASP D 511 -15.95 -1.98 29.37
C ASP D 511 -14.93 -2.69 30.26
N GLN D 512 -15.13 -2.60 31.56
CA GLN D 512 -14.26 -3.28 32.51
C GLN D 512 -14.97 -3.49 33.85
N TRP D 513 -16.10 -4.17 33.81
CA TRP D 513 -16.84 -4.41 35.03
C TRP D 513 -16.08 -5.29 36.02
N GLY D 514 -15.08 -6.04 35.56
CA GLY D 514 -14.31 -6.93 36.39
C GLY D 514 -13.47 -6.26 37.45
N VAL D 515 -13.34 -4.93 37.45
CA VAL D 515 -12.53 -4.31 38.48
C VAL D 515 -13.31 -3.87 39.71
N GLU D 516 -14.65 -3.99 39.69
CA GLU D 516 -15.47 -3.36 40.71
C GLU D 516 -15.41 -4.09 42.05
N LEU D 517 -15.34 -5.42 42.03
CA LEU D 517 -15.51 -6.15 43.29
C LEU D 517 -14.31 -5.93 44.20
N GLY D 518 -13.12 -5.97 43.64
CA GLY D 518 -11.93 -5.72 44.44
C GLY D 518 -11.96 -4.34 45.07
N LYS D 519 -12.47 -3.33 44.34
CA LYS D 519 -12.57 -1.99 44.91
C LYS D 519 -13.56 -1.98 46.07
N GLN D 520 -14.70 -2.62 45.87
CA GLN D 520 -15.72 -2.64 46.92
C GLN D 520 -15.17 -3.30 48.19
N LEU D 521 -14.48 -4.43 48.05
CA LEU D 521 -14.02 -5.14 49.21
C LEU D 521 -12.89 -4.40 49.91
N ALA D 522 -12.03 -3.70 49.15
CA ALA D 522 -10.95 -2.93 49.76
C ALA D 522 -11.50 -1.78 50.58
N LYS D 523 -12.57 -1.15 50.11
CA LYS D 523 -13.19 -0.08 50.88
C LYS D 523 -13.73 -0.60 52.22
N LYS D 524 -14.21 -1.86 52.25
CA LYS D 524 -14.74 -2.40 53.51
C LYS D 524 -13.63 -2.74 54.49
N ILE D 525 -12.48 -3.21 53.96
CA ILE D 525 -11.36 -3.62 54.79
C ILE D 525 -10.63 -2.42 55.38
N GLU D 526 -10.52 -1.32 54.63
CA GLU D 526 -9.69 -0.19 55.08
C GLU D 526 -9.92 0.22 56.52
N PRO D 527 -11.15 0.50 56.98
CA PRO D 527 -11.32 0.94 58.38
C PRO D 527 -11.12 -0.16 59.40
N GLU D 528 -11.16 -1.43 58.99
CA GLU D 528 -10.87 -2.53 59.87
C GLU D 528 -9.39 -2.66 60.21
N LEU D 529 -8.49 -2.05 59.43
CA LEU D 529 -7.07 -2.21 59.69
C LEU D 529 -6.59 -1.32 60.83
N ASP D 530 -7.35 -0.27 61.16
CA ASP D 530 -6.84 0.81 62.00
C ASP D 530 -6.46 0.33 63.39
N GLY D 531 -7.41 -0.22 64.14
CA GLY D 531 -7.14 -0.49 65.54
C GLY D 531 -6.24 -1.70 65.73
N SER D 532 -6.19 -2.17 66.99
CA SER D 532 -5.52 -3.42 67.31
C SER D 532 -6.49 -4.58 67.51
N ALA D 533 -7.80 -4.33 67.49
CA ALA D 533 -8.80 -5.37 67.62
C ALA D 533 -8.65 -6.43 66.52
N GLN D 534 -8.72 -7.70 66.90
CA GLN D 534 -8.80 -8.73 65.89
C GLN D 534 -10.07 -8.55 65.06
N VAL D 535 -10.02 -9.06 63.83
CA VAL D 535 -11.11 -8.95 62.87
C VAL D 535 -11.69 -10.34 62.65
N THR D 536 -13.03 -10.44 62.65
CA THR D 536 -13.70 -11.72 62.48
C THR D 536 -14.79 -11.65 61.40
N SER D 537 -14.84 -10.59 60.62
CA SER D 537 -16.01 -10.32 59.79
C SER D 537 -15.93 -10.93 58.39
N HIS D 538 -14.83 -11.59 58.03
CA HIS D 538 -14.58 -12.12 56.69
C HIS D 538 -14.46 -13.63 56.77
N ASP D 539 -14.15 -14.27 55.64
CA ASP D 539 -13.65 -15.64 55.67
C ASP D 539 -12.43 -15.78 56.60
N ALA D 540 -12.08 -17.03 56.97
CA ALA D 540 -11.02 -17.25 57.96
C ALA D 540 -9.63 -16.88 57.43
N SER D 541 -9.41 -16.87 56.10
CA SER D 541 -8.11 -16.46 55.56
C SER D 541 -7.94 -14.95 55.62
N THR D 542 -8.93 -14.22 55.12
CA THR D 542 -8.89 -12.76 55.21
C THR D 542 -8.73 -12.30 56.67
N ASN D 543 -9.58 -12.80 57.58
CA ASN D 543 -9.39 -12.51 59.01
C ASN D 543 -7.98 -12.83 59.46
N GLY D 544 -7.48 -14.02 59.12
CA GLY D 544 -6.18 -14.43 59.61
C GLY D 544 -5.04 -13.58 59.08
N LEU D 545 -5.11 -13.22 57.80
CA LEU D 545 -4.16 -12.28 57.24
C LEU D 545 -4.23 -10.94 57.96
N ILE D 546 -5.42 -10.41 58.14
CA ILE D 546 -5.55 -9.14 58.85
C ILE D 546 -4.93 -9.24 60.24
N ASN D 547 -5.16 -10.35 60.94
CA ASN D 547 -4.69 -10.39 62.33
C ASN D 547 -3.17 -10.55 62.38
N PHE D 548 -2.59 -11.31 61.45
CA PHE D 548 -1.14 -11.36 61.32
C PHE D 548 -0.56 -9.99 61.00
N ILE D 549 -1.20 -9.25 60.10
CA ILE D 549 -0.78 -7.88 59.82
C ILE D 549 -0.80 -7.04 61.08
N LYS D 550 -1.89 -7.11 61.85
CA LYS D 550 -1.93 -6.31 63.08
C LYS D 550 -0.84 -6.74 64.08
N GLN D 551 -0.57 -8.04 64.19
CA GLN D 551 0.47 -8.49 65.12
C GLN D 551 1.83 -7.95 64.72
N GLN D 552 2.11 -7.89 63.42
CA GLN D 552 3.45 -7.62 62.91
C GLN D 552 3.71 -6.16 62.61
N ARG D 553 2.68 -5.33 62.77
CA ARG D 553 2.77 -3.90 62.54
C ARG D 553 3.86 -3.26 63.40
N GLU D 554 4.09 -3.83 64.59
CA GLU D 554 4.98 -3.25 65.58
C GLU D 554 6.05 -4.25 66.03
N ALA D 555 6.20 -5.38 65.33
CA ALA D 555 7.31 -6.29 65.59
C ALA D 555 8.62 -5.58 65.24
#